data_6EEY
# 
_entry.id   6EEY 
# 
_audit_conform.dict_name       mmcif_pdbx.dic 
_audit_conform.dict_version    5.379 
_audit_conform.dict_location   http://mmcif.pdb.org/dictionaries/ascii/mmcif_pdbx.dic 
# 
loop_
_database_2.database_id 
_database_2.database_code 
_database_2.pdbx_database_accession 
_database_2.pdbx_DOI 
PDB   6EEY         pdb_00006eey 10.2210/pdb6eey/pdb 
WWPDB D_1000236196 ?            ?                   
# 
_pdbx_database_status.status_code                     REL 
_pdbx_database_status.status_code_sf                  REL 
_pdbx_database_status.status_code_mr                  ? 
_pdbx_database_status.entry_id                        6EEY 
_pdbx_database_status.recvd_initial_deposition_date   2018-08-15 
_pdbx_database_status.SG_entry                        N 
_pdbx_database_status.deposit_site                    RCSB 
_pdbx_database_status.process_site                    RCSB 
_pdbx_database_status.status_code_cs                  ? 
_pdbx_database_status.methods_development_category    ? 
_pdbx_database_status.pdb_format_compatible           Y 
_pdbx_database_status.status_code_nmr_data            ? 
# 
loop_
_audit_author.name 
_audit_author.pdbx_ordinal 
_audit_author.identifier_ORCID 
'Janezic, E.M.' 1 ? 
'Hsu, P.'       2 ? 
'Hague, C.'     3 ? 
# 
_citation.abstract                  ? 
_citation.abstract_id_CAS           ? 
_citation.book_id_ISBN              ? 
_citation.book_publisher            ? 
_citation.book_publisher_city       ? 
_citation.book_title                ? 
_citation.coordinate_linkage        ? 
_citation.country                   UK 
_citation.database_id_Medline       ? 
_citation.details                   ? 
_citation.id                        primary 
_citation.journal_abbrev            'Sci Rep' 
_citation.journal_id_ASTM           ? 
_citation.journal_id_CSD            ? 
_citation.journal_id_ISSN           2045-2322 
_citation.journal_full              ? 
_citation.journal_issue             ? 
_citation.journal_volume            9 
_citation.language                  ? 
_citation.page_first                14073 
_citation.page_last                 14073 
_citation.title                     'Scribble co-operatively binds multiple alpha1D-adrenergic receptor C-terminal PDZ ligands.' 
_citation.year                      2019 
_citation.database_id_CSD           ? 
_citation.pdbx_database_id_DOI      10.1038/s41598-019-50671-6 
_citation.pdbx_database_id_PubMed   31575922 
_citation.unpublished_flag          ? 
# 
loop_
_citation_author.citation_id 
_citation_author.name 
_citation_author.ordinal 
_citation_author.identifier_ORCID 
primary 'Janezic, E.M.' 1 0000-0002-3177-889X 
primary 'Harris, D.A.'  2 ?                   
primary 'Dinh, D.'      3 ?                   
primary 'Lee, K.S.'     4 ?                   
primary 'Stewart, A.'   5 ?                   
primary 'Hinds, T.R.'   6 ?                   
primary 'Hsu, P.L.'     7 ?                   
primary 'Zheng, N.'     8 0000-0002-1039-1581 
primary 'Hague, C.'     9 ?                   
# 
_cell.angle_alpha                  90.000 
_cell.angle_alpha_esd              ? 
_cell.angle_beta                   97.850 
_cell.angle_beta_esd               ? 
_cell.angle_gamma                  90.000 
_cell.angle_gamma_esd              ? 
_cell.entry_id                     6EEY 
_cell.details                      ? 
_cell.formula_units_Z              ? 
_cell.length_a                     27.286 
_cell.length_a_esd                 ? 
_cell.length_b                     40.235 
_cell.length_b_esd                 ? 
_cell.length_c                     32.260 
_cell.length_c_esd                 ? 
_cell.volume                       ? 
_cell.volume_esd                   ? 
_cell.Z_PDB                        2 
_cell.reciprocal_angle_alpha       ? 
_cell.reciprocal_angle_beta        ? 
_cell.reciprocal_angle_gamma       ? 
_cell.reciprocal_angle_alpha_esd   ? 
_cell.reciprocal_angle_beta_esd    ? 
_cell.reciprocal_angle_gamma_esd   ? 
_cell.reciprocal_length_a          ? 
_cell.reciprocal_length_b          ? 
_cell.reciprocal_length_c          ? 
_cell.reciprocal_length_a_esd      ? 
_cell.reciprocal_length_b_esd      ? 
_cell.reciprocal_length_c_esd      ? 
_cell.pdbx_unique_axis             ? 
# 
_symmetry.entry_id                         6EEY 
_symmetry.cell_setting                     ? 
_symmetry.Int_Tables_number                4 
_symmetry.space_group_name_Hall            ? 
_symmetry.space_group_name_H-M             'P 1 21 1' 
_symmetry.pdbx_full_space_group_name_H-M   ? 
# 
loop_
_entity.id 
_entity.type 
_entity.src_method 
_entity.pdbx_description 
_entity.formula_weight 
_entity.pdbx_number_of_molecules 
_entity.pdbx_ec 
_entity.pdbx_mutation 
_entity.pdbx_fragment 
_entity.details 
1 polymer man 'Protein scribble homolog' 9979.455 1   ? R1110G 'PDZ 4 domain residues 1098-1189' ? 
2 water   nat water                      18.015   131 ? ?      ?                                 ? 
# 
_entity_name_com.entity_id   1 
_entity_name_com.name        'hScrib,Protein LAP4' 
# 
_entity_poly.entity_id                      1 
_entity_poly.type                           'polypeptide(L)' 
_entity_poly.nstd_linkage                   no 
_entity_poly.nstd_monomer                   no 
_entity_poly.pdbx_seq_one_letter_code       
;SHMLRELCIQKAPGEGLGISIRGGARGHAGNPRDPTDEGIFISKVSPTGAAGRDGRLRVGLRLLEVNQQSLLGLTHGEAV
QLLRSVGDTLTVLVC
;
_entity_poly.pdbx_seq_one_letter_code_can   
;SHMLRELCIQKAPGEGLGISIRGGARGHAGNPRDPTDEGIFISKVSPTGAAGRDGRLRVGLRLLEVNQQSLLGLTHGEAV
QLLRSVGDTLTVLVC
;
_entity_poly.pdbx_strand_id                 A 
_entity_poly.pdbx_target_identifier         ? 
# 
loop_
_entity_poly_seq.entity_id 
_entity_poly_seq.num 
_entity_poly_seq.mon_id 
_entity_poly_seq.hetero 
1 1  SER n 
1 2  HIS n 
1 3  MET n 
1 4  LEU n 
1 5  ARG n 
1 6  GLU n 
1 7  LEU n 
1 8  CYS n 
1 9  ILE n 
1 10 GLN n 
1 11 LYS n 
1 12 ALA n 
1 13 PRO n 
1 14 GLY n 
1 15 GLU n 
1 16 GLY n 
1 17 LEU n 
1 18 GLY n 
1 19 ILE n 
1 20 SER n 
1 21 ILE n 
1 22 ARG n 
1 23 GLY n 
1 24 GLY n 
1 25 ALA n 
1 26 ARG n 
1 27 GLY n 
1 28 HIS n 
1 29 ALA n 
1 30 GLY n 
1 31 ASN n 
1 32 PRO n 
1 33 ARG n 
1 34 ASP n 
1 35 PRO n 
1 36 THR n 
1 37 ASP n 
1 38 GLU n 
1 39 GLY n 
1 40 ILE n 
1 41 PHE n 
1 42 ILE n 
1 43 SER n 
1 44 LYS n 
1 45 VAL n 
1 46 SER n 
1 47 PRO n 
1 48 THR n 
1 49 GLY n 
1 50 ALA n 
1 51 ALA n 
1 52 GLY n 
1 53 ARG n 
1 54 ASP n 
1 55 GLY n 
1 56 ARG n 
1 57 LEU n 
1 58 ARG n 
1 59 VAL n 
1 60 GLY n 
1 61 LEU n 
1 62 ARG n 
1 63 LEU n 
1 64 LEU n 
1 65 GLU n 
1 66 VAL n 
1 67 ASN n 
1 68 GLN n 
1 69 GLN n 
1 70 SER n 
1 71 LEU n 
1 72 LEU n 
1 73 GLY n 
1 74 LEU n 
1 75 THR n 
1 76 HIS n 
1 77 GLY n 
1 78 GLU n 
1 79 ALA n 
1 80 VAL n 
1 81 GLN n 
1 82 LEU n 
1 83 LEU n 
1 84 ARG n 
1 85 SER n 
1 86 VAL n 
1 87 GLY n 
1 88 ASP n 
1 89 THR n 
1 90 LEU n 
1 91 THR n 
1 92 VAL n 
1 93 LEU n 
1 94 VAL n 
1 95 CYS n 
# 
_entity_src_gen.entity_id                          1 
_entity_src_gen.pdbx_src_id                        1 
_entity_src_gen.pdbx_alt_source_flag               sample 
_entity_src_gen.pdbx_seq_type                      'Biological sequence' 
_entity_src_gen.pdbx_beg_seq_num                   1 
_entity_src_gen.pdbx_end_seq_num                   95 
_entity_src_gen.gene_src_common_name               Human 
_entity_src_gen.gene_src_genus                     ? 
_entity_src_gen.pdbx_gene_src_gene                 'SCRIB, CRIB1, KIAA0147, LAP4, SCRB1, VARTUL' 
_entity_src_gen.gene_src_species                   ? 
_entity_src_gen.gene_src_strain                    ? 
_entity_src_gen.gene_src_tissue                    ? 
_entity_src_gen.gene_src_tissue_fraction           ? 
_entity_src_gen.gene_src_details                   ? 
_entity_src_gen.pdbx_gene_src_fragment             ? 
_entity_src_gen.pdbx_gene_src_scientific_name      'Homo sapiens' 
_entity_src_gen.pdbx_gene_src_ncbi_taxonomy_id     9606 
_entity_src_gen.pdbx_gene_src_variant              ? 
_entity_src_gen.pdbx_gene_src_cell_line            ? 
_entity_src_gen.pdbx_gene_src_atcc                 ? 
_entity_src_gen.pdbx_gene_src_organ                ? 
_entity_src_gen.pdbx_gene_src_organelle            ? 
_entity_src_gen.pdbx_gene_src_cell                 ? 
_entity_src_gen.pdbx_gene_src_cellular_location    ? 
_entity_src_gen.host_org_common_name               ? 
_entity_src_gen.pdbx_host_org_scientific_name      'Escherichia coli BL21(DE3)' 
_entity_src_gen.pdbx_host_org_ncbi_taxonomy_id     469008 
_entity_src_gen.host_org_genus                     ? 
_entity_src_gen.pdbx_host_org_gene                 ? 
_entity_src_gen.pdbx_host_org_organ                ? 
_entity_src_gen.host_org_species                   ? 
_entity_src_gen.pdbx_host_org_tissue               ? 
_entity_src_gen.pdbx_host_org_tissue_fraction      ? 
_entity_src_gen.pdbx_host_org_strain               ? 
_entity_src_gen.pdbx_host_org_variant              ? 
_entity_src_gen.pdbx_host_org_cell_line            ? 
_entity_src_gen.pdbx_host_org_atcc                 ? 
_entity_src_gen.pdbx_host_org_culture_collection   ? 
_entity_src_gen.pdbx_host_org_cell                 ? 
_entity_src_gen.pdbx_host_org_organelle            ? 
_entity_src_gen.pdbx_host_org_cellular_location    ? 
_entity_src_gen.pdbx_host_org_vector_type          ? 
_entity_src_gen.pdbx_host_org_vector               ? 
_entity_src_gen.host_org_details                   ? 
_entity_src_gen.expression_system_id               ? 
_entity_src_gen.plasmid_name                       ? 
_entity_src_gen.plasmid_details                    ? 
_entity_src_gen.pdbx_description                   ? 
# 
_struct_ref.id                         1 
_struct_ref.db_name                    UNP 
_struct_ref.db_code                    SCRIB_HUMAN 
_struct_ref.pdbx_db_accession          Q14160 
_struct_ref.pdbx_db_isoform            ? 
_struct_ref.entity_id                  1 
_struct_ref.pdbx_seq_one_letter_code   
;LRELCIQKAPGERLGISIRGGARGHAGNPRDPTDEGIFISKVSPTGAAGRDGRLRVGLRLLEVNQQSLLGLTHGEAVQLL
RSVGDTLTVLVC
;
_struct_ref.pdbx_align_begin           1098 
# 
_struct_ref_seq.align_id                      1 
_struct_ref_seq.ref_id                        1 
_struct_ref_seq.pdbx_PDB_id_code              6EEY 
_struct_ref_seq.pdbx_strand_id                A 
_struct_ref_seq.seq_align_beg                 4 
_struct_ref_seq.pdbx_seq_align_beg_ins_code   ? 
_struct_ref_seq.seq_align_end                 95 
_struct_ref_seq.pdbx_seq_align_end_ins_code   ? 
_struct_ref_seq.pdbx_db_accession             Q14160 
_struct_ref_seq.db_align_beg                  1098 
_struct_ref_seq.pdbx_db_align_beg_ins_code    ? 
_struct_ref_seq.db_align_end                  1189 
_struct_ref_seq.pdbx_db_align_end_ins_code    ? 
_struct_ref_seq.pdbx_auth_seq_align_beg       1098 
_struct_ref_seq.pdbx_auth_seq_align_end       1189 
# 
loop_
_struct_ref_seq_dif.align_id 
_struct_ref_seq_dif.pdbx_pdb_id_code 
_struct_ref_seq_dif.mon_id 
_struct_ref_seq_dif.pdbx_pdb_strand_id 
_struct_ref_seq_dif.seq_num 
_struct_ref_seq_dif.pdbx_pdb_ins_code 
_struct_ref_seq_dif.pdbx_seq_db_name 
_struct_ref_seq_dif.pdbx_seq_db_accession_code 
_struct_ref_seq_dif.db_mon_id 
_struct_ref_seq_dif.pdbx_seq_db_seq_num 
_struct_ref_seq_dif.details 
_struct_ref_seq_dif.pdbx_auth_seq_num 
_struct_ref_seq_dif.pdbx_ordinal 
1 6EEY SER A 1  ? UNP Q14160 ?   ?    'expression tag'      -2   1 
1 6EEY HIS A 2  ? UNP Q14160 ?   ?    'expression tag'      -1   2 
1 6EEY MET A 3  ? UNP Q14160 ?   ?    'expression tag'      0    3 
1 6EEY GLY A 16 ? UNP Q14160 ARG 1110 'engineered mutation' 1110 4 
# 
loop_
_chem_comp.id 
_chem_comp.type 
_chem_comp.mon_nstd_flag 
_chem_comp.name 
_chem_comp.pdbx_synonyms 
_chem_comp.formula 
_chem_comp.formula_weight 
ALA 'L-peptide linking' y ALANINE         ? 'C3 H7 N O2'     89.093  
ARG 'L-peptide linking' y ARGININE        ? 'C6 H15 N4 O2 1' 175.209 
ASN 'L-peptide linking' y ASPARAGINE      ? 'C4 H8 N2 O3'    132.118 
ASP 'L-peptide linking' y 'ASPARTIC ACID' ? 'C4 H7 N O4'     133.103 
CYS 'L-peptide linking' y CYSTEINE        ? 'C3 H7 N O2 S'   121.158 
GLN 'L-peptide linking' y GLUTAMINE       ? 'C5 H10 N2 O3'   146.144 
GLU 'L-peptide linking' y 'GLUTAMIC ACID' ? 'C5 H9 N O4'     147.129 
GLY 'peptide linking'   y GLYCINE         ? 'C2 H5 N O2'     75.067  
HIS 'L-peptide linking' y HISTIDINE       ? 'C6 H10 N3 O2 1' 156.162 
HOH non-polymer         . WATER           ? 'H2 O'           18.015  
ILE 'L-peptide linking' y ISOLEUCINE      ? 'C6 H13 N O2'    131.173 
LEU 'L-peptide linking' y LEUCINE         ? 'C6 H13 N O2'    131.173 
LYS 'L-peptide linking' y LYSINE          ? 'C6 H15 N2 O2 1' 147.195 
MET 'L-peptide linking' y METHIONINE      ? 'C5 H11 N O2 S'  149.211 
PHE 'L-peptide linking' y PHENYLALANINE   ? 'C9 H11 N O2'    165.189 
PRO 'L-peptide linking' y PROLINE         ? 'C5 H9 N O2'     115.130 
SER 'L-peptide linking' y SERINE          ? 'C3 H7 N O3'     105.093 
THR 'L-peptide linking' y THREONINE       ? 'C4 H9 N O3'     119.119 
VAL 'L-peptide linking' y VALINE          ? 'C5 H11 N O2'    117.146 
# 
_exptl.absorpt_coefficient_mu     ? 
_exptl.absorpt_correction_T_max   ? 
_exptl.absorpt_correction_T_min   ? 
_exptl.absorpt_correction_type    ? 
_exptl.absorpt_process_details    ? 
_exptl.entry_id                   6EEY 
_exptl.crystals_number            1 
_exptl.details                    ? 
_exptl.method                     'X-RAY DIFFRACTION' 
_exptl.method_details             ? 
# 
_exptl_crystal.colour                      ? 
_exptl_crystal.density_diffrn              ? 
_exptl_crystal.density_Matthews            1.77 
_exptl_crystal.density_method              ? 
_exptl_crystal.density_percent_sol         30.64 
_exptl_crystal.description                 ? 
_exptl_crystal.F_000                       ? 
_exptl_crystal.id                          1 
_exptl_crystal.preparation                 ? 
_exptl_crystal.size_max                    ? 
_exptl_crystal.size_mid                    ? 
_exptl_crystal.size_min                    ? 
_exptl_crystal.size_rad                    ? 
_exptl_crystal.colour_lustre               ? 
_exptl_crystal.colour_modifier             ? 
_exptl_crystal.colour_primary              ? 
_exptl_crystal.density_meas                ? 
_exptl_crystal.density_meas_esd            ? 
_exptl_crystal.density_meas_gt             ? 
_exptl_crystal.density_meas_lt             ? 
_exptl_crystal.density_meas_temp           ? 
_exptl_crystal.density_meas_temp_esd       ? 
_exptl_crystal.density_meas_temp_gt        ? 
_exptl_crystal.density_meas_temp_lt        ? 
_exptl_crystal.pdbx_crystal_image_url      ? 
_exptl_crystal.pdbx_crystal_image_format   ? 
_exptl_crystal.pdbx_mosaicity              ? 
_exptl_crystal.pdbx_mosaicity_esd          ? 
# 
_exptl_crystal_grow.apparatus       ? 
_exptl_crystal_grow.atmosphere      ? 
_exptl_crystal_grow.crystal_id      1 
_exptl_crystal_grow.details         ? 
_exptl_crystal_grow.method          'VAPOR DIFFUSION, HANGING DROP' 
_exptl_crystal_grow.method_ref      ? 
_exptl_crystal_grow.pH              ? 
_exptl_crystal_grow.pressure        ? 
_exptl_crystal_grow.pressure_esd    ? 
_exptl_crystal_grow.seeding         ? 
_exptl_crystal_grow.seeding_ref     ? 
_exptl_crystal_grow.temp            277 
_exptl_crystal_grow.temp_details    ? 
_exptl_crystal_grow.temp_esd        ? 
_exptl_crystal_grow.time            ? 
_exptl_crystal_grow.pdbx_details    '21% PEG 3350, 0.25 M Ammonium Nitrate' 
_exptl_crystal_grow.pdbx_pH_range   ? 
# 
_diffrn.ambient_environment              ? 
_diffrn.ambient_temp                     100 
_diffrn.ambient_temp_details             ? 
_diffrn.ambient_temp_esd                 ? 
_diffrn.crystal_id                       1 
_diffrn.crystal_support                  ? 
_diffrn.crystal_treatment                ? 
_diffrn.details                          ? 
_diffrn.id                               1 
_diffrn.ambient_pressure                 ? 
_diffrn.ambient_pressure_esd             ? 
_diffrn.ambient_pressure_gt              ? 
_diffrn.ambient_pressure_lt              ? 
_diffrn.ambient_temp_gt                  ? 
_diffrn.ambient_temp_lt                  ? 
_diffrn.pdbx_serial_crystal_experiment   ? 
# 
_diffrn_detector.details                      ? 
_diffrn_detector.detector                     CCD 
_diffrn_detector.diffrn_id                    1 
_diffrn_detector.type                         'MARMOSAIC 325 mm CCD' 
_diffrn_detector.area_resol_mean              ? 
_diffrn_detector.dtime                        ? 
_diffrn_detector.pdbx_frames_total            ? 
_diffrn_detector.pdbx_collection_time_total   ? 
_diffrn_detector.pdbx_collection_date         2018-06-22 
_diffrn_detector.pdbx_frequency               ? 
# 
_diffrn_radiation.collimation                      ? 
_diffrn_radiation.diffrn_id                        1 
_diffrn_radiation.filter_edge                      ? 
_diffrn_radiation.inhomogeneity                    ? 
_diffrn_radiation.monochromator                    ? 
_diffrn_radiation.polarisn_norm                    ? 
_diffrn_radiation.polarisn_ratio                   ? 
_diffrn_radiation.probe                            ? 
_diffrn_radiation.type                             ? 
_diffrn_radiation.xray_symbol                      ? 
_diffrn_radiation.wavelength_id                    1 
_diffrn_radiation.pdbx_monochromatic_or_laue_m_l   M 
_diffrn_radiation.pdbx_wavelength_list             ? 
_diffrn_radiation.pdbx_wavelength                  ? 
_diffrn_radiation.pdbx_diffrn_protocol             'SINGLE WAVELENGTH' 
_diffrn_radiation.pdbx_analyzer                    ? 
_diffrn_radiation.pdbx_scattering_type             x-ray 
# 
_diffrn_radiation_wavelength.id           1 
_diffrn_radiation_wavelength.wavelength   1.00004 
_diffrn_radiation_wavelength.wt           1.0 
# 
_diffrn_source.current                     ? 
_diffrn_source.details                     ? 
_diffrn_source.diffrn_id                   1 
_diffrn_source.power                       ? 
_diffrn_source.size                        ? 
_diffrn_source.source                      SYNCHROTRON 
_diffrn_source.target                      ? 
_diffrn_source.type                        'ALS BEAMLINE 8.2.1' 
_diffrn_source.voltage                     ? 
_diffrn_source.take-off_angle              ? 
_diffrn_source.pdbx_wavelength_list        1.00004 
_diffrn_source.pdbx_wavelength             ? 
_diffrn_source.pdbx_synchrotron_beamline   8.2.1 
_diffrn_source.pdbx_synchrotron_site       ALS 
# 
_reflns.B_iso_Wilson_estimate            6.270 
_reflns.entry_id                         6EEY 
_reflns.data_reduction_details           ? 
_reflns.data_reduction_method            ? 
_reflns.d_resolution_high                1.140 
_reflns.d_resolution_low                 40.230 
_reflns.details                          ? 
_reflns.limit_h_max                      ? 
_reflns.limit_h_min                      ? 
_reflns.limit_k_max                      ? 
_reflns.limit_k_min                      ? 
_reflns.limit_l_max                      ? 
_reflns.limit_l_min                      ? 
_reflns.number_all                       ? 
_reflns.number_obs                       20632 
_reflns.observed_criterion               ? 
_reflns.observed_criterion_F_max         ? 
_reflns.observed_criterion_F_min         ? 
_reflns.observed_criterion_I_max         ? 
_reflns.observed_criterion_I_min         ? 
_reflns.observed_criterion_sigma_F       ? 
_reflns.observed_criterion_sigma_I       ? 
_reflns.percent_possible_obs             82.300 
_reflns.R_free_details                   ? 
_reflns.Rmerge_F_all                     ? 
_reflns.Rmerge_F_obs                     ? 
_reflns.Friedel_coverage                 ? 
_reflns.number_gt                        ? 
_reflns.threshold_expression             ? 
_reflns.pdbx_redundancy                  4.400 
_reflns.pdbx_Rmerge_I_obs                0.067 
_reflns.pdbx_Rmerge_I_all                ? 
_reflns.pdbx_Rsym_value                  ? 
_reflns.pdbx_netI_over_av_sigmaI         ? 
_reflns.pdbx_netI_over_sigmaI            12.800 
_reflns.pdbx_res_netI_over_av_sigmaI_2   ? 
_reflns.pdbx_res_netI_over_sigmaI_2      ? 
_reflns.pdbx_chi_squared                 ? 
_reflns.pdbx_scaling_rejects             145 
_reflns.pdbx_d_res_high_opt              ? 
_reflns.pdbx_d_res_low_opt               ? 
_reflns.pdbx_d_res_opt_method            ? 
_reflns.phase_calculation_details        ? 
_reflns.pdbx_Rrim_I_all                  0.075 
_reflns.pdbx_Rpim_I_all                  0.033 
_reflns.pdbx_d_opt                       ? 
_reflns.pdbx_number_measured_all         90869 
_reflns.pdbx_diffrn_id                   1 
_reflns.pdbx_ordinal                     1 
_reflns.pdbx_CC_half                     0.997 
_reflns.pdbx_R_split                     ? 
# 
loop_
_reflns_shell.d_res_high 
_reflns_shell.d_res_low 
_reflns_shell.meanI_over_sigI_all 
_reflns_shell.meanI_over_sigI_obs 
_reflns_shell.number_measured_all 
_reflns_shell.number_measured_obs 
_reflns_shell.number_possible 
_reflns_shell.number_unique_all 
_reflns_shell.number_unique_obs 
_reflns_shell.percent_possible_all 
_reflns_shell.percent_possible_obs 
_reflns_shell.Rmerge_F_all 
_reflns_shell.Rmerge_F_obs 
_reflns_shell.Rmerge_I_all 
_reflns_shell.Rmerge_I_obs 
_reflns_shell.meanI_over_sigI_gt 
_reflns_shell.meanI_over_uI_all 
_reflns_shell.meanI_over_uI_gt 
_reflns_shell.number_measured_gt 
_reflns_shell.number_unique_gt 
_reflns_shell.percent_possible_gt 
_reflns_shell.Rmerge_F_gt 
_reflns_shell.Rmerge_I_gt 
_reflns_shell.pdbx_redundancy 
_reflns_shell.pdbx_Rsym_value 
_reflns_shell.pdbx_chi_squared 
_reflns_shell.pdbx_netI_over_sigmaI_all 
_reflns_shell.pdbx_netI_over_sigmaI_obs 
_reflns_shell.pdbx_Rrim_I_all 
_reflns_shell.pdbx_Rpim_I_all 
_reflns_shell.pdbx_rejects 
_reflns_shell.pdbx_ordinal 
_reflns_shell.pdbx_diffrn_id 
_reflns_shell.pdbx_CC_half 
_reflns_shell.pdbx_R_split 
1.140 1.170  ? ? 34   ? ? ? 34  1.900  ? ? ? ? ?     ? ? ? ? ? ? ? ? 1.000 ? ? ? 3.300  ?     ?     ? 1 1 ?     ? 
5.120 40.230 ? ? 1246 ? ? ? 280 92.700 ? ? ? ? 0.054 ? ? ? ? ? ? ? ? 4.400 ? ? ? 18.900 0.061 0.028 ? 2 1 0.995 ? 
# 
_refine.aniso_B[1][1]                            ? 
_refine.aniso_B[1][2]                            ? 
_refine.aniso_B[1][3]                            ? 
_refine.aniso_B[2][2]                            ? 
_refine.aniso_B[2][3]                            ? 
_refine.aniso_B[3][3]                            ? 
_refine.B_iso_max                                37.700 
_refine.B_iso_mean                               9.0999 
_refine.B_iso_min                                2.650 
_refine.correlation_coeff_Fo_to_Fc               ? 
_refine.correlation_coeff_Fo_to_Fc_free          ? 
_refine.details                                  ? 
_refine.diff_density_max                         ? 
_refine.diff_density_max_esd                     ? 
_refine.diff_density_min                         ? 
_refine.diff_density_min_esd                     ? 
_refine.diff_density_rms                         ? 
_refine.diff_density_rms_esd                     ? 
_refine.entry_id                                 6EEY 
_refine.pdbx_refine_id                           'X-RAY DIFFRACTION' 
_refine.ls_abs_structure_details                 ? 
_refine.ls_abs_structure_Flack                   ? 
_refine.ls_abs_structure_Flack_esd               ? 
_refine.ls_abs_structure_Rogers                  ? 
_refine.ls_abs_structure_Rogers_esd              ? 
_refine.ls_d_res_high                            1.1450 
_refine.ls_d_res_low                             31.9580 
_refine.ls_extinction_coef                       ? 
_refine.ls_extinction_coef_esd                   ? 
_refine.ls_extinction_expression                 ? 
_refine.ls_extinction_method                     ? 
_refine.ls_goodness_of_fit_all                   ? 
_refine.ls_goodness_of_fit_all_esd               ? 
_refine.ls_goodness_of_fit_obs                   ? 
_refine.ls_goodness_of_fit_obs_esd               ? 
_refine.ls_hydrogen_treatment                    ? 
_refine.ls_matrix_type                           ? 
_refine.ls_number_constraints                    ? 
_refine.ls_number_parameters                     ? 
_refine.ls_number_reflns_all                     ? 
_refine.ls_number_reflns_obs                     20614 
_refine.ls_number_reflns_R_free                  2000 
_refine.ls_number_reflns_R_work                  18614 
_refine.ls_number_restraints                     ? 
_refine.ls_percent_reflns_obs                    82.4000 
_refine.ls_percent_reflns_R_free                 9.7000 
_refine.ls_R_factor_all                          ? 
_refine.ls_R_factor_obs                          0.1595 
_refine.ls_R_factor_R_free                       0.1818 
_refine.ls_R_factor_R_free_error                 ? 
_refine.ls_R_factor_R_free_error_details         ? 
_refine.ls_R_factor_R_work                       0.1571 
_refine.ls_R_Fsqd_factor_obs                     ? 
_refine.ls_R_I_factor_obs                        ? 
_refine.ls_redundancy_reflns_all                 ? 
_refine.ls_redundancy_reflns_obs                 ? 
_refine.ls_restrained_S_all                      ? 
_refine.ls_restrained_S_obs                      ? 
_refine.ls_shift_over_esd_max                    ? 
_refine.ls_shift_over_esd_mean                   ? 
_refine.ls_structure_factor_coef                 ? 
_refine.ls_weighting_details                     ? 
_refine.ls_weighting_scheme                      ? 
_refine.ls_wR_factor_all                         ? 
_refine.ls_wR_factor_obs                         ? 
_refine.ls_wR_factor_R_free                      ? 
_refine.ls_wR_factor_R_work                      ? 
_refine.occupancy_max                            ? 
_refine.occupancy_min                            ? 
_refine.solvent_model_details                    'FLAT BULK SOLVENT MODEL' 
_refine.solvent_model_param_bsol                 ? 
_refine.solvent_model_param_ksol                 ? 
_refine.ls_R_factor_gt                           ? 
_refine.ls_goodness_of_fit_gt                    ? 
_refine.ls_goodness_of_fit_ref                   ? 
_refine.ls_shift_over_su_max                     ? 
_refine.ls_shift_over_su_max_lt                  ? 
_refine.ls_shift_over_su_mean                    ? 
_refine.ls_shift_over_su_mean_lt                 ? 
_refine.pdbx_ls_sigma_I                          ? 
_refine.pdbx_ls_sigma_F                          1.520 
_refine.pdbx_ls_sigma_Fsqd                       ? 
_refine.pdbx_data_cutoff_high_absF               ? 
_refine.pdbx_data_cutoff_high_rms_absF           ? 
_refine.pdbx_data_cutoff_low_absF                ? 
_refine.pdbx_isotropic_thermal_model             ? 
_refine.pdbx_ls_cross_valid_method               THROUGHOUT 
_refine.pdbx_method_to_determine_struct          'MOLECULAR REPLACEMENT' 
_refine.pdbx_starting_model                      4WYT 
_refine.pdbx_stereochemistry_target_values       ML 
_refine.pdbx_R_Free_selection_details            ? 
_refine.pdbx_stereochem_target_val_spec_case     ? 
_refine.pdbx_overall_ESU_R                       ? 
_refine.pdbx_overall_ESU_R_Free                  ? 
_refine.pdbx_solvent_vdw_probe_radii             1.1100 
_refine.pdbx_solvent_ion_probe_radii             ? 
_refine.pdbx_solvent_shrinkage_radii             0.9000 
_refine.pdbx_real_space_R                        ? 
_refine.pdbx_density_correlation                 ? 
_refine.pdbx_pd_number_of_powder_patterns        ? 
_refine.pdbx_pd_number_of_points                 ? 
_refine.pdbx_pd_meas_number_of_points            ? 
_refine.pdbx_pd_proc_ls_prof_R_factor            ? 
_refine.pdbx_pd_proc_ls_prof_wR_factor           ? 
_refine.pdbx_pd_Marquardt_correlation_coeff      ? 
_refine.pdbx_pd_Fsqrd_R_factor                   ? 
_refine.pdbx_pd_ls_matrix_band_width             ? 
_refine.pdbx_overall_phase_error                 18.6500 
_refine.pdbx_overall_SU_R_free_Cruickshank_DPI   ? 
_refine.pdbx_overall_SU_R_free_Blow_DPI          ? 
_refine.pdbx_overall_SU_R_Blow_DPI               ? 
_refine.pdbx_TLS_residual_ADP_flag               ? 
_refine.pdbx_diffrn_id                           1 
_refine.overall_SU_B                             ? 
_refine.overall_SU_ML                            0.0800 
_refine.overall_SU_R_Cruickshank_DPI             ? 
_refine.overall_SU_R_free                        ? 
_refine.overall_FOM_free_R_set                   ? 
_refine.overall_FOM_work_R_set                   ? 
_refine.pdbx_average_fsc_overall                 ? 
_refine.pdbx_average_fsc_work                    ? 
_refine.pdbx_average_fsc_free                    ? 
# 
_refine_hist.cycle_id                         final 
_refine_hist.pdbx_refine_id                   'X-RAY DIFFRACTION' 
_refine_hist.d_res_high                       1.1450 
_refine_hist.d_res_low                        31.9580 
_refine_hist.pdbx_number_atoms_ligand         0 
_refine_hist.number_atoms_solvent             131 
_refine_hist.number_atoms_total               823 
_refine_hist.pdbx_number_residues_total       94 
_refine_hist.pdbx_B_iso_mean_solvent          16.20 
_refine_hist.pdbx_number_atoms_protein        692 
_refine_hist.pdbx_number_atoms_nucleic_acid   0 
# 
loop_
_refine_ls_shell.pdbx_refine_id 
_refine_ls_shell.d_res_high 
_refine_ls_shell.d_res_low 
_refine_ls_shell.number_reflns_all 
_refine_ls_shell.number_reflns_obs 
_refine_ls_shell.number_reflns_R_free 
_refine_ls_shell.number_reflns_R_work 
_refine_ls_shell.percent_reflns_obs 
_refine_ls_shell.percent_reflns_R_free 
_refine_ls_shell.R_factor_all 
_refine_ls_shell.R_factor_obs 
_refine_ls_shell.R_factor_R_free 
_refine_ls_shell.R_factor_R_free_error 
_refine_ls_shell.R_factor_R_work 
_refine_ls_shell.redundancy_reflns_all 
_refine_ls_shell.redundancy_reflns_obs 
_refine_ls_shell.wR_factor_all 
_refine_ls_shell.wR_factor_obs 
_refine_ls_shell.wR_factor_R_free 
_refine_ls_shell.wR_factor_R_work 
_refine_ls_shell.pdbx_total_number_of_bins_used 
_refine_ls_shell.pdbx_phase_error 
_refine_ls_shell.pdbx_fsc_work 
_refine_ls_shell.pdbx_fsc_free 
'X-RAY DIFFRACTION' 1.1446 1.1733  31   . 3   28   2.0000   . . . 0.0519 0.0000 0.1536 . . . . . . 14 . . . 
'X-RAY DIFFRACTION' 1.1733 1.2050  256  . 24  232  15.0000  . . . 0.2156 0.0000 0.1435 . . . . . . 14 . . . 
'X-RAY DIFFRACTION' 1.2050 1.2405  917  . 90  827  51.0000  . . . 0.2049 0.0000 0.1603 . . . . . . 14 . . . 
'X-RAY DIFFRACTION' 1.2405 1.2805  1547 . 150 1397 87.0000  . . . 0.1761 0.0000 0.1660 . . . . . . 14 . . . 
'X-RAY DIFFRACTION' 1.2805 1.3263  1757 . 170 1587 100.0000 . . . 0.1883 0.0000 0.1596 . . . . . . 14 . . . 
'X-RAY DIFFRACTION' 1.3263 1.3794  1774 . 172 1602 100.0000 . . . 0.2063 0.0000 0.1566 . . . . . . 14 . . . 
'X-RAY DIFFRACTION' 1.3794 1.4421  1810 . 176 1634 100.0000 . . . 0.1798 0.0000 0.1621 . . . . . . 14 . . . 
'X-RAY DIFFRACTION' 1.4421 1.5182  1793 . 174 1619 100.0000 . . . 0.1723 0.0000 0.1553 . . . . . . 14 . . . 
'X-RAY DIFFRACTION' 1.5182 1.6133  1774 . 172 1602 100.0000 . . . 0.1971 0.0000 0.1663 . . . . . . 14 . . . 
'X-RAY DIFFRACTION' 1.6133 1.7378  1765 . 172 1593 100.0000 . . . 0.1919 0.0000 0.1574 . . . . . . 14 . . . 
'X-RAY DIFFRACTION' 1.7378 1.9127  1791 . 173 1618 100.0000 . . . 0.1895 0.0000 0.1614 . . . . . . 14 . . . 
'X-RAY DIFFRACTION' 1.9127 2.1894  1795 . 174 1621 100.0000 . . . 0.1723 0.0000 0.1485 . . . . . . 14 . . . 
'X-RAY DIFFRACTION' 2.1894 2.7582  1800 . 175 1625 100.0000 . . . 0.1776 0.0000 0.1561 . . . . . . 14 . . . 
'X-RAY DIFFRACTION' 2.7582 31.9701 1804 . 175 1629 98.0000  . . . 0.1741 0.0000 0.1557 . . . . . . 14 . . . 
# 
_struct.entry_id                     6EEY 
_struct.title                        'Crystal structure of human Scribble PDZ4 R1110G Mutant' 
_struct.pdbx_model_details           ? 
_struct.pdbx_formula_weight          ? 
_struct.pdbx_formula_weight_method   ? 
_struct.pdbx_model_type_details      ? 
_struct.pdbx_CASP_flag               N 
# 
_struct_keywords.entry_id        6EEY 
_struct_keywords.text            'PDZ domain, Cell Polarity, STRUCTURAL PROTEIN' 
_struct_keywords.pdbx_keywords   'STRUCTURAL PROTEIN' 
# 
loop_
_struct_asym.id 
_struct_asym.pdbx_blank_PDB_chainid_flag 
_struct_asym.pdbx_modified 
_struct_asym.entity_id 
_struct_asym.details 
A N N 1 ? 
B N N 2 ? 
# 
loop_
_struct_conf.conf_type_id 
_struct_conf.id 
_struct_conf.pdbx_PDB_helix_id 
_struct_conf.beg_label_comp_id 
_struct_conf.beg_label_asym_id 
_struct_conf.beg_label_seq_id 
_struct_conf.pdbx_beg_PDB_ins_code 
_struct_conf.end_label_comp_id 
_struct_conf.end_label_asym_id 
_struct_conf.end_label_seq_id 
_struct_conf.pdbx_end_PDB_ins_code 
_struct_conf.beg_auth_comp_id 
_struct_conf.beg_auth_asym_id 
_struct_conf.beg_auth_seq_id 
_struct_conf.end_auth_comp_id 
_struct_conf.end_auth_asym_id 
_struct_conf.end_auth_seq_id 
_struct_conf.pdbx_PDB_helix_class 
_struct_conf.details 
_struct_conf.pdbx_PDB_helix_length 
HELX_P HELX_P1 AA1 ASP A 34 ? GLU A 38 ? ASP A 1128 GLU A 1132 5 ? 5  
HELX_P HELX_P2 AA2 GLY A 49 ? GLY A 55 ? GLY A 1143 GLY A 1149 1 ? 7  
HELX_P HELX_P3 AA3 THR A 75 ? ARG A 84 ? THR A 1169 ARG A 1178 1 ? 10 
# 
_struct_conf_type.id          HELX_P 
_struct_conf_type.criteria    ? 
_struct_conf_type.reference   ? 
# 
loop_
_struct_sheet.id 
_struct_sheet.type 
_struct_sheet.number_strands 
_struct_sheet.details 
AA1 ? 5 ? 
AA2 ? 4 ? 
# 
loop_
_struct_sheet_order.sheet_id 
_struct_sheet_order.range_id_1 
_struct_sheet_order.range_id_2 
_struct_sheet_order.offset 
_struct_sheet_order.sense 
AA1 1 2 ? anti-parallel 
AA1 2 3 ? anti-parallel 
AA1 3 4 ? anti-parallel 
AA1 4 5 ? anti-parallel 
AA2 1 2 ? anti-parallel 
AA2 2 3 ? anti-parallel 
AA2 3 4 ? anti-parallel 
# 
loop_
_struct_sheet_range.sheet_id 
_struct_sheet_range.id 
_struct_sheet_range.beg_label_comp_id 
_struct_sheet_range.beg_label_asym_id 
_struct_sheet_range.beg_label_seq_id 
_struct_sheet_range.pdbx_beg_PDB_ins_code 
_struct_sheet_range.end_label_comp_id 
_struct_sheet_range.end_label_asym_id 
_struct_sheet_range.end_label_seq_id 
_struct_sheet_range.pdbx_end_PDB_ins_code 
_struct_sheet_range.beg_auth_comp_id 
_struct_sheet_range.beg_auth_asym_id 
_struct_sheet_range.beg_auth_seq_id 
_struct_sheet_range.end_auth_comp_id 
_struct_sheet_range.end_auth_asym_id 
_struct_sheet_range.end_auth_seq_id 
AA1 1 ARG A 5  ? GLN A 10 ? ARG A 1099 GLN A 1104 
AA1 2 THR A 89 ? CYS A 95 ? THR A 1183 CYS A 1189 
AA1 3 ARG A 62 ? VAL A 66 ? ARG A 1156 VAL A 1160 
AA1 4 ILE A 40 ? VAL A 45 ? ILE A 1134 VAL A 1139 
AA1 5 ILE A 19 ? GLY A 23 ? ILE A 1113 GLY A 1117 
AA2 1 ARG A 5  ? GLN A 10 ? ARG A 1099 GLN A 1104 
AA2 2 THR A 89 ? CYS A 95 ? THR A 1183 CYS A 1189 
AA2 3 ARG A 62 ? VAL A 66 ? ARG A 1156 VAL A 1160 
AA2 4 GLN A 69 ? SER A 70 ? GLN A 1163 SER A 1164 
# 
loop_
_pdbx_struct_sheet_hbond.sheet_id 
_pdbx_struct_sheet_hbond.range_id_1 
_pdbx_struct_sheet_hbond.range_id_2 
_pdbx_struct_sheet_hbond.range_1_label_atom_id 
_pdbx_struct_sheet_hbond.range_1_label_comp_id 
_pdbx_struct_sheet_hbond.range_1_label_asym_id 
_pdbx_struct_sheet_hbond.range_1_label_seq_id 
_pdbx_struct_sheet_hbond.range_1_PDB_ins_code 
_pdbx_struct_sheet_hbond.range_1_auth_atom_id 
_pdbx_struct_sheet_hbond.range_1_auth_comp_id 
_pdbx_struct_sheet_hbond.range_1_auth_asym_id 
_pdbx_struct_sheet_hbond.range_1_auth_seq_id 
_pdbx_struct_sheet_hbond.range_2_label_atom_id 
_pdbx_struct_sheet_hbond.range_2_label_comp_id 
_pdbx_struct_sheet_hbond.range_2_label_asym_id 
_pdbx_struct_sheet_hbond.range_2_label_seq_id 
_pdbx_struct_sheet_hbond.range_2_PDB_ins_code 
_pdbx_struct_sheet_hbond.range_2_auth_atom_id 
_pdbx_struct_sheet_hbond.range_2_auth_comp_id 
_pdbx_struct_sheet_hbond.range_2_auth_asym_id 
_pdbx_struct_sheet_hbond.range_2_auth_seq_id 
AA1 1 2 N ILE A 9  ? N ILE A 1103 O LEU A 90 ? O LEU A 1184 
AA1 2 3 O LEU A 93 ? O LEU A 1187 N LEU A 64 ? N LEU A 1158 
AA1 3 4 O LEU A 63 ? O LEU A 1157 N ILE A 40 ? N ILE A 1134 
AA1 4 5 O SER A 43 ? O SER A 1137 N SER A 20 ? N SER A 1114 
AA2 1 2 N ILE A 9  ? N ILE A 1103 O LEU A 90 ? O LEU A 1184 
AA2 2 3 O LEU A 93 ? O LEU A 1187 N LEU A 64 ? N LEU A 1158 
AA2 3 4 N VAL A 66 ? N VAL A 1160 O GLN A 69 ? O GLN A 1163 
# 
_atom_sites.entry_id                    6EEY 
_atom_sites.fract_transf_matrix[1][1]   -0.00132049 
_atom_sites.fract_transf_matrix[1][2]   -0.00091446 
_atom_sites.fract_transf_matrix[1][3]   0.03695983 
_atom_sites.fract_transf_matrix[2][1]   -0.01842803 
_atom_sites.fract_transf_matrix[2][2]   -0.01664283 
_atom_sites.fract_transf_matrix[2][3]   -0.00107017 
_atom_sites.fract_transf_matrix[3][1]   0.02061769 
_atom_sites.fract_transf_matrix[3][2]   -0.02311493 
_atom_sites.fract_transf_matrix[3][3]   0.00444270 
_atom_sites.fract_transf_vector[1]      0.346775 
_atom_sites.fract_transf_vector[2]      -0.187866 
_atom_sites.fract_transf_vector[3]      0.201756 
# 
loop_
_atom_type.symbol 
C 
H 
N 
O 
S 
# 
loop_
_atom_site.group_PDB 
_atom_site.id 
_atom_site.type_symbol 
_atom_site.label_atom_id 
_atom_site.label_alt_id 
_atom_site.label_comp_id 
_atom_site.label_asym_id 
_atom_site.label_entity_id 
_atom_site.label_seq_id 
_atom_site.pdbx_PDB_ins_code 
_atom_site.Cartn_x 
_atom_site.Cartn_y 
_atom_site.Cartn_z 
_atom_site.occupancy 
_atom_site.B_iso_or_equiv 
_atom_site.pdbx_formal_charge 
_atom_site.auth_seq_id 
_atom_site.auth_comp_id 
_atom_site.auth_asym_id 
_atom_site.auth_atom_id 
_atom_site.pdbx_PDB_model_num 
ATOM   1    N N    . HIS A 1 2  ? -5.758  -11.454 10.679  1.00 18.51 ? -1   HIS A N    1 
ATOM   2    C CA   . HIS A 1 2  ? -4.970  -10.361 10.052  1.00 14.99 ? -1   HIS A CA   1 
ATOM   3    C C    . HIS A 1 2  ? -3.507  -10.507 10.409  1.00 12.43 ? -1   HIS A C    1 
ATOM   4    O O    . HIS A 1 2  ? -2.905  -9.607  10.983  1.00 14.07 ? -1   HIS A O    1 
ATOM   5    C CB   . HIS A 1 2  ? -5.504  -9.019  10.514  1.00 13.49 ? -1   HIS A CB   1 
ATOM   6    C CG   . HIS A 1 2  ? -6.854  -8.700  9.957   1.00 12.02 ? -1   HIS A CG   1 
ATOM   7    N ND1  . HIS A 1 2  ? -7.981  -8.588  10.742  1.00 16.77 ? -1   HIS A ND1  1 
ATOM   8    C CD2  . HIS A 1 2  ? -7.260  -8.485  8.684   1.00 16.27 ? -1   HIS A CD2  1 
ATOM   9    C CE1  . HIS A 1 2  ? -9.020  -8.302  9.979   1.00 17.56 ? -1   HIS A CE1  1 
ATOM   10   N NE2  . HIS A 1 2  ? -8.611  -8.239  8.724   1.00 24.23 ? -1   HIS A NE2  1 
ATOM   11   H H    . HIS A 1 2  ? -6.186  -11.911 10.047  1.00 22.23 ? -1   HIS A H    1 
ATOM   12   H HA   . HIS A 1 2  ? -5.047  -10.398 9.085   1.00 18.01 ? -1   HIS A HA   1 
ATOM   13   H HB2  . HIS A 1 2  ? -5.575  -9.024  11.481  1.00 16.21 ? -1   HIS A HB2  1 
ATOM   14   H HB3  . HIS A 1 2  ? -4.892  -8.322  10.229  1.00 16.21 ? -1   HIS A HB3  1 
ATOM   15   H HD1  . HIS A 1 2  ? -8.005  -8.687  11.596  1.00 20.15 ? -1   HIS A HD1  1 
ATOM   16   H HD2  . HIS A 1 2  ? -6.724  -8.501  7.924   1.00 19.54 ? -1   HIS A HD2  1 
ATOM   17   H HE1  . HIS A 1 2  ? -9.893  -8.169  10.274  1.00 21.10 ? -1   HIS A HE1  1 
ATOM   18   N N    . MET A 1 3  ? -2.912  -11.634 10.053  1.00 10.15 ? 0    MET A N    1 
ATOM   19   C CA   . MET A 1 3  ? -1.522  -11.868 10.400  1.00 9.16  ? 0    MET A CA   1 
ATOM   20   C C    . MET A 1 3  ? -0.619  -10.926 9.616   1.00 7.73  ? 0    MET A C    1 
ATOM   21   O O    . MET A 1 3  ? -0.740  -10.805 8.397   1.00 9.14  ? 0    MET A O    1 
ATOM   22   C CB   . MET A 1 3  ? -1.141  -13.310 10.099  1.00 9.62  ? 0    MET A CB   1 
ATOM   23   C CG   . MET A 1 3  ? 0.270   -13.615 10.541  1.00 9.90  ? 0    MET A CG   1 
ATOM   24   S SD   . MET A 1 3  ? 0.737   -15.310 10.240  1.00 9.68  ? 0    MET A SD   1 
ATOM   25   C CE   . MET A 1 3  ? 2.331   -15.349 11.052  1.00 17.76 ? 0    MET A CE   1 
ATOM   26   H H    . MET A 1 3  ? -3.286  -12.272 9.614   1.00 12.20 ? 0    MET A H    1 
ATOM   27   H HA   . MET A 1 3  ? -1.405  -11.713 11.351  1.00 11.01 ? 0    MET A HA   1 
ATOM   28   H HB2  . MET A 1 3  ? -1.745  -13.907 10.570  1.00 11.57 ? 0    MET A HB2  1 
ATOM   29   H HB3  . MET A 1 3  ? -1.202  -13.464 9.143   1.00 11.57 ? 0    MET A HB3  1 
ATOM   30   H HG2  . MET A 1 3  ? 0.885   -13.044 10.054  1.00 11.90 ? 0    MET A HG2  1 
ATOM   31   H HG3  . MET A 1 3  ? 0.346   -13.448 11.493  1.00 11.90 ? 0    MET A HG3  1 
ATOM   32   H HE1  . MET A 1 3  ? 2.706   -16.239 10.968  1.00 21.33 ? 0    MET A HE1  1 
ATOM   33   H HE2  . MET A 1 3  ? 2.916   -14.702 10.630  1.00 21.33 ? 0    MET A HE2  1 
ATOM   34   H HE3  . MET A 1 3  ? 2.213   -15.126 11.989  1.00 21.33 ? 0    MET A HE3  1 
ATOM   35   N N    . LEU A 1 4  ? 0.291   -10.265 10.311  1.00 7.76  ? 1098 LEU A N    1 
ATOM   36   C CA   . LEU A 1 4  ? 1.255   -9.397  9.659   1.00 8.27  ? 1098 LEU A CA   1 
ATOM   37   C C    . LEU A 1 4  ? 2.168   -10.224 8.770   1.00 7.54  ? 1098 LEU A C    1 
ATOM   38   O O    . LEU A 1 4  ? 2.731   -11.231 9.213   1.00 8.85  ? 1098 LEU A O    1 
ATOM   39   C CB   . LEU A 1 4  ? 2.069   -8.716  10.745  1.00 8.93  ? 1098 LEU A CB   1 
ATOM   40   C CG   . LEU A 1 4  ? 2.958   -7.572  10.288  1.00 10.56 ? 1098 LEU A CG   1 
ATOM   41   C CD1  . LEU A 1 4  ? 2.113   -6.469  9.740   1.00 11.03 ? 1098 LEU A CD1  1 
ATOM   42   C CD2  . LEU A 1 4  ? 3.779   -7.076  11.454  1.00 9.75  ? 1098 LEU A CD2  1 
ATOM   43   H H    . LEU A 1 4  ? 0.373   -10.300 11.167  1.00 9.33  ? 1098 LEU A H    1 
ATOM   44   H HA   . LEU A 1 4  ? 0.815   -8.732  9.107   1.00 9.94  ? 1098 LEU A HA   1 
ATOM   45   H HB2  . LEU A 1 4  ? 1.455   -8.357  11.404  1.00 10.73 ? 1098 LEU A HB2  1 
ATOM   46   H HB3  . LEU A 1 4  ? 2.644   -9.380  11.155  1.00 10.73 ? 1098 LEU A HB3  1 
ATOM   47   H HG   . LEU A 1 4  ? 3.561   -7.873  9.591   1.00 12.69 ? 1098 LEU A HG   1 
ATOM   48   H HD11 . LEU A 1 4  ? 2.663   -5.678  9.624   1.00 13.26 ? 1098 LEU A HD11 1 
ATOM   49   H HD12 . LEU A 1 4  ? 1.748   -6.747  8.886   1.00 13.26 ? 1098 LEU A HD12 1 
ATOM   50   H HD13 . LEU A 1 4  ? 1.394   -6.283  10.363  1.00 13.26 ? 1098 LEU A HD13 1 
ATOM   51   H HD21 . LEU A 1 4  ? 4.333   -6.336  11.158  1.00 11.72 ? 1098 LEU A HD21 1 
ATOM   52   H HD22 . LEU A 1 4  ? 3.182   -6.780  12.158  1.00 11.72 ? 1098 LEU A HD22 1 
ATOM   53   H HD23 . LEU A 1 4  ? 4.339   -7.799  11.776  1.00 11.72 ? 1098 LEU A HD23 1 
ATOM   54   N N    . ARG A 1 5  ? 2.300   -9.821  7.508   1.00 6.51  ? 1099 ARG A N    1 
ATOM   55   C CA   . ARG A 1 5  ? 3.151   -10.555 6.583   1.00 7.08  ? 1099 ARG A CA   1 
ATOM   56   C C    . ARG A 1 5  ? 3.821   -9.596  5.613   1.00 4.92  ? 1099 ARG A C    1 
ATOM   57   O O    . ARG A 1 5  ? 3.273   -8.549  5.246   1.00 5.56  ? 1099 ARG A O    1 
ATOM   58   C CB   . ARG A 1 5  ? 2.383   -11.659 5.857   1.00 12.09 ? 1099 ARG A CB   1 
ATOM   59   C CG   . ARG A 1 5  ? 1.159   -11.176 5.163   1.00 12.58 ? 1099 ARG A CG   1 
ATOM   60   C CD   . ARG A 1 5  ? 0.078   -12.241 5.167   1.00 16.70 ? 1099 ARG A CD   1 
ATOM   61   N NE   . ARG A 1 5  ? -1.082  -11.749 4.433   1.00 11.20 ? 1099 ARG A NE   1 
ATOM   62   C CZ   . ARG A 1 5  ? -2.186  -11.247 4.974   1.00 13.03 ? 1099 ARG A CZ   1 
ATOM   63   N NH1  . ARG A 1 5  ? -2.342  -11.175 6.291   1.00 14.84 ? 1099 ARG A NH1  1 
ATOM   64   N NH2  . ARG A 1 5  ? -3.157  -10.839 4.174   1.00 13.02 ? 1099 ARG A NH2  1 
ATOM   65   H H    . ARG A 1 5  ? 1.911   -9.133  7.169   1.00 7.83  ? 1099 ARG A H    1 
ATOM   66   H HA   . ARG A 1 5  ? 3.866   -10.981 7.081   1.00 8.52  ? 1099 ARG A HA   1 
ATOM   67   H HB2  . ARG A 1 5  ? 2.965   -12.057 5.191   1.00 14.53 ? 1099 ARG A HB2  1 
ATOM   68   H HB3  . ARG A 1 5  ? 2.112   -12.328 6.505   1.00 14.53 ? 1099 ARG A HB3  1 
ATOM   69   H HG2  . ARG A 1 5  ? 0.818   -10.390 5.619   1.00 15.12 ? 1099 ARG A HG2  1 
ATOM   70   H HG3  . ARG A 1 5  ? 1.373   -10.960 4.243   1.00 15.12 ? 1099 ARG A HG3  1 
ATOM   71   H HD2  . ARG A 1 5  ? 0.406   -13.045 4.736   1.00 20.06 ? 1099 ARG A HD2  1 
ATOM   72   H HD3  . ARG A 1 5  ? -0.187  -12.438 6.079   1.00 20.06 ? 1099 ARG A HD3  1 
ATOM   73   H HE   . ARG A 1 5  ? -1.048  -11.786 3.575   1.00 13.45 ? 1099 ARG A HE   1 
ATOM   74   H HH11 . ARG A 1 5  ? -1.719  -11.458 6.814   1.00 17.82 ? 1099 ARG A HH11 1 
ATOM   75   H HH12 . ARG A 1 5  ? -3.065  -10.847 6.620   1.00 17.82 ? 1099 ARG A HH12 1 
ATOM   76   H HH21 . ARG A 1 5  ? -3.066  -10.900 3.321   1.00 15.64 ? 1099 ARG A HH21 1 
ATOM   77   H HH22 . ARG A 1 5  ? -3.879  -10.511 4.507   1.00 15.64 ? 1099 ARG A HH22 1 
ATOM   78   N N    . GLU A 1 6  ? 5.016   -9.975  5.203   1.00 4.99  ? 1100 GLU A N    1 
ATOM   79   C CA   . GLU A 1 6  ? 5.821   -9.198  4.280   1.00 5.63  ? 1100 GLU A CA   1 
ATOM   80   C C    . GLU A 1 6  ? 5.872   -9.969  2.979   1.00 6.69  ? 1100 GLU A C    1 
ATOM   81   O O    . GLU A 1 6  ? 6.179   -11.168 2.988   1.00 9.79  ? 1100 GLU A O    1 
ATOM   82   C CB   . GLU A 1 6  ? 7.229   -9.030  4.843   1.00 7.72  ? 1100 GLU A CB   1 
ATOM   83   C CG   . GLU A 1 6  ? 8.114   -8.107  4.013   1.00 12.78 ? 1100 GLU A CG   1 
ATOM   84   C CD   . GLU A 1 6  ? 9.477   -7.825  4.646   1.00 17.34 ? 1100 GLU A CD   1 
ATOM   85   O OE1  . GLU A 1 6  ? 10.045  -8.714  5.293   1.00 18.54 ? 1100 GLU A OE1  1 
ATOM   86   O OE2  . GLU A 1 6  ? 9.988   -6.699  4.485   1.00 28.24 ? 1100 GLU A OE2  1 
ATOM   87   H H    . GLU A 1 6  ? 5.393   -10.705 5.455   1.00 6.00  ? 1100 GLU A H    1 
ATOM   88   H HA   . GLU A 1 6  ? 5.444   -8.317  4.124   1.00 6.78  ? 1100 GLU A HA   1 
ATOM   89   H HB2  . GLU A 1 6  ? 7.165   -8.655  5.736   1.00 9.28  ? 1100 GLU A HB2  1 
ATOM   90   H HB3  . GLU A 1 6  ? 7.657   -9.899  4.877   1.00 9.28  ? 1100 GLU A HB3  1 
ATOM   91   H HG2  . GLU A 1 6  ? 8.268   -8.518  3.148   1.00 15.35 ? 1100 GLU A HG2  1 
ATOM   92   H HG3  . GLU A 1 6  ? 7.658   -7.258  3.900   1.00 15.35 ? 1100 GLU A HG3  1 
ATOM   93   N N    . LEU A 1 7  ? 5.493   -9.319  1.888   1.00 4.70  ? 1101 LEU A N    1 
ATOM   94   C CA   . LEU A 1 7  ? 5.465   -9.943  0.579   1.00 5.15  ? 1101 LEU A CA   1 
ATOM   95   C C    . LEU A 1 7  ? 6.427   -9.215  -0.336  1.00 4.42  ? 1101 LEU A C    1 
ATOM   96   O O    . LEU A 1 7  ? 6.448   -7.979  -0.365  1.00 5.36  ? 1101 LEU A O    1 
ATOM   97   C CB   . LEU A 1 7  ? 4.097   -9.844  -0.061  1.00 6.13  ? 1101 LEU A CB   1 
ATOM   98   C CG   . LEU A 1 7  ? 2.930   -10.477 0.690   1.00 8.75  ? 1101 LEU A CG   1 
ATOM   99   C CD1  . LEU A 1 7  ? 1.717   -10.634 -0.223  1.00 11.99 ? 1101 LEU A CD1  1 
ATOM   100  C CD2  . LEU A 1 7  ? 3.280   -11.792 1.359   1.00 13.46 ? 1101 LEU A CD2  1 
ATOM   101  H H    . LEU A 1 7  ? 5.243   -8.496  1.886   1.00 5.66  ? 1101 LEU A H    1 
ATOM   102  H HA   . LEU A 1 7  ? 5.720   -10.874 0.684   1.00 6.20  ? 1101 LEU A HA   1 
ATOM   103  H HB2  . LEU A 1 7  ? 3.885   -8.902  -0.169  1.00 7.37  ? 1101 LEU A HB2  1 
ATOM   104  H HB3  . LEU A 1 7  ? 4.142   -10.274 -0.929  1.00 7.37  ? 1101 LEU A HB3  1 
ATOM   105  H HG   . LEU A 1 7  ? 2.700   -9.871  1.412   1.00 10.52 ? 1101 LEU A HG   1 
ATOM   106  H HD11 . LEU A 1 7  ? 0.988   -11.027 0.284   1.00 14.41 ? 1101 LEU A HD11 1 
ATOM   107  H HD12 . LEU A 1 7  ? 1.456   -9.761  -0.555  1.00 14.41 ? 1101 LEU A HD12 1 
ATOM   108  H HD13 . LEU A 1 7  ? 1.953   -11.214 -0.965  1.00 14.41 ? 1101 LEU A HD13 1 
ATOM   109  H HD21 . LEU A 1 7  ? 2.467   -12.203 1.693   1.00 16.17 ? 1101 LEU A HD21 1 
ATOM   110  H HD22 . LEU A 1 7  ? 3.702   -12.375 0.708   1.00 16.17 ? 1101 LEU A HD22 1 
ATOM   111  H HD23 . LEU A 1 7  ? 3.891   -11.621 2.093   1.00 16.17 ? 1101 LEU A HD23 1 
ATOM   112  N N    . CYS A 1 8  ? 7.211   -9.979  -1.072  1.00 4.32  ? 1102 CYS A N    1 
ATOM   113  C CA   . CYS A 1 8  ? 8.102   -9.451  -2.089  1.00 4.29  ? 1102 CYS A CA   1 
ATOM   114  C C    . CYS A 1 8  ? 7.507   -9.792  -3.437  1.00 4.12  ? 1102 CYS A C    1 
ATOM   115  O O    . CYS A 1 8  ? 7.304   -10.963 -3.741  1.00 4.96  ? 1102 CYS A O    1 
ATOM   116  C CB   . CYS A 1 8  ? 9.497   -10.042 -1.952  1.00 4.65  ? 1102 CYS A CB   1 
ATOM   117  S SG   . CYS A 1 8  ? 10.681  -9.432  -3.154  1.00 31.40 ? 1102 CYS A SG   1 
ATOM   118  H H    . CYS A 1 8  ? 7.246   -10.835 -0.997  1.00 5.21  ? 1102 CYS A H    1 
ATOM   119  H HA   . CYS A 1 8  ? 8.177   -8.487  -2.005  1.00 5.16  ? 1102 CYS A HA   1 
ATOM   120  H HB2  . CYS A 1 8  ? 9.838   -9.829  -1.069  1.00 5.60  ? 1102 CYS A HB2  1 
ATOM   121  H HB3  . CYS A 1 8  ? 9.438   -11.004 -2.060  1.00 5.60  ? 1102 CYS A HB3  1 
ATOM   122  H HG   . CYS A 1 8  ? 10.298  -9.710  -4.256  1.00 37.70 ? 1102 CYS A HG   1 
ATOM   123  N N    . ILE A 1 9  ? 7.175   -8.771  -4.212  1.00 4.21  ? 1103 ILE A N    1 
ATOM   124  C CA   . ILE A 1 9  ? 6.410   -8.922  -5.439  1.00 3.54  ? 1103 ILE A CA   1 
ATOM   125  C C    . ILE A 1 9  ? 7.276   -8.519  -6.613  1.00 3.48  ? 1103 ILE A C    1 
ATOM   126  O O    . ILE A 1 9  ? 7.851   -7.432  -6.626  1.00 3.38  ? 1103 ILE A O    1 
ATOM   127  C CB   . ILE A 1 9  ? 5.103   -8.117  -5.369  1.00 4.12  ? 1103 ILE A CB   1 
ATOM   128  C CG1  . ILE A 1 9  ? 4.248   -8.702  -4.236  1.00 6.54  ? 1103 ILE A CG1  1 
ATOM   129  C CG2  . ILE A 1 9  ? 4.375   -8.148  -6.683  1.00 4.80  ? 1103 ILE A CG2  1 
ATOM   130  C CD1  . ILE A 1 9  ? 3.089   -7.828  -3.843  1.00 6.35  ? 1103 ILE A CD1  1 
ATOM   131  H H    . ILE A 1 9  ? 7.388   -7.957  -4.040  1.00 5.06  ? 1103 ILE A H    1 
ATOM   132  H HA   . ILE A 1 9  ? 6.182   -9.856  -5.577  1.00 4.26  ? 1103 ILE A HA   1 
ATOM   133  H HB   . ILE A 1 9  ? 5.299   -7.185  -5.184  1.00 4.96  ? 1103 ILE A HB   1 
ATOM   134  H HG12 . ILE A 1 9  ? 3.889   -9.556  -4.523  1.00 7.87  ? 1103 ILE A HG12 1 
ATOM   135  H HG13 . ILE A 1 9  ? 4.806   -8.823  -3.452  1.00 7.87  ? 1103 ILE A HG13 1 
ATOM   136  H HG21 . ILE A 1 9  ? 3.482   -7.792  -6.557  1.00 5.77  ? 1103 ILE A HG21 1 
ATOM   137  H HG22 . ILE A 1 9  ? 4.860   -7.607  -7.325  1.00 5.77  ? 1103 ILE A HG22 1 
ATOM   138  H HG23 . ILE A 1 9  ? 4.325   -9.065  -6.994  1.00 5.77  ? 1103 ILE A HG23 1 
ATOM   139  H HD11 . ILE A 1 9  ? 2.699   -8.170  -3.023  1.00 7.63  ? 1103 ILE A HD11 1 
ATOM   140  H HD12 . ILE A 1 9  ? 3.410   -6.922  -3.703  1.00 7.63  ? 1103 ILE A HD12 1 
ATOM   141  H HD13 . ILE A 1 9  ? 2.429   -7.838  -4.554  1.00 7.63  ? 1103 ILE A HD13 1 
ATOM   142  N N    . GLN A 1 10 ? 7.381   -9.397  -7.597  1.00 3.90  ? 1104 GLN A N    1 
ATOM   143  C CA   . GLN A 1 10 ? 8.155   -9.074  -8.782  1.00 3.57  ? 1104 GLN A CA   1 
ATOM   144  C C    . GLN A 1 10 ? 7.430   -8.038  -9.622  1.00 3.81  ? 1104 GLN A C    1 
ATOM   145  O O    . GLN A 1 10 ? 6.201   -8.011  -9.681  1.00 4.63  ? 1104 GLN A O    1 
ATOM   146  C CB   . GLN A 1 10 ? 8.396   -10.334 -9.594  1.00 5.17  ? 1104 GLN A CB   1 
ATOM   147  C CG   . GLN A 1 10 ? 9.241   -11.359 -8.852  1.00 10.26 ? 1104 GLN A CG   1 
ATOM   148  C CD   . GLN A 1 10 ? 9.798   -12.454 -9.755  1.00 14.20 ? 1104 GLN A CD   1 
ATOM   149  O OE1  . GLN A 1 10 ? 9.867   -12.302 -10.978 1.00 21.12 ? 1104 GLN A OE1  1 
ATOM   150  N NE2  . GLN A 1 10 ? 10.208  -13.561 -9.153  1.00 18.03 ? 1104 GLN A NE2  1 
ATOM   151  H H    . GLN A 1 10 ? 7.019   -10.176 -7.605  1.00 4.69  ? 1104 GLN A H    1 
ATOM   152  H HA   . GLN A 1 10 ? 9.015   -8.705  -8.529  1.00 4.31  ? 1104 GLN A HA   1 
ATOM   153  H HB2  . GLN A 1 10 ? 7.542   -10.744 -9.803  1.00 6.22  ? 1104 GLN A HB2  1 
ATOM   154  H HB3  . GLN A 1 10 ? 8.860   -10.099 -10.413 1.00 6.22  ? 1104 GLN A HB3  1 
ATOM   155  H HG2  . GLN A 1 10 ? 9.993   -10.906 -8.438  1.00 12.33 ? 1104 GLN A HG2  1 
ATOM   156  H HG3  . GLN A 1 10 ? 8.695   -11.784 -8.173  1.00 12.33 ? 1104 GLN A HG3  1 
ATOM   157  H HE21 . GLN A 1 10 ? 10.152  -13.631 -8.297  1.00 21.65 ? 1104 GLN A HE21 1 
ATOM   158  H HE22 . GLN A 1 10 ? 10.530  -14.209 -9.617  1.00 21.65 ? 1104 GLN A HE22 1 
ATOM   159  N N    . LYS A 1 11 ? 8.195   -7.193  -10.297 1.00 3.69  ? 1105 LYS A N    1 
ATOM   160  C CA   . LYS A 1 11 ? 7.605   -6.225  -11.205 1.00 3.83  ? 1105 LYS A CA   1 
ATOM   161  C C    . LYS A 1 11 ? 8.652   -5.853  -12.241 1.00 3.82  ? 1105 LYS A C    1 
ATOM   162  O O    . LYS A 1 11 ? 9.847   -6.104  -12.067 1.00 3.81  ? 1105 LYS A O    1 
ATOM   163  C CB   . LYS A 1 11 ? 7.124   -4.976  -10.466 1.00 3.66  ? 1105 LYS A CB   1 
ATOM   164  C CG   . LYS A 1 11 ? 8.206   -4.146  -9.814  1.00 3.88  ? 1105 LYS A CG   1 
ATOM   165  C CD   . LYS A 1 11 ? 7.582   -3.017  -9.015  1.00 4.41  ? 1105 LYS A CD   1 
ATOM   166  C CE   . LYS A 1 11 ? 8.585   -1.995  -8.533  1.00 4.74  ? 1105 LYS A CE   1 
ATOM   167  N NZ   . LYS A 1 11 ? 9.227   -1.304  -9.689  1.00 4.29  ? 1105 LYS A NZ   1 
ATOM   168  H H    . LYS A 1 11 ? 9.053   -7.162  -10.248 1.00 4.45  ? 1105 LYS A H    1 
ATOM   169  H HA   . LYS A 1 11 ? 6.842   -6.622  -11.653 1.00 4.61  ? 1105 LYS A HA   1 
ATOM   170  H HB2  . LYS A 1 11 ? 6.666   -4.404  -11.100 1.00 4.41  ? 1105 LYS A HB2  1 
ATOM   171  H HB3  . LYS A 1 11 ? 6.513   -5.254  -9.766  1.00 4.41  ? 1105 LYS A HB3  1 
ATOM   172  H HG2  . LYS A 1 11 ? 8.727   -4.702  -9.213  1.00 4.67  ? 1105 LYS A HG2  1 
ATOM   173  H HG3  . LYS A 1 11 ? 8.781   -3.766  -10.496 1.00 4.67  ? 1105 LYS A HG3  1 
ATOM   174  H HD2  . LYS A 1 11 ? 6.935   -2.557  -9.574  1.00 5.31  ? 1105 LYS A HD2  1 
ATOM   175  H HD3  . LYS A 1 11 ? 7.140   -3.391  -8.236  1.00 5.31  ? 1105 LYS A HD3  1 
ATOM   176  H HE2  . LYS A 1 11 ? 8.136   -1.331  -7.987  1.00 5.71  ? 1105 LYS A HE2  1 
ATOM   177  H HE3  . LYS A 1 11 ? 9.276   -2.438  -8.016  1.00 5.71  ? 1105 LYS A HE3  1 
ATOM   178  H HZ1  . LYS A 1 11 ? 9.740   -1.874  -10.137 1.00 5.16  ? 1105 LYS A HZ1  1 
ATOM   179  H HZ2  . LYS A 1 11 ? 8.603   -0.983  -10.236 1.00 5.16  ? 1105 LYS A HZ2  1 
ATOM   180  H HZ3  . LYS A 1 11 ? 9.730   -0.629  -9.398  1.00 5.16  ? 1105 LYS A HZ3  1 
ATOM   181  N N    . ALA A 1 12 ? 8.202   -5.237  -13.323 1.00 4.11  ? 1106 ALA A N    1 
ATOM   182  C CA   . ALA A 1 12 ? 9.156   -4.688  -14.275 1.00 4.47  ? 1106 ALA A CA   1 
ATOM   183  C C    . ALA A 1 12 ? 9.832   -3.483  -13.618 1.00 4.29  ? 1106 ALA A C    1 
ATOM   184  O O    . ALA A 1 12 ? 9.245   -2.818  -12.768 1.00 4.00  ? 1106 ALA A O    1 
ATOM   185  C CB   . ALA A 1 12 ? 8.464   -4.302  -15.573 1.00 5.01  ? 1106 ALA A CB   1 
ATOM   186  H H    . ALA A 1 12 ? 7.373   -5.126  -13.527 1.00 4.95  ? 1106 ALA A H    1 
ATOM   187  H HA   . ALA A 1 12 ? 9.834   -5.339  -14.518 1.00 5.38  ? 1106 ALA A HA   1 
ATOM   188  H HB1  . ALA A 1 12 ? 9.125   -3.959  -16.194 1.00 6.04  ? 1106 ALA A HB1  1 
ATOM   189  H HB2  . ALA A 1 12 ? 8.033   -5.087  -15.946 1.00 6.04  ? 1106 ALA A HB2  1 
ATOM   190  H HB3  . ALA A 1 12 ? 7.800   -3.620  -15.385 1.00 6.04  ? 1106 ALA A HB3  1 
ATOM   191  N N    . PRO A 1 13 ? 11.094  -3.216  -13.947 1.00 5.09  ? 1107 PRO A N    1 
ATOM   192  C CA   . PRO A 1 13 ? 11.876  -2.282  -13.128 1.00 5.72  ? 1107 PRO A CA   1 
ATOM   193  C C    . PRO A 1 13 ? 11.351  -0.875  -13.083 1.00 5.83  ? 1107 PRO A C    1 
ATOM   194  O O    . PRO A 1 13 ? 11.626  -0.173  -12.100 1.00 6.93  ? 1107 PRO A O    1 
ATOM   195  C CB   . PRO A 1 13 ? 13.277  -2.321  -13.760 1.00 10.34 ? 1107 PRO A CB   1 
ATOM   196  C CG   . PRO A 1 13 ? 13.272  -3.389  -14.734 1.00 6.82  ? 1107 PRO A CG   1 
ATOM   197  C CD   . PRO A 1 13 ? 11.912  -3.928  -14.934 1.00 4.91  ? 1107 PRO A CD   1 
ATOM   198  H HA   . PRO A 1 13 ? 11.910  -2.634  -12.225 1.00 6.89  ? 1107 PRO A HA   1 
ATOM   199  H HB2  . PRO A 1 13 ? 13.460  -1.471  -14.189 1.00 12.42 ? 1107 PRO A HB2  1 
ATOM   200  H HB3  . PRO A 1 13 ? 13.937  -2.495  -13.071 1.00 12.42 ? 1107 PRO A HB3  1 
ATOM   201  H HG2  . PRO A 1 13 ? 13.606  -3.035  -15.573 1.00 8.20  ? 1107 PRO A HG2  1 
ATOM   202  H HG3  . PRO A 1 13 ? 13.856  -4.094  -14.414 1.00 8.20  ? 1107 PRO A HG3  1 
ATOM   203  H HD2  . PRO A 1 13 ? 11.601  -3.743  -15.834 1.00 5.92  ? 1107 PRO A HD2  1 
ATOM   204  H HD3  . PRO A 1 13 ? 11.895  -4.883  -14.767 1.00 5.92  ? 1107 PRO A HD3  1 
ATOM   205  N N    . GLY A 1 14 ? 10.629  -0.424  -14.098 1.00 5.68  ? 1108 GLY A N    1 
ATOM   206  C CA   . GLY A 1 14 ? 10.038  0.894   -14.120 1.00 6.96  ? 1108 GLY A CA   1 
ATOM   207  C C    . GLY A 1 14 ? 8.565   0.928   -13.781 1.00 6.87  ? 1108 GLY A C    1 
ATOM   208  O O    . GLY A 1 14 ? 7.970   2.010   -13.759 1.00 9.11  ? 1108 GLY A O    1 
ATOM   209  H H    . GLY A 1 14 ? 10.465  -0.884  -14.806 1.00 6.83  ? 1108 GLY A H    1 
ATOM   210  H HA2  . GLY A 1 14 ? 10.503  1.455   -13.479 1.00 8.37  ? 1108 GLY A HA2  1 
ATOM   211  H HA3  . GLY A 1 14 ? 10.148  1.271   -15.006 1.00 8.37  ? 1108 GLY A HA3  1 
ATOM   212  N N    . GLU A 1 15 ? 7.969   -0.216  -13.467 1.00 5.15  ? 1109 GLU A N    1 
ATOM   213  C CA   . GLU A 1 15 ? 6.539   -0.358  -13.239 1.00 5.56  ? 1109 GLU A CA   1 
ATOM   214  C C    . GLU A 1 15 ? 6.205   -0.131  -11.772 1.00 4.94  ? 1109 GLU A C    1 
ATOM   215  O O    . GLU A 1 15 ? 7.016   -0.398  -10.893 1.00 5.35  ? 1109 GLU A O    1 
ATOM   216  C CB   . GLU A 1 15 ? 6.198   -1.804  -13.613 1.00 8.26  ? 1109 GLU A CB   1 
ATOM   217  C CG   . GLU A 1 15 ? 4.771   -2.193  -13.581 1.00 8.07  ? 1109 GLU A CG   1 
ATOM   218  C CD   . GLU A 1 15 ? 4.537   -3.699  -13.724 1.00 6.16  ? 1109 GLU A CD   1 
ATOM   219  O OE1  . GLU A 1 15 ? 5.476   -4.534  -13.722 1.00 5.71  ? 1109 GLU A OE1  1 
ATOM   220  O OE2  . GLU A 1 15 ? 3.354   -4.031  -13.857 1.00 7.15  ? 1109 GLU A OE2  1 
ATOM   221  H H    . GLU A 1 15 ? 8.393   -0.959  -13.375 1.00 6.19  ? 1109 GLU A H    1 
ATOM   222  H HA   . GLU A 1 15 ? 6.020   0.280   -13.753 1.00 6.69  ? 1109 GLU A HA   1 
ATOM   223  H HB2  . GLU A 1 15 ? 6.512   -1.961  -14.517 1.00 9.93  ? 1109 GLU A HB2  1 
ATOM   224  H HB3  . GLU A 1 15 ? 6.662   -2.390  -12.994 1.00 9.93  ? 1109 GLU A HB3  1 
ATOM   225  H HG2  . GLU A 1 15 ? 4.391   -1.914  -12.733 1.00 9.70  ? 1109 GLU A HG2  1 
ATOM   226  H HG3  . GLU A 1 15 ? 4.311   -1.751  -14.312 1.00 9.70  ? 1109 GLU A HG3  1 
ATOM   227  N N    . GLY A 1 16 ? 4.991   0.328   -11.498 1.00 3.91  ? 1110 GLY A N    1 
ATOM   228  C CA   . GLY A 1 16 ? 4.501   0.395   -10.138 1.00 4.83  ? 1110 GLY A CA   1 
ATOM   229  C C    . GLY A 1 16 ? 3.899   -0.926  -9.692  1.00 3.33  ? 1110 GLY A C    1 
ATOM   230  O O    . GLY A 1 16 ? 3.804   -1.891  -10.444 1.00 4.52  ? 1110 GLY A O    1 
ATOM   231  H H    . GLY A 1 16 ? 4.431   0.608   -12.088 1.00 4.71  ? 1110 GLY A H    1 
ATOM   232  H HA2  . GLY A 1 16 ? 5.232   0.618   -9.541  1.00 5.82  ? 1110 GLY A HA2  1 
ATOM   233  H HA3  . GLY A 1 16 ? 3.819   1.082   -10.072 1.00 5.82  ? 1110 GLY A HA3  1 
ATOM   234  N N    . LEU A 1 17 ? 3.454   -0.967  -8.439  1.00 3.80  ? 1111 LEU A N    1 
ATOM   235  C CA   . LEU A 1 17 ? 2.873   -2.201  -7.935  1.00 4.01  ? 1111 LEU A CA   1 
ATOM   236  C C    . LEU A 1 17 ? 1.527   -2.499  -8.576  1.00 4.02  ? 1111 LEU A C    1 
ATOM   237  O O    . LEU A 1 17 ? 1.124   -3.662  -8.619  1.00 4.25  ? 1111 LEU A O    1 
ATOM   238  C CB   . LEU A 1 17 ? 2.743   -2.128  -6.419  1.00 4.40  ? 1111 LEU A CB   1 
ATOM   239  C CG   . LEU A 1 17 ? 2.247   -3.418  -5.768  1.00 5.34  ? 1111 LEU A CG   1 
ATOM   240  C CD1  . LEU A 1 17 ? 3.153   -4.605  -6.033  1.00 6.62  ? 1111 LEU A CD1  1 
ATOM   241  C CD2  . LEU A 1 17 ? 2.135   -3.193  -4.277  1.00 6.11  ? 1111 LEU A CD2  1 
ATOM   242  H H    . LEU A 1 17 ? 3.477   -0.316  -7.878  1.00 4.58  ? 1111 LEU A H    1 
ATOM   243  H HA   . LEU A 1 17 ? 3.463   -2.942  -8.143  1.00 4.83  ? 1111 LEU A HA   1 
ATOM   244  H HB2  . LEU A 1 17 ? 3.614   -1.925  -6.044  1.00 5.30  ? 1111 LEU A HB2  1 
ATOM   245  H HB3  . LEU A 1 17 ? 2.113   -1.425  -6.196  1.00 5.30  ? 1111 LEU A HB3  1 
ATOM   246  H HG   . LEU A 1 17 ? 1.385   -3.638  -6.155  1.00 6.42  ? 1111 LEU A HG   1 
ATOM   247  H HD11 . LEU A 1 17 ? 2.858   -5.353  -5.490  1.00 7.96  ? 1111 LEU A HD11 1 
ATOM   248  H HD12 . LEU A 1 17 ? 3.101   -4.838  -6.973  1.00 7.96  ? 1111 LEU A HD12 1 
ATOM   249  H HD13 . LEU A 1 17 ? 4.063   -4.366  -5.801  1.00 7.96  ? 1111 LEU A HD13 1 
ATOM   250  H HD21 . LEU A 1 17 ? 1.859   -4.020  -3.853  1.00 7.35  ? 1111 LEU A HD21 1 
ATOM   251  H HD22 . LEU A 1 17 ? 3.000   -2.919  -3.934  1.00 7.35  ? 1111 LEU A HD22 1 
ATOM   252  H HD23 . LEU A 1 17 ? 1.478   -2.499  -4.110  1.00 7.35  ? 1111 LEU A HD23 1 
ATOM   253  N N    . GLY A 1 18 ? 0.826   -1.497  -9.081  1.00 3.46  ? 1112 GLY A N    1 
ATOM   254  C CA   . GLY A 1 18 ? -0.458  -1.737  -9.691  1.00 4.82  ? 1112 GLY A CA   1 
ATOM   255  C C    . GLY A 1 18 ? -1.601  -1.904  -8.721  1.00 4.05  ? 1112 GLY A C    1 
ATOM   256  O O    . GLY A 1 18 ? -2.505  -2.696  -8.972  1.00 5.54  ? 1112 GLY A O    1 
ATOM   257  H H    . GLY A 1 18 ? 1.075   -0.674  -9.080  1.00 4.18  ? 1112 GLY A H    1 
ATOM   258  H HA2  . GLY A 1 18 ? -0.671  -0.989  -10.272 1.00 5.81  ? 1112 GLY A HA2  1 
ATOM   259  H HA3  . GLY A 1 18 ? -0.402  -2.545  -10.225 1.00 5.81  ? 1112 GLY A HA3  1 
ATOM   260  N N    . ILE A 1 19 ? -1.584  -1.184  -7.607  1.00 4.15  ? 1113 ILE A N    1 
ATOM   261  C CA   . ILE A 1 19 ? -2.698  -1.171  -6.674  1.00 4.15  ? 1113 ILE A CA   1 
ATOM   262  C C    . ILE A 1 19 ? -3.142  0.258   -6.465  1.00 4.61  ? 1113 ILE A C    1 
ATOM   263  O O    . ILE A 1 19 ? -2.391  1.206   -6.673  1.00 6.78  ? 1113 ILE A O    1 
ATOM   264  C CB   . ILE A 1 19 ? -2.380  -1.820  -5.323  1.00 4.39  ? 1113 ILE A CB   1 
ATOM   265  C CG1  . ILE A 1 19 ? -1.283  -1.072  -4.574  1.00 5.40  ? 1113 ILE A CG1  1 
ATOM   266  C CG2  . ILE A 1 19 ? -2.004  -3.266  -5.534  1.00 5.74  ? 1113 ILE A CG2  1 
ATOM   267  C CD1  . ILE A 1 19 ? -1.129  -1.525  -3.137  1.00 6.19  ? 1113 ILE A CD1  1 
ATOM   268  H H    . ILE A 1 19 ? -0.924  -0.686  -7.368  1.00 5.00  ? 1113 ILE A H    1 
ATOM   269  H HA   . ILE A 1 19 ? -3.424  -1.673  -7.078  1.00 5.00  ? 1113 ILE A HA   1 
ATOM   270  H HB   . ILE A 1 19 ? -3.177  -1.771  -4.773  1.00 5.29  ? 1113 ILE A HB   1 
ATOM   271  H HG12 . ILE A 1 19 ? -0.437  -1.219  -5.026  1.00 6.49  ? 1113 ILE A HG12 1 
ATOM   272  H HG13 . ILE A 1 19 ? -1.495  -0.126  -4.568  1.00 6.49  ? 1113 ILE A HG13 1 
ATOM   273  H HG21 . ILE A 1 19 ? -1.919  -3.698  -4.670  1.00 6.90  ? 1113 ILE A HG21 1 
ATOM   274  H HG22 . ILE A 1 19 ? -2.697  -3.700  -6.056  1.00 6.90  ? 1113 ILE A HG22 1 
ATOM   275  H HG23 . ILE A 1 19 ? -1.158  -3.306  -6.007  1.00 6.90  ? 1113 ILE A HG23 1 
ATOM   276  H HD11 . ILE A 1 19 ? -0.450  -0.982  -2.706  1.00 7.44  ? 1113 ILE A HD11 1 
ATOM   277  H HD12 . ILE A 1 19 ? -1.978  -1.418  -2.680  1.00 7.44  ? 1113 ILE A HD12 1 
ATOM   278  H HD13 . ILE A 1 19 ? -0.862  -2.458  -3.127  1.00 7.44  ? 1113 ILE A HD13 1 
ATOM   279  N N    . SER A 1 20 ? -4.388  0.410   -6.055  1.00 4.84  ? 1114 SER A N    1 
ATOM   280  C CA   . SER A 1 20 ? -4.906  1.673   -5.565  1.00 4.48  ? 1114 SER A CA   1 
ATOM   281  C C    . SER A 1 20 ? -5.054  1.562   -4.062  1.00 4.53  ? 1114 SER A C    1 
ATOM   282  O O    . SER A 1 20 ? -5.329  0.488   -3.528  1.00 4.30  ? 1114 SER A O    1 
ATOM   283  C CB   . SER A 1 20 ? -6.264  1.982   -6.169  1.00 7.81  ? 1114 SER A CB   1 
ATOM   284  O OG   . SER A 1 20 ? -6.245  1.721   -7.555  1.00 14.93 ? 1114 SER A OG   1 
ATOM   285  H H    . SER A 1 20 ? -4.968  -0.225  -6.049  1.00 5.82  ? 1114 SER A H    1 
ATOM   286  H HA   . SER A 1 20 ? -4.304  2.399   -5.795  1.00 5.39  ? 1114 SER A HA   1 
ATOM   287  H HB2  . SER A 1 20 ? -6.936  1.424   -5.747  1.00 9.40  ? 1114 SER A HB2  1 
ATOM   288  H HB3  . SER A 1 20 ? -6.472  2.919   -6.024  1.00 9.40  ? 1114 SER A HB3  1 
ATOM   289  H HG   . SER A 1 20 ? -5.527  1.998   -7.891  1.00 17.94 ? 1114 SER A HG   1 
ATOM   290  N N    . ILE A 1 21 ? -4.878  2.687   -3.387  1.00 3.73  ? 1115 ILE A N    1 
ATOM   291  C CA   . ILE A 1 21 ? -4.953  2.744   -1.939  1.00 4.99  ? 1115 ILE A CA   1 
ATOM   292  C C    . ILE A 1 21 ? -5.919  3.831   -1.507  1.00 4.34  ? 1115 ILE A C    1 
ATOM   293  O O    . ILE A 1 21 ? -6.180  4.793   -2.229  1.00 5.94  ? 1115 ILE A O    1 
ATOM   294  C CB   . ILE A 1 21 ? -3.574  2.946   -1.279  1.00 4.84  ? 1115 ILE A CB   1 
ATOM   295  C CG1  . ILE A 1 21 ? -2.900  4.206   -1.822  1.00 7.12  ? 1115 ILE A CG1  1 
ATOM   296  C CG2  . ILE A 1 21 ? -2.719  1.714   -1.513  1.00 6.18  ? 1115 ILE A CG2  1 
ATOM   297  C CD1  . ILE A 1 21 ? -1.669  4.615   -1.059  1.00 7.47  ? 1115 ILE A CD1  1 
ATOM   298  H H    . ILE A 1 21 ? -4.711  3.445   -3.756  1.00 4.50  ? 1115 ILE A H    1 
ATOM   299  H HA   . ILE A 1 21 ? -5.317  1.900   -1.627  1.00 6.00  ? 1115 ILE A HA   1 
ATOM   300  H HB   . ILE A 1 21 ? -3.688  3.070   -0.324  1.00 5.82  ? 1115 ILE A HB   1 
ATOM   301  H HG12 . ILE A 1 21 ? -2.637  4.048   -2.743  1.00 8.56  ? 1115 ILE A HG12 1 
ATOM   302  H HG13 . ILE A 1 21 ? -3.532  4.941   -1.779  1.00 8.56  ? 1115 ILE A HG13 1 
ATOM   303  H HG21 . ILE A 1 21 ? -1.859  1.839   -1.082  1.00 7.43  ? 1115 ILE A HG21 1 
ATOM   304  H HG22 . ILE A 1 21 ? -3.169  0.942   -1.135  1.00 7.43  ? 1115 ILE A HG22 1 
ATOM   305  H HG23 . ILE A 1 21 ? -2.596  1.591   -2.467  1.00 7.43  ? 1115 ILE A HG23 1 
ATOM   306  H HD11 . ILE A 1 21 ? -1.325  5.441   -1.434  1.00 8.98  ? 1115 ILE A HD11 1 
ATOM   307  H HD12 . ILE A 1 21 ? -1.905  4.748   -0.128  1.00 8.98  ? 1115 ILE A HD12 1 
ATOM   308  H HD13 . ILE A 1 21 ? -1.003  3.914   -1.134  1.00 8.98  ? 1115 ILE A HD13 1 
ATOM   309  N N    . ARG A 1 22 ? -6.426  3.670   -0.295  1.00 4.63  ? 1116 ARG A N    1 
ATOM   310  C CA   . ARG A 1 22 ? -7.262  4.661   0.348   1.00 5.48  ? 1116 ARG A CA   1 
ATOM   311  C C    . ARG A 1 22 ? -6.826  4.777   1.794   1.00 4.69  ? 1116 ARG A C    1 
ATOM   312  O O    . ARG A 1 22 ? -6.113  3.923   2.323   1.00 5.97  ? 1116 ARG A O    1 
ATOM   313  C CB   . ARG A 1 22 ? -8.733  4.263   0.306   1.00 5.83  ? 1116 ARG A CB   1 
ATOM   314  C CG   . ARG A 1 22 ? -9.006  2.966   1.016   1.00 6.39  ? 1116 ARG A CG   1 
ATOM   315  C CD   . ARG A 1 22 ? -10.488 2.585   1.008   1.00 8.26  ? 1116 ARG A CD   1 
ATOM   316  N NE   . ARG A 1 22 ? -10.675 1.291   1.639   1.00 7.59  ? 1116 ARG A NE   1 
ATOM   317  C CZ   . ARG A 1 22 ? -10.749 1.093   2.952   1.00 6.13  ? 1116 ARG A CZ   1 
ATOM   318  N NH1  . ARG A 1 22 ? -10.879 -0.135  3.421   1.00 6.44  ? 1116 ARG A NH1  1 
ATOM   319  N NH2  . ARG A 1 22 ? -10.681 2.112   3.799   1.00 8.92  ? 1116 ARG A NH2  1 
ATOM   320  H H    . ARG A 1 22 ? -6.293  2.970   0.188   1.00 5.57  ? 1116 ARG A H    1 
ATOM   321  H HA   . ARG A 1 22 ? -7.152  5.514   -0.102  1.00 6.60  ? 1116 ARG A HA   1 
ATOM   322  H HB2  . ARG A 1 22 ? -9.261  4.955   0.734   1.00 7.02  ? 1116 ARG A HB2  1 
ATOM   323  H HB3  . ARG A 1 22 ? -9.007  4.162   -0.619  1.00 7.02  ? 1116 ARG A HB3  1 
ATOM   324  H HG2  . ARG A 1 22 ? -8.512  2.255   0.577   1.00 7.69  ? 1116 ARG A HG2  1 
ATOM   325  H HG3  . ARG A 1 22 ? -8.722  3.045   1.940   1.00 7.69  ? 1116 ARG A HG3  1 
ATOM   326  H HD2  . ARG A 1 22 ? -10.997 3.247   1.500   1.00 9.93  ? 1116 ARG A HD2  1 
ATOM   327  H HD3  . ARG A 1 22 ? -10.806 2.534   0.094   1.00 9.93  ? 1116 ARG A HD3  1 
ATOM   328  H HE   . ARG A 1 22 ? -10.742 0.604   1.128   1.00 9.13  ? 1116 ARG A HE   1 
ATOM   329  H HH11 . ARG A 1 22 ? -10.916 -0.802  2.878   1.00 7.75  ? 1116 ARG A HH11 1 
ATOM   330  H HH12 . ARG A 1 22 ? -10.928 -0.269  4.269   1.00 7.75  ? 1116 ARG A HH12 1 
ATOM   331  H HH21 . ARG A 1 22 ? -10.588 2.914   3.502   1.00 10.72 ? 1116 ARG A HH21 1 
ATOM   332  H HH22 . ARG A 1 22 ? -10.731 1.971   4.646   1.00 10.72 ? 1116 ARG A HH22 1 
ATOM   333  N N    . GLY A 1 23 ? -7.298  5.831   2.456   1.00 5.93  ? 1117 GLY A N    1 
ATOM   334  C CA   . GLY A 1 23 ? -7.088  6.006   3.873   1.00 6.59  ? 1117 GLY A CA   1 
ATOM   335  C C    . GLY A 1 23 ? -6.022  7.023   4.172   1.00 7.78  ? 1117 GLY A C    1 
ATOM   336  O O    . GLY A 1 23 ? -5.795  7.942   3.382   1.00 11.97 ? 1117 GLY A O    1 
ATOM   337  H H    . GLY A 1 23 ? -7.750  6.466   2.092   1.00 7.13  ? 1117 GLY A H    1 
ATOM   338  H HA2  . GLY A 1 23 ? -7.915  6.298   4.288   1.00 7.93  ? 1117 GLY A HA2  1 
ATOM   339  H HA3  . GLY A 1 23 ? -6.821  5.159   4.266   1.00 7.93  ? 1117 GLY A HA3  1 
ATOM   340  N N    . GLY A 1 24 ? -5.339  6.858   5.292   1.00 8.56  ? 1118 GLY A N    1 
ATOM   341  C CA   . GLY A 1 24 ? -4.380  7.847   5.735   1.00 9.27  ? 1118 GLY A CA   1 
ATOM   342  C C    . GLY A 1 24 ? -4.992  8.851   6.686   1.00 8.39  ? 1118 GLY A C    1 
ATOM   343  O O    . GLY A 1 24 ? -6.102  8.682   7.197   1.00 8.23  ? 1118 GLY A O    1 
ATOM   344  H H    . GLY A 1 24 ? -5.415  6.179   5.815   1.00 10.29 ? 1118 GLY A H    1 
ATOM   345  H HA2  . GLY A 1 24 ? -3.646  7.403   6.189   1.00 11.14 ? 1118 GLY A HA2  1 
ATOM   346  H HA3  . GLY A 1 24 ? -4.032  8.325   4.966   1.00 11.14 ? 1118 GLY A HA3  1 
ATOM   347  N N    . ALA A 1 25 ? -4.233  9.917   6.939   1.00 9.90  ? 1119 ALA A N    1 
ATOM   348  C CA   . ALA A 1 25 ? -4.644  10.937  7.892   1.00 9.46  ? 1119 ALA A CA   1 
ATOM   349  C C    . ALA A 1 25 ? -6.005  11.506  7.502   1.00 8.69  ? 1119 ALA A C    1 
ATOM   350  O O    . ALA A 1 25 ? -6.275  11.769  6.336   1.00 10.64 ? 1119 ALA A O    1 
ATOM   351  C CB   . ALA A 1 25 ? -3.602  12.055  7.929   1.00 12.64 ? 1119 ALA A CB   1 
ATOM   352  H H    . ALA A 1 25 ? -3.472  10.072  6.570   1.00 11.90 ? 1119 ALA A H    1 
ATOM   353  H HA   . ALA A 1 25 ? -4.715  10.550  8.778   1.00 11.37 ? 1119 ALA A HA   1 
ATOM   354  H HB1  . ALA A 1 25 ? -3.884  12.728  8.569   1.00 15.19 ? 1119 ALA A HB1  1 
ATOM   355  H HB2  . ALA A 1 25 ? -2.748  11.681  8.197   1.00 15.19 ? 1119 ALA A HB2  1 
ATOM   356  H HB3  . ALA A 1 25 ? -3.529  12.448  7.046   1.00 15.19 ? 1119 ALA A HB3  1 
ATOM   357  N N    . ARG A 1 26 ? -6.869  11.684  8.487   1.00 7.14  ? 1120 ARG A N    1 
ATOM   358  C CA   . ARG A 1 26 ? -8.203  12.202  8.246   1.00 7.94  ? 1120 ARG A CA   1 
ATOM   359  C C    . ARG A 1 26 ? -8.243  13.704  8.478   1.00 10.28 ? 1120 ARG A C    1 
ATOM   360  O O    . ARG A 1 26 ? -7.372  14.287  9.130   1.00 12.49 ? 1120 ARG A O    1 
ATOM   361  C CB   . ARG A 1 26 ? -9.228  11.492  9.131   1.00 10.41 ? 1120 ARG A CB   1 
ATOM   362  C CG   . ARG A 1 26 ? -9.406  10.046  8.726   1.00 10.43 ? 1120 ARG A CG   1 
ATOM   363  C CD   . ARG A 1 26 ? -10.461 9.325   9.540   1.00 11.87 ? 1120 ARG A CD   1 
ATOM   364  N NE   . ARG A 1 26 ? -10.525 7.937   9.083   1.00 11.78 ? 1120 ARG A NE   1 
ATOM   365  C CZ   . ARG A 1 26 ? -11.628 7.280   8.739   1.00 16.97 ? 1120 ARG A CZ   1 
ATOM   366  N NH1  . ARG A 1 26 ? -12.824 7.846   8.839   1.00 23.12 ? 1120 ARG A NH1  1 
ATOM   367  N NH2  . ARG A 1 26 ? -11.528 6.029   8.323   1.00 18.97 ? 1120 ARG A NH2  1 
ATOM   368  H H    . ARG A 1 26 ? -6.701  11.509  9.313   1.00 8.59  ? 1120 ARG A H    1 
ATOM   369  H HA   . ARG A 1 26 ? -8.450  12.039  7.322   1.00 9.54  ? 1120 ARG A HA   1 
ATOM   370  H HB2  . ARG A 1 26 ? -8.926  11.515  10.053  1.00 12.51 ? 1120 ARG A HB2  1 
ATOM   371  H HB3  . ARG A 1 26 ? -10.086 11.939  9.051   1.00 12.51 ? 1120 ARG A HB3  1 
ATOM   372  H HG2  . ARG A 1 26 ? -9.673  10.010  7.795   1.00 12.54 ? 1120 ARG A HG2  1 
ATOM   373  H HG3  . ARG A 1 26 ? -8.565  9.578   8.849   1.00 12.54 ? 1120 ARG A HG3  1 
ATOM   374  H HD2  . ARG A 1 26 ? -10.225 9.340   10.481  1.00 14.26 ? 1120 ARG A HD2  1 
ATOM   375  H HD3  . ARG A 1 26 ? -11.327 9.743   9.409   1.00 14.26 ? 1120 ARG A HD3  1 
ATOM   376  H HE   . ARG A 1 26 ? -9.782  7.507   9.033   1.00 14.15 ? 1120 ARG A HE   1 
ATOM   377  H HH11 . ARG A 1 26 ? -12.896 8.653   9.130   1.00 27.76 ? 1120 ARG A HH11 1 
ATOM   378  H HH12 . ARG A 1 26 ? -13.528 7.407   8.612   1.00 27.76 ? 1120 ARG A HH12 1 
ATOM   379  H HH21 . ARG A 1 26 ? -10.756 5.651   8.277   1.00 22.79 ? 1120 ARG A HH21 1 
ATOM   380  H HH22 . ARG A 1 26 ? -12.234 5.593   8.097   1.00 22.79 ? 1120 ARG A HH22 1 
ATOM   381  N N    . GLY A 1 27 ? -9.264  14.328  7.913   1.00 9.84  ? 1121 GLY A N    1 
ATOM   382  C CA   . GLY A 1 27 ? -9.501  15.750  8.042   1.00 10.34 ? 1121 GLY A CA   1 
ATOM   383  C C    . GLY A 1 27 ? -10.533 16.075  9.101   1.00 8.69  ? 1121 GLY A C    1 
ATOM   384  O O    . GLY A 1 27 ? -10.598 15.447  10.167  1.00 9.52  ? 1121 GLY A O    1 
ATOM   385  H H    . GLY A 1 27 ? -9.854  13.928  7.432   1.00 11.82 ? 1121 GLY A H    1 
ATOM   386  H HA2  . GLY A 1 27 ? -8.672  16.194  8.280   1.00 12.43 ? 1121 GLY A HA2  1 
ATOM   387  H HA3  . GLY A 1 27 ? -9.815  16.101  7.194   1.00 12.43 ? 1121 GLY A HA3  1 
ATOM   388  N N    . HIS A 1 28 ? -11.378 17.054  8.800   1.00 8.20  ? 1122 HIS A N    1 
ATOM   389  C CA   . HIS A 1 28 ? -12.266 17.631  9.801   1.00 6.04  ? 1122 HIS A CA   1 
ATOM   390  C C    . HIS A 1 28 ? -13.502 16.791  10.078  1.00 7.57  ? 1122 HIS A C    1 
ATOM   391  O O    . HIS A 1 28 ? -14.283 17.159  10.958  1.00 7.77  ? 1122 HIS A O    1 
ATOM   392  C CB   . HIS A 1 28 ? -12.624 19.062  9.398   1.00 6.74  ? 1122 HIS A CB   1 
ATOM   393  C CG   . HIS A 1 28 ? -11.433 19.961  9.302   1.00 5.20  ? 1122 HIS A CG   1 
ATOM   394  N ND1  . HIS A 1 28 ? -11.412 21.093  8.527   1.00 5.74  ? 1122 HIS A ND1  1 
ATOM   395  C CD2  . HIS A 1 28 ? -10.213 19.877  9.883   1.00 7.05  ? 1122 HIS A CD2  1 
ATOM   396  C CE1  . HIS A 1 28 ? -10.230 21.677  8.633   1.00 6.20  ? 1122 HIS A CE1  1 
ATOM   397  N NE2  . HIS A 1 28 ? -9.484  20.956  9.449   1.00 6.10  ? 1122 HIS A NE2  1 
ATOM   398  H H    . HIS A 1 28 ? -11.456 17.403  8.019   1.00 9.86  ? 1122 HIS A H    1 
ATOM   399  H HA   . HIS A 1 28 ? -11.801 17.687  10.650  1.00 7.26  ? 1122 HIS A HA   1 
ATOM   400  H HB2  . HIS A 1 28 ? -13.055 19.045  8.529   1.00 8.10  ? 1122 HIS A HB2  1 
ATOM   401  H HB3  . HIS A 1 28 ? -13.226 19.433  10.060  1.00 8.10  ? 1122 HIS A HB3  1 
ATOM   402  H HD2  . HIS A 1 28 ? -9.924  19.213  10.466  1.00 8.48  ? 1122 HIS A HD2  1 
ATOM   403  H HE1  . HIS A 1 28 ? -9.969  22.461  8.207   1.00 7.45  ? 1122 HIS A HE1  1 
ATOM   404  H HE2  . HIS A 1 28 ? -8.672  21.133  9.673   1.00 7.34  ? 1122 HIS A HE2  1 
ATOM   405  N N    . ALA A 1 29 ? -13.685 15.675  9.381   1.00 5.13  ? 1123 ALA A N    1 
ATOM   406  C CA   . ALA A 1 29 ? -14.687 14.702  9.779   1.00 6.04  ? 1123 ALA A CA   1 
ATOM   407  C C    . ALA A 1 29 ? -14.114 13.634  10.698  1.00 6.59  ? 1123 ALA A C    1 
ATOM   408  O O    . ALA A 1 29 ? -14.884 12.848  11.264  1.00 8.69  ? 1123 ALA A O    1 
ATOM   409  C CB   . ALA A 1 29 ? -15.351 14.044  8.576   1.00 7.01  ? 1123 ALA A CB   1 
ATOM   410  H H    . ALA A 1 29 ? -13.241 15.463  8.676   1.00 6.18  ? 1123 ALA A H    1 
ATOM   411  H HA   . ALA A 1 29 ? -15.394 15.172  10.248  1.00 7.27  ? 1123 ALA A HA   1 
ATOM   412  H HB1  . ALA A 1 29 ? -16.014 13.409  8.890   1.00 8.43  ? 1123 ALA A HB1  1 
ATOM   413  H HB2  . ALA A 1 29 ? -15.779 14.728  8.037   1.00 8.43  ? 1123 ALA A HB2  1 
ATOM   414  H HB3  . ALA A 1 29 ? -14.675 13.586  8.053   1.00 8.43  ? 1123 ALA A HB3  1 
ATOM   415  N N    . GLY A 1 30 ? -12.804 13.596  10.864  1.00 6.90  ? 1124 GLY A N    1 
ATOM   416  C CA   . GLY A 1 30 ? -12.159 12.612  11.704  1.00 7.41  ? 1124 GLY A CA   1 
ATOM   417  C C    . GLY A 1 30 ? -12.145 13.005  13.158  1.00 7.72  ? 1124 GLY A C    1 
ATOM   418  O O    . GLY A 1 30 ? -12.741 13.986  13.586  1.00 7.64  ? 1124 GLY A O    1 
ATOM   419  H H    . GLY A 1 30 ? -12.257 14.143  10.490  1.00 8.29  ? 1124 GLY A H    1 
ATOM   420  H HA2  . GLY A 1 30 ? -12.626 11.766  11.623  1.00 8.91  ? 1124 GLY A HA2  1 
ATOM   421  H HA3  . GLY A 1 30 ? -11.241 12.496  11.412  1.00 8.91  ? 1124 GLY A HA3  1 
ATOM   422  N N    . ASN A 1 31 ? -11.416 12.212  13.943  1.00 6.59  ? 1125 ASN A N    1 
ATOM   423  C CA   . ASN A 1 31 ? -11.351 12.372  15.389  1.00 7.52  ? 1125 ASN A CA   1 
ATOM   424  C C    . ASN A 1 31 ? -9.899  12.290  15.830  1.00 7.77  ? 1125 ASN A C    1 
ATOM   425  O O    . ASN A 1 31 ? -9.365  11.185  16.039  1.00 8.09  ? 1125 ASN A O    1 
ATOM   426  C CB   . ASN A 1 31 ? -12.172 11.291  16.076  1.00 8.94  ? 1125 ASN A CB   1 
ATOM   427  C CG   . ASN A 1 31 ? -12.093 11.376  17.577  1.00 8.88  ? 1125 ASN A CG   1 
ATOM   428  O OD1  . ASN A 1 31 ? -11.537 12.316  18.125  1.00 9.49  ? 1125 ASN A OD1  1 
ATOM   429  N ND2  . ASN A 1 31 ? -12.666 10.398  18.253  1.00 12.38 ? 1125 ASN A ND2  1 
ATOM   430  H H    . ASN A 1 31 ? -10.941 11.559  13.650  1.00 7.92  ? 1125 ASN A H    1 
ATOM   431  H HA   . ASN A 1 31 ? -11.696 13.244  15.636  1.00 9.05  ? 1125 ASN A HA   1 
ATOM   432  H HB2  . ASN A 1 31 ? -13.102 11.387  15.818  1.00 10.75 ? 1125 ASN A HB2  1 
ATOM   433  H HB3  . ASN A 1 31 ? -11.840 10.421  15.805  1.00 10.75 ? 1125 ASN A HB3  1 
ATOM   434  H HD21 . ASN A 1 31 ? -12.648 10.400  19.113  1.00 14.87 ? 1125 ASN A HD21 1 
ATOM   435  H HD22 . ASN A 1 31 ? -13.057 9.757   17.833  1.00 14.87 ? 1125 ASN A HD22 1 
ATOM   436  N N    . PRO A 1 32 ? -9.233  13.429  16.017  1.00 8.65  ? 1126 PRO A N    1 
ATOM   437  C CA   . PRO A 1 32 ? -7.823  13.396  16.436  1.00 7.78  ? 1126 PRO A CA   1 
ATOM   438  C C    . PRO A 1 32 ? -7.592  12.748  17.790  1.00 8.31  ? 1126 PRO A C    1 
ATOM   439  O O    . PRO A 1 32 ? -6.452  12.342  18.071  1.00 9.68  ? 1126 PRO A O    1 
ATOM   440  C CB   . PRO A 1 32 ? -7.410  14.873  16.424  1.00 10.21 ? 1126 PRO A CB   1 
ATOM   441  C CG   . PRO A 1 32 ? -8.366  15.519  15.446  1.00 11.25 ? 1126 PRO A CG   1 
ATOM   442  C CD   . PRO A 1 32 ? -9.671  14.785  15.631  1.00 7.80  ? 1126 PRO A CD   1 
ATOM   443  H HA   . PRO A 1 32 ? -7.297  12.920  15.774  1.00 9.36  ? 1126 PRO A HA   1 
ATOM   444  H HB2  . PRO A 1 32 ? -7.507  15.253  17.311  1.00 12.27 ? 1126 PRO A HB2  1 
ATOM   445  H HB3  . PRO A 1 32 ? -6.491  14.960  16.124  1.00 12.27 ? 1126 PRO A HB3  1 
ATOM   446  H HG2  . PRO A 1 32 ? -8.466  16.461  15.655  1.00 13.51 ? 1126 PRO A HG2  1 
ATOM   447  H HG3  . PRO A 1 32 ? -8.034  15.414  14.540  1.00 13.51 ? 1126 PRO A HG3  1 
ATOM   448  H HD2  . PRO A 1 32 ? -10.201 15.192  16.334  1.00 9.38  ? 1126 PRO A HD2  1 
ATOM   449  H HD3  . PRO A 1 32 ? -10.177 14.763  14.803  1.00 9.38  ? 1126 PRO A HD3  1 
ATOM   450  N N    . ARG A 1 33 ? -8.624  12.619  18.631  1.00 7.52  ? 1127 ARG A N    1 
ATOM   451  C CA   . ARG A 1 33 ? -8.484  11.891  19.889  1.00 8.48  ? 1127 ARG A CA   1 
ATOM   452  C C    . ARG A 1 33 ? -8.313  10.392  19.678  1.00 7.93  ? 1127 ARG A C    1 
ATOM   453  O O    . ARG A 1 33 ? -7.883  9.684   20.603  1.00 9.81  ? 1127 ARG A O    1 
ATOM   454  C CB   . ARG A 1 33 ? -9.701  12.151  20.781  1.00 9.30  ? 1127 ARG A CB   1 
ATOM   455  C CG   . ARG A 1 33 ? -9.816  13.597  21.241  1.00 10.29 ? 1127 ARG A CG   1 
ATOM   456  C CD   . ARG A 1 33 ? -11.122 13.836  21.984  1.00 11.17 ? 1127 ARG A CD   1 
ATOM   457  N NE   . ARG A 1 33 ? -12.252 13.757  21.063  1.00 15.29 ? 1127 ARG A NE   1 
ATOM   458  C CZ   . ARG A 1 33 ? -13.504 13.471  21.416  1.00 14.20 ? 1127 ARG A CZ   1 
ATOM   459  N NH1  . ARG A 1 33 ? -13.816 13.224  22.684  1.00 16.23 ? 1127 ARG A NH1  1 
ATOM   460  N NH2  . ARG A 1 33 ? -14.447 13.421  20.491  1.00 19.32 ? 1127 ARG A NH2  1 
ATOM   461  H H    . ARG A 1 33 ? -9.409  12.943  18.496  1.00 9.05  ? 1127 ARG A H    1 
ATOM   462  H HA   . ARG A 1 33 ? -7.696  12.219  20.349  1.00 10.20 ? 1127 ARG A HA   1 
ATOM   463  H HB2  . ARG A 1 33 ? -10.506 11.931  20.286  1.00 11.18 ? 1127 ARG A HB2  1 
ATOM   464  H HB3  . ARG A 1 33 ? -9.636  11.593  21.571  1.00 11.18 ? 1127 ARG A HB3  1 
ATOM   465  H HG2  . ARG A 1 33 ? -9.081  13.804  21.839  1.00 12.36 ? 1127 ARG A HG2  1 
ATOM   466  H HG3  . ARG A 1 33 ? -9.791  14.183  20.468  1.00 12.36 ? 1127 ARG A HG3  1 
ATOM   467  H HD2  . ARG A 1 33 ? -11.233 13.161  22.671  1.00 13.42 ? 1127 ARG A HD2  1 
ATOM   468  H HD3  . ARG A 1 33 ? -11.110 14.720  22.385  1.00 13.42 ? 1127 ARG A HD3  1 
ATOM   469  H HE   . ARG A 1 33 ? -12.099 13.907  20.231  1.00 18.36 ? 1127 ARG A HE   1 
ATOM   470  H HH11 . ARG A 1 33 ? -13.206 13.249  23.290  1.00 19.49 ? 1127 ARG A HH11 1 
ATOM   471  H HH12 . ARG A 1 33 ? -14.628 13.041  22.898  1.00 19.49 ? 1127 ARG A HH12 1 
ATOM   472  H HH21 . ARG A 1 33 ? -14.251 13.573  19.667  1.00 23.20 ? 1127 ARG A HH21 1 
ATOM   473  H HH22 . ARG A 1 33 ? -15.257 13.236  20.713  1.00 23.20 ? 1127 ARG A HH22 1 
ATOM   474  N N    . ASP A 1 34 ? -8.637  9.876   18.495  1.00 8.06  ? 1128 ASP A N    1 
ATOM   475  C CA   . ASP A 1 34 ? -8.489  8.460   18.192  1.00 8.96  ? 1128 ASP A CA   1 
ATOM   476  C C    . ASP A 1 34 ? -7.985  8.332   16.768  1.00 9.82  ? 1128 ASP A C    1 
ATOM   477  O O    . ASP A 1 34 ? -8.774  8.188   15.826  1.00 9.73  ? 1128 ASP A O    1 
ATOM   478  C CB   . ASP A 1 34 ? -9.803  7.707   18.353  1.00 12.22 ? 1128 ASP A CB   1 
ATOM   479  C CG   . ASP A 1 34 ? -9.650  6.237   18.062  1.00 14.44 ? 1128 ASP A CG   1 
ATOM   480  O OD1  . ASP A 1 34 ? -8.509  5.795   17.752  1.00 14.97 ? 1128 ASP A OD1  1 
ATOM   481  O OD2  . ASP A 1 34 ? -10.674 5.526   18.132  1.00 18.83 ? 1128 ASP A OD2  1 
ATOM   482  H H    . ASP A 1 34 ? -8.952  10.338  17.841  1.00 9.69  ? 1128 ASP A H    1 
ATOM   483  H HA   . ASP A 1 34 ? -7.839  8.072   18.799  1.00 10.77 ? 1128 ASP A HA   1 
ATOM   484  H HB2  . ASP A 1 34 ? -10.117 7.804   19.265  1.00 14.68 ? 1128 ASP A HB2  1 
ATOM   485  H HB3  . ASP A 1 34 ? -10.457 8.072   17.736  1.00 14.68 ? 1128 ASP A HB3  1 
ATOM   486  N N    . PRO A 1 35 ? -6.676  8.379   16.577  1.00 9.96  ? 1129 PRO A N    1 
ATOM   487  C CA   . PRO A 1 35 ? -6.131  8.352   15.215  1.00 11.32 ? 1129 PRO A CA   1 
ATOM   488  C C    . PRO A 1 35 ? -5.956  6.952   14.654  1.00 11.89 ? 1129 PRO A C    1 
ATOM   489  O O    . PRO A 1 35 ? -5.258  6.785   13.646  1.00 14.33 ? 1129 PRO A O    1 
ATOM   490  C CB   . PRO A 1 35 ? -4.769  9.044   15.381  1.00 14.76 ? 1129 PRO A CB   1 
ATOM   491  C CG   . PRO A 1 35 ? -4.346  8.660   16.784  1.00 14.33 ? 1129 PRO A CG   1 
ATOM   492  C CD   . PRO A 1 35 ? -5.621  8.566   17.598  1.00 12.01 ? 1129 PRO A CD   1 
ATOM   493  H HA   . PRO A 1 35 ? -6.706  8.860   14.622  1.00 13.61 ? 1129 PRO A HA   1 
ATOM   494  H HB2  . PRO A 1 35 ? -4.141  8.715   14.721  1.00 17.73 ? 1129 PRO A HB2  1 
ATOM   495  H HB3  . PRO A 1 35 ? -4.869  10.005  15.295  1.00 17.73 ? 1129 PRO A HB3  1 
ATOM   496  H HG2  . PRO A 1 35 ? -3.890  7.804   16.764  1.00 17.22 ? 1129 PRO A HG2  1 
ATOM   497  H HG3  . PRO A 1 35 ? -3.759  9.341   17.145  1.00 17.22 ? 1129 PRO A HG3  1 
ATOM   498  H HD2  . PRO A 1 35 ? -5.588  7.808   18.202  1.00 14.43 ? 1129 PRO A HD2  1 
ATOM   499  H HD3  . PRO A 1 35 ? -5.769  9.384   18.098  1.00 14.43 ? 1129 PRO A HD3  1 
ATOM   500  N N    . THR A 1 36 ? -6.578  5.942   15.268  1.00 8.68  ? 1130 THR A N    1 
ATOM   501  C CA   . THR A 1 36 ? -6.365  4.560   14.842  1.00 10.23 ? 1130 THR A CA   1 
ATOM   502  C C    . THR A 1 36 ? -7.169  4.194   13.602  1.00 10.29 ? 1130 THR A C    1 
ATOM   503  O O    . THR A 1 36 ? -7.038  3.069   13.100  1.00 12.75 ? 1130 THR A O    1 
ATOM   504  C CB   . THR A 1 36 ? -6.691  3.577   15.971  1.00 14.55 ? 1130 THR A CB   1 
ATOM   505  O OG1  . THR A 1 36 ? -8.099  3.590   16.225  1.00 14.37 ? 1130 THR A OG1  1 
ATOM   506  C CG2  . THR A 1 36 ? -5.941  3.942   17.245  1.00 16.18 ? 1130 THR A CG2  1 
ATOM   507  H H    . THR A 1 36 ? -7.122  6.032   15.927  1.00 10.44 ? 1130 THR A H    1 
ATOM   508  H HA   . THR A 1 36 ? -5.423  4.456   14.635  1.00 12.30 ? 1130 THR A HA   1 
ATOM   509  H HB   . THR A 1 36 ? -6.417  2.685   15.708  1.00 17.47 ? 1130 THR A HB   1 
ATOM   510  H HG1  . THR A 1 36 ? -8.346  4.365   16.436  1.00 17.26 ? 1130 THR A HG1  1 
ATOM   511  H HG21 . THR A 1 36 ? -6.082  3.260   17.920  1.00 19.44 ? 1130 THR A HG21 1 
ATOM   512  H HG22 . THR A 1 36 ? -4.992  4.014   17.062  1.00 19.44 ? 1130 THR A HG22 1 
ATOM   513  H HG23 . THR A 1 36 ? -6.261  4.794   17.585  1.00 19.44 ? 1130 THR A HG23 1 
ATOM   514  N N    . ASP A 1 37 ? -7.992  5.106   13.090  1.00 10.91 ? 1131 ASP A N    1 
ATOM   515  C CA   . ASP A 1 37 ? -8.737  4.869   11.862  1.00 11.03 ? 1131 ASP A CA   1 
ATOM   516  C C    . ASP A 1 37 ? -8.067  5.506   10.653  1.00 10.73 ? 1131 ASP A C    1 
ATOM   517  O O    . ASP A 1 37 ? -8.724  5.714   9.628   1.00 12.20 ? 1131 ASP A O    1 
ATOM   518  C CB   . ASP A 1 37 ? -10.184 5.347   12.004  1.00 10.82 ? 1131 ASP A CB   1 
ATOM   519  C CG   . ASP A 1 37 ? -10.292 6.840   12.288  1.00 9.45  ? 1131 ASP A CG   1 
ATOM   520  O OD1  . ASP A 1 37 ? -9.251  7.529   12.324  1.00 9.96  ? 1131 ASP A OD1  1 
ATOM   521  O OD2  . ASP A 1 37 ? -11.437 7.320   12.460  1.00 12.00 ? 1131 ASP A OD2  1 
ATOM   522  H H    . ASP A 1 37 ? -8.135  5.878   13.442  1.00 13.11 ? 1131 ASP A H    1 
ATOM   523  H HA   . ASP A 1 37 ? -8.774  3.913   11.705  1.00 13.25 ? 1131 ASP A HA   1 
ATOM   524  H HB2  . ASP A 1 37 ? -10.659 5.164   11.179  1.00 13.01 ? 1131 ASP A HB2  1 
ATOM   525  H HB3  . ASP A 1 37 ? -10.601 4.873   12.740  1.00 13.01 ? 1131 ASP A HB3  1 
ATOM   526  N N    . GLU A 1 38 ? -6.769  5.795   10.744  1.00 9.21  ? 1132 GLU A N    1 
ATOM   527  C CA   . GLU A 1 38 ? -6.021  6.431   9.667   1.00 8.95  ? 1132 GLU A CA   1 
ATOM   528  C C    . GLU A 1 38 ? -5.144  5.457   8.888   1.00 8.48  ? 1132 GLU A C    1 
ATOM   529  O O    . GLU A 1 38 ? -4.216  5.879   8.190   1.00 9.55  ? 1132 GLU A O    1 
ATOM   530  C CB   . GLU A 1 38 ? -5.207  7.594   10.226  1.00 10.31 ? 1132 GLU A CB   1 
ATOM   531  C CG   . GLU A 1 38 ? -6.075  8.689   10.825  1.00 10.68 ? 1132 GLU A CG   1 
ATOM   532  C CD   . GLU A 1 38 ? -5.298  9.903   11.264  1.00 14.17 ? 1132 GLU A CD   1 
ATOM   533  O OE1  . GLU A 1 38 ? -4.118  9.745   11.646  1.00 15.64 ? 1132 GLU A OE1  1 
ATOM   534  O OE2  . GLU A 1 38 ? -5.870  11.017  11.204  1.00 12.75 ? 1132 GLU A OE2  1 
ATOM   535  H H    . GLU A 1 38 ? -6.292  5.627   11.440  1.00 11.07 ? 1132 GLU A H    1 
ATOM   536  H HA   . GLU A 1 38 ? -6.652  6.795   9.026   1.00 10.76 ? 1132 GLU A HA   1 
ATOM   537  H HB2  . GLU A 1 38 ? -4.620  7.262   10.924  1.00 12.40 ? 1132 GLU A HB2  1 
ATOM   538  H HB3  . GLU A 1 38 ? -4.682  7.984   9.510   1.00 12.40 ? 1132 GLU A HB3  1 
ATOM   539  H HG2  . GLU A 1 38 ? -6.721  8.975   10.159  1.00 12.83 ? 1132 GLU A HG2  1 
ATOM   540  H HG3  . GLU A 1 38 ? -6.534  8.334   11.601  1.00 12.83 ? 1132 GLU A HG3  1 
ATOM   541  N N    . GLY A 1 39 ? -5.447  4.175   8.961   1.00 7.79  ? 1133 GLY A N    1 
ATOM   542  C CA   . GLY A 1 39 ? -4.704  3.199   8.194   1.00 8.58  ? 1133 GLY A CA   1 
ATOM   543  C C    . GLY A 1 39 ? -4.890  3.363   6.701   1.00 6.26  ? 1133 GLY A C    1 
ATOM   544  O O    . GLY A 1 39 ? -5.850  3.971   6.217   1.00 6.70  ? 1133 GLY A O    1 
ATOM   545  H H    . GLY A 1 39 ? -6.075  3.844   9.445   1.00 9.36  ? 1133 GLY A H    1 
ATOM   546  H HA2  . GLY A 1 39 ? -3.759  3.287   8.395   1.00 10.32 ? 1133 GLY A HA2  1 
ATOM   547  H HA3  . GLY A 1 39 ? -4.998  2.308   8.441   1.00 10.32 ? 1133 GLY A HA3  1 
ATOM   548  N N    . ILE A 1 40 ? -3.931  2.823   5.975   1.00 5.83  ? 1134 ILE A N    1 
ATOM   549  C CA   . ILE A 1 40 ? -3.960  2.770   4.524   1.00 5.27  ? 1134 ILE A CA   1 
ATOM   550  C C    . ILE A 1 40 ? -4.401  1.370   4.136   1.00 4.50  ? 1134 ILE A C    1 
ATOM   551  O O    . ILE A 1 40 ? -3.881  0.385   4.673   1.00 5.01  ? 1134 ILE A O    1 
ATOM   552  C CB   . ILE A 1 40 ? -2.573  3.059   3.941   1.00 5.98  ? 1134 ILE A CB   1 
ATOM   553  C CG1  . ILE A 1 40 ? -2.096  4.453   4.334   1.00 9.51  ? 1134 ILE A CG1  1 
ATOM   554  C CG2  . ILE A 1 40 ? -2.592  2.885   2.433   1.00 6.44  ? 1134 ILE A CG2  1 
ATOM   555  C CD1  . ILE A 1 40 ? -3.001  5.531   3.919   1.00 17.56 ? 1134 ILE A CD1  1 
ATOM   556  H H    . ILE A 1 40 ? -3.224  2.467   6.314   1.00 7.01  ? 1134 ILE A H    1 
ATOM   557  H HA   . ILE A 1 40 ? -4.589  3.423   4.178   1.00 6.35  ? 1134 ILE A HA   1 
ATOM   558  H HB   . ILE A 1 40 ? -1.943  2.421   4.314   1.00 7.19  ? 1134 ILE A HB   1 
ATOM   559  H HG12 . ILE A 1 40 ? -2.014  4.492   5.299   1.00 11.42 ? 1134 ILE A HG12 1 
ATOM   560  H HG13 . ILE A 1 40 ? -1.234  4.615   3.921   1.00 11.42 ? 1134 ILE A HG13 1 
ATOM   561  H HG21 . ILE A 1 40 ? -1.809  3.317   2.056   1.00 7.75  ? 1134 ILE A HG21 1 
ATOM   562  H HG22 . ILE A 1 40 ? -2.579  1.938   2.224   1.00 7.75  ? 1134 ILE A HG22 1 
ATOM   563  H HG23 . ILE A 1 40 ? -3.398  3.292   2.078   1.00 7.75  ? 1134 ILE A HG23 1 
ATOM   564  H HD11 . ILE A 1 40 ? -2.644  6.378   4.227   1.00 21.09 ? 1134 ILE A HD11 1 
ATOM   565  H HD12 . ILE A 1 40 ? -3.067  5.532   2.952   1.00 21.09 ? 1134 ILE A HD12 1 
ATOM   566  H HD13 . ILE A 1 40 ? -3.876  5.377   4.310   1.00 21.09 ? 1134 ILE A HD13 1 
ATOM   567  N N    . PHE A 1 41 ? -5.338  1.278   3.201   1.00 4.06  ? 1135 PHE A N    1 
ATOM   568  C CA   . PHE A 1 41 ? -5.886  0.014   2.751   1.00 3.83  ? 1135 PHE A CA   1 
ATOM   569  C C    . PHE A 1 41 ? -5.850  -0.075  1.243   1.00 3.80  ? 1135 PHE A C    1 
ATOM   570  O O    . PHE A 1 41 ? -5.952  0.930   0.547   1.00 4.01  ? 1135 PHE A O    1 
ATOM   571  C CB   . PHE A 1 41 ? -7.337  -0.155  3.209   1.00 5.06  ? 1135 PHE A CB   1 
ATOM   572  C CG   . PHE A 1 41 ? -7.481  -0.180  4.693   1.00 5.12  ? 1135 PHE A CG   1 
ATOM   573  C CD1  . PHE A 1 41 ? -7.583  0.994   5.410   1.00 5.99  ? 1135 PHE A CD1  1 
ATOM   574  C CD2  . PHE A 1 41 ? -7.475  -1.372  5.372   1.00 5.09  ? 1135 PHE A CD2  1 
ATOM   575  C CE1  . PHE A 1 41 ? -7.699  0.974   6.795   1.00 7.22  ? 1135 PHE A CE1  1 
ATOM   576  C CE2  . PHE A 1 41 ? -7.582  -1.398  6.761   1.00 6.70  ? 1135 PHE A CE2  1 
ATOM   577  C CZ   . PHE A 1 41 ? -7.689  -0.211  7.466   1.00 6.56  ? 1135 PHE A CZ   1 
ATOM   578  H H    . PHE A 1 41 ? -5.681  1.958   2.802   1.00 4.89  ? 1135 PHE A H    1 
ATOM   579  H HA   . PHE A 1 41 ? -5.342  -0.703  3.114   1.00 4.62  ? 1135 PHE A HA   1 
ATOM   580  H HB2  . PHE A 1 41 ? -7.862  0.586   2.871   1.00 6.09  ? 1135 PHE A HB2  1 
ATOM   581  H HB3  . PHE A 1 41 ? -7.681  -0.993  2.862   1.00 6.09  ? 1135 PHE A HB3  1 
ATOM   582  H HD1  . PHE A 1 41 ? -7.574  1.809   4.960   1.00 7.21  ? 1135 PHE A HD1  1 
ATOM   583  H HD2  . PHE A 1 41 ? -7.398  -2.170  4.901   1.00 6.13  ? 1135 PHE A HD2  1 
ATOM   584  H HE1  . PHE A 1 41 ? -7.784  1.772   7.265   1.00 8.68  ? 1135 PHE A HE1  1 
ATOM   585  H HE2  . PHE A 1 41 ? -7.582  -2.209  7.213   1.00 8.05  ? 1135 PHE A HE2  1 
ATOM   586  H HZ   . PHE A 1 41 ? -7.753  -0.224  8.393   1.00 7.89  ? 1135 PHE A HZ   1 
ATOM   587  N N    . ILE A 1 42 ? -5.717  -1.287  0.745   1.00 3.51  ? 1136 ILE A N    1 
ATOM   588  C CA   . ILE A 1 42 ? -5.770  -1.515  -0.693  1.00 3.96  ? 1136 ILE A CA   1 
ATOM   589  C C    . ILE A 1 42 ? -7.212  -1.405  -1.153  1.00 4.91  ? 1136 ILE A C    1 
ATOM   590  O O    . ILE A 1 42 ? -8.085  -2.117  -0.644  1.00 4.38  ? 1136 ILE A O    1 
ATOM   591  C CB   . ILE A 1 42 ? -5.197  -2.895  -1.056  1.00 3.72  ? 1136 ILE A CB   1 
ATOM   592  C CG1  . ILE A 1 42 ? -3.761  -3.005  -0.558  1.00 4.91  ? 1136 ILE A CG1  1 
ATOM   593  C CG2  . ILE A 1 42 ? -5.311  -3.130  -2.553  1.00 4.00  ? 1136 ILE A CG2  1 
ATOM   594  C CD1  . ILE A 1 42 ? -3.058  -4.276  -0.999  1.00 6.02  ? 1136 ILE A CD1  1 
ATOM   595  H H    . ILE A 1 42 ? -5.596  -1.997  1.215   1.00 4.23  ? 1136 ILE A H    1 
ATOM   596  H HA   . ILE A 1 42 ? -5.239  -0.835  -1.136  1.00 4.77  ? 1136 ILE A HA   1 
ATOM   597  H HB   . ILE A 1 42 ? -5.711  -3.590  -0.616  1.00 4.48  ? 1136 ILE A HB   1 
ATOM   598  H HG12 . ILE A 1 42 ? -3.254  -2.251  -0.899  1.00 5.91  ? 1136 ILE A HG12 1 
ATOM   599  H HG13 . ILE A 1 42 ? -3.765  -2.990  0.412   1.00 5.91  ? 1136 ILE A HG13 1 
ATOM   600  H HG21 . ILE A 1 42 ? -4.900  -3.980  -2.772  1.00 4.82  ? 1136 ILE A HG21 1 
ATOM   601  H HG22 . ILE A 1 42 ? -6.250  -3.143  -2.800  1.00 4.82  ? 1136 ILE A HG22 1 
ATOM   602  H HG23 . ILE A 1 42 ? -4.856  -2.412  -3.020  1.00 4.82  ? 1136 ILE A HG23 1 
ATOM   603  H HD11 . ILE A 1 42 ? -2.265  -4.404  -0.455  1.00 7.24  ? 1136 ILE A HD11 1 
ATOM   604  H HD12 . ILE A 1 42 ? -3.661  -5.027  -0.885  1.00 7.24  ? 1136 ILE A HD12 1 
ATOM   605  H HD13 . ILE A 1 42 ? -2.808  -4.191  -1.933  1.00 7.24  ? 1136 ILE A HD13 1 
ATOM   606  N N    . SER A 1 43 ? -7.462  -0.535  -2.135  1.00 3.63  ? 1137 SER A N    1 
ATOM   607  C CA   . SER A 1 43 ? -8.808  -0.340  -2.643  1.00 6.20  ? 1137 SER A CA   1 
ATOM   608  C C    . SER A 1 43 ? -9.026  -0.924  -4.028  1.00 5.33  ? 1137 SER A C    1 
ATOM   609  O O    . SER A 1 43 ? -10.183 -1.139  -4.406  1.00 7.15  ? 1137 SER A O    1 
ATOM   610  C CB   . SER A 1 43 ? -9.165  1.148   -2.656  1.00 6.99  ? 1137 SER A CB   1 
ATOM   611  O OG   . SER A 1 43 ? -8.212  1.816   -3.437  1.00 8.07  ? 1137 SER A OG   1 
ATOM   612  H H    . SER A 1 43 ? -6.865  -0.050  -2.517  1.00 4.38  ? 1137 SER A H    1 
ATOM   613  H HA   . SER A 1 43 ? -9.434  -0.778  -2.044  1.00 7.46  ? 1137 SER A HA   1 
ATOM   614  H HB2  . SER A 1 43 ? -10.046 1.269   -3.040  1.00 8.40  ? 1137 SER A HB2  1 
ATOM   615  H HB3  . SER A 1 43 ? -9.147  1.495   -1.750  1.00 8.40  ? 1137 SER A HB3  1 
ATOM   616  H HG   . SER A 1 43 ? -8.408  2.631   -3.494  1.00 9.71  ? 1137 SER A HG   1 
ATOM   617  N N    . LYS A 1 44 ? -7.965  -1.218  -4.772  1.00 4.46  ? 1138 LYS A N    1 
ATOM   618  C CA   . LYS A 1 44 ? -8.074  -1.847  -6.076  1.00 6.45  ? 1138 LYS A CA   1 
ATOM   619  C C    . LYS A 1 44 ? -6.776  -2.589  -6.351  1.00 5.36  ? 1138 LYS A C    1 
ATOM   620  O O    . LYS A 1 44 ? -5.691  -2.141  -5.969  1.00 5.32  ? 1138 LYS A O    1 
ATOM   621  C CB   . LYS A 1 44 ? -8.311  -0.812  -7.177  1.00 8.01  ? 1138 LYS A CB   1 
ATOM   622  C CG   . LYS A 1 44 ? -9.565  0.026   -7.030  1.00 16.43 ? 1138 LYS A CG   1 
ATOM   623  C CD   . LYS A 1 44 ? -9.740  0.932   -8.240  1.00 19.53 ? 1138 LYS A CD   1 
ATOM   624  C CE   . LYS A 1 44 ? -11.009 1.756   -8.146  1.00 21.80 ? 1138 LYS A CE   1 
ATOM   625  N NZ   . LYS A 1 44 ? -11.090 2.728   -9.277  1.00 27.75 ? 1138 LYS A NZ   1 
ATOM   626  H H    . LYS A 1 44 ? -7.153  -1.058  -4.536  1.00 5.37  ? 1138 LYS A H    1 
ATOM   627  H HA   . LYS A 1 44 ? -8.812  -2.477  -6.079  1.00 7.76  ? 1138 LYS A HA   1 
ATOM   628  H HB2  . LYS A 1 44 ? -7.555  -0.203  -7.190  1.00 9.63  ? 1138 LYS A HB2  1 
ATOM   629  H HB3  . LYS A 1 44 ? -8.374  -1.280  -8.025  1.00 9.63  ? 1138 LYS A HB3  1 
ATOM   630  H HG2  . LYS A 1 44 ? -10.339 -0.553  -6.962  1.00 19.74 ? 1138 LYS A HG2  1 
ATOM   631  H HG3  . LYS A 1 44 ? -9.494  0.580   -6.237  1.00 19.74 ? 1138 LYS A HG3  1 
ATOM   632  H HD2  . LYS A 1 44 ? -8.987  1.539   -8.297  1.00 23.45 ? 1138 LYS A HD2  1 
ATOM   633  H HD3  . LYS A 1 44 ? -9.789  0.388   -9.041  1.00 23.45 ? 1138 LYS A HD3  1 
ATOM   634  H HE2  . LYS A 1 44 ? -11.780 1.170   -8.187  1.00 26.18 ? 1138 LYS A HE2  1 
ATOM   635  H HE3  . LYS A 1 44 ? -11.013 2.251   -7.312  1.00 26.18 ? 1138 LYS A HE3  1 
ATOM   636  H HZ1  . LYS A 1 44 ? -11.837 3.207   -9.213  1.00 33.32 ? 1138 LYS A HZ1  1 
ATOM   637  H HZ2  . LYS A 1 44 ? -10.391 3.278   -9.255  1.00 33.32 ? 1138 LYS A HZ2  1 
ATOM   638  H HZ3  . LYS A 1 44 ? -11.091 2.293   -10.053 1.00 33.32 ? 1138 LYS A HZ3  1 
ATOM   639  N N    . VAL A 1 45 ? -6.898  -3.724  -7.030  1.00 4.84  ? 1139 VAL A N    1 
ATOM   640  C CA   . VAL A 1 45 ? -5.759  -4.444  -7.575  1.00 4.01  ? 1139 VAL A CA   1 
ATOM   641  C C    . VAL A 1 45 ? -5.969  -4.537  -9.078  1.00 5.45  ? 1139 VAL A C    1 
ATOM   642  O O    . VAL A 1 45 ? -6.912  -5.184  -9.531  1.00 5.20  ? 1139 VAL A O    1 
ATOM   643  C CB   . VAL A 1 45 ? -5.613  -5.837  -6.957  1.00 4.77  ? 1139 VAL A CB   1 
ATOM   644  C CG1  . VAL A 1 45 ? -4.451  -6.571  -7.605  1.00 5.44  ? 1139 VAL A CG1  1 
ATOM   645  C CG2  . VAL A 1 45 ? -5.420  -5.744  -5.469  1.00 5.21  ? 1139 VAL A CG2  1 
ATOM   646  H H    . VAL A 1 45 ? -7.654  -4.102  -7.190  1.00 5.82  ? 1139 VAL A H    1 
ATOM   647  H HA   . VAL A 1 45 ? -4.943  -3.950  -7.400  1.00 4.83  ? 1139 VAL A HA   1 
ATOM   648  H HB   . VAL A 1 45 ? -6.427  -6.341  -7.116  1.00 5.74  ? 1139 VAL A HB   1 
ATOM   649  H HG11 . VAL A 1 45 ? -4.228  -7.346  -7.067  1.00 6.55  ? 1139 VAL A HG11 1 
ATOM   650  H HG12 . VAL A 1 45 ? -4.714  -6.852  -8.496  1.00 6.55  ? 1139 VAL A HG12 1 
ATOM   651  H HG13 . VAL A 1 45 ? -3.690  -5.972  -7.658  1.00 6.55  ? 1139 VAL A HG13 1 
ATOM   652  H HG21 . VAL A 1 45 ? -5.291  -6.636  -5.111  1.00 6.27  ? 1139 VAL A HG21 1 
ATOM   653  H HG22 . VAL A 1 45 ? -4.640  -5.198  -5.285  1.00 6.27  ? 1139 VAL A HG22 1 
ATOM   654  H HG23 . VAL A 1 45 ? -6.208  -5.339  -5.073  1.00 6.27  ? 1139 VAL A HG23 1 
ATOM   655  N N    . SER A 1 46 ? -5.097  -3.934  -9.848  1.00 4.48  ? 1140 SER A N    1 
ATOM   656  C CA   . SER A 1 46 ? -5.213  -3.996  -11.297 1.00 6.09  ? 1140 SER A CA   1 
ATOM   657  C C    . SER A 1 46 ? -4.873  -5.403  -11.783 1.00 5.46  ? 1140 SER A C    1 
ATOM   658  O O    . SER A 1 46 ? -3.808  -5.916  -11.462 1.00 5.55  ? 1140 SER A O    1 
ATOM   659  C CB   . SER A 1 46 ? -4.217  -3.002  -11.884 1.00 9.23  ? 1140 SER A CB   1 
ATOM   660  O OG   . SER A 1 46 ? -4.239  -3.052  -13.288 1.00 14.55 ? 1140 SER A OG   1 
ATOM   661  H H    . SER A 1 46 ? -4.425  -3.480  -9.565  1.00 5.40  ? 1140 SER A H    1 
ATOM   662  H HA   . SER A 1 46 ? -6.115  -3.786  -11.585 1.00 7.33  ? 1140 SER A HA   1 
ATOM   663  H HB2  . SER A 1 46 ? -4.456  -2.107  -11.595 1.00 11.09 ? 1140 SER A HB2  1 
ATOM   664  H HB3  . SER A 1 46 ? -3.326  -3.225  -11.572 1.00 11.09 ? 1140 SER A HB3  1 
ATOM   665  H HG   . SER A 1 46 ? -3.933  -3.788  -13.554 1.00 17.48 ? 1140 SER A HG   1 
ATOM   666  N N    . PRO A 1 47 ? -5.745  -6.051  -12.571 1.00 5.68  ? 1141 PRO A N    1 
ATOM   667  C CA   . PRO A 1 47 ? -5.446  -7.448  -12.944 1.00 7.26  ? 1141 PRO A CA   1 
ATOM   668  C C    . PRO A 1 47 ? -4.154  -7.608  -13.713 1.00 6.37  ? 1141 PRO A C    1 
ATOM   669  O O    . PRO A 1 47 ? -3.485  -8.638  -13.576 1.00 7.40  ? 1141 PRO A O    1 
ATOM   670  C CB   . PRO A 1 47 ? -6.674  -7.870  -13.769 1.00 7.12  ? 1141 PRO A CB   1 
ATOM   671  C CG   . PRO A 1 47 ? -7.773  -7.040  -13.194 1.00 10.28 ? 1141 PRO A CG   1 
ATOM   672  C CD   . PRO A 1 47 ? -7.140  -5.696  -12.908 1.00 6.97  ? 1141 PRO A CD   1 
ATOM   673  H HA   . PRO A 1 47 ? -5.406  -7.997  -12.145 1.00 8.73  ? 1141 PRO A HA   1 
ATOM   674  H HB2  . PRO A 1 47 ? -6.535  -7.672  -14.708 1.00 8.57  ? 1141 PRO A HB2  1 
ATOM   675  H HB3  . PRO A 1 47 ? -6.849  -8.818  -13.653 1.00 8.57  ? 1141 PRO A HB3  1 
ATOM   676  H HG2  . PRO A 1 47 ? -8.495  -6.954  -13.837 1.00 12.35 ? 1141 PRO A HG2  1 
ATOM   677  H HG3  . PRO A 1 47 ? -8.103  -7.448  -12.378 1.00 12.35 ? 1141 PRO A HG3  1 
ATOM   678  H HD2  . PRO A 1 47 ? -7.172  -5.124  -13.692 1.00 8.38  ? 1141 PRO A HD2  1 
ATOM   679  H HD3  . PRO A 1 47 ? -7.576  -5.259  -12.161 1.00 8.38  ? 1141 PRO A HD3  1 
ATOM   680  N N    . THR A 1 48 ? -3.774  -6.631  -14.532 1.00 4.78  ? 1142 THR A N    1 
ATOM   681  C CA   . THR A 1 48 ? -2.565  -6.760  -15.331 1.00 5.48  ? 1142 THR A CA   1 
ATOM   682  C C    . THR A 1 48 ? -1.346  -6.116  -14.689 1.00 5.27  ? 1142 THR A C    1 
ATOM   683  O O    . THR A 1 48 ? -0.247  -6.213  -15.254 1.00 6.56  ? 1142 THR A O    1 
ATOM   684  C CB   . THR A 1 48 ? -2.728  -6.197  -16.752 1.00 5.59  ? 1142 THR A CB   1 
ATOM   685  O OG1  . THR A 1 48 ? -2.927  -4.789  -16.704 1.00 7.75  ? 1142 THR A OG1  1 
ATOM   686  C CG2  . THR A 1 48 ? -3.849  -6.863  -17.510 1.00 6.45  ? 1142 THR A CG2  1 
ATOM   687  H H    . THR A 1 48 ? -4.200  -5.892  -14.639 1.00 5.75  ? 1142 THR A H    1 
ATOM   688  H HA   . THR A 1 48 ? -2.408  -7.713  -15.422 1.00 6.60  ? 1142 THR A HA   1 
ATOM   689  H HB   . THR A 1 48 ? -1.914  -6.384  -17.246 1.00 6.72  ? 1142 THR A HB   1 
ATOM   690  H HG1  . THR A 1 48 ? -3.629  -4.613  -16.279 1.00 9.32  ? 1142 THR A HG1  1 
ATOM   691  H HG21 . THR A 1 48 ? -3.909  -6.495  -18.405 1.00 7.75  ? 1142 THR A HG21 1 
ATOM   692  H HG22 . THR A 1 48 ? -3.687  -7.817  -17.572 1.00 7.75  ? 1142 THR A HG22 1 
ATOM   693  H HG23 . THR A 1 48 ? -4.692  -6.715  -17.053 1.00 7.75  ? 1142 THR A HG23 1 
ATOM   694  N N    . GLY A 1 49 ? -1.503  -5.458  -13.551 1.00 4.07  ? 1143 GLY A N    1 
ATOM   695  C CA   . GLY A 1 49 ? -0.370  -4.919  -12.836 1.00 4.87  ? 1143 GLY A CA   1 
ATOM   696  C C    . GLY A 1 49 ? 0.354   -5.969  -12.015 1.00 3.79  ? 1143 GLY A C    1 
ATOM   697  O O    . GLY A 1 49 ? -0.037  -7.126  -11.923 1.00 3.63  ? 1143 GLY A O    1 
ATOM   698  H H    . GLY A 1 49 ? -2.262  -5.312  -13.174 1.00 4.91  ? 1143 GLY A H    1 
ATOM   699  H HA2  . GLY A 1 49 ? 0.259   -4.539  -13.470 1.00 5.86  ? 1143 GLY A HA2  1 
ATOM   700  H HA3  . GLY A 1 49 ? -0.673  -4.218  -12.237 1.00 5.86  ? 1143 GLY A HA3  1 
ATOM   701  N N    . ALA A 1 50 ? 1.437   -5.547  -11.377 1.00 3.42  ? 1144 ALA A N    1 
ATOM   702  C CA   . ALA A 1 50 ? 2.330   -6.507  -10.736 1.00 3.44  ? 1144 ALA A CA   1 
ATOM   703  C C    . ALA A 1 50 ? 1.645   -7.249  -9.599  1.00 2.98  ? 1144 ALA A C    1 
ATOM   704  O O    . ALA A 1 50 ? 1.808   -8.465  -9.456  1.00 2.81  ? 1144 ALA A O    1 
ATOM   705  C CB   . ALA A 1 50 ? 3.598   -5.797  -10.263 1.00 3.70  ? 1144 ALA A CB   1 
ATOM   706  H H    . ALA A 1 50 ? 1.678   -4.726  -11.299 1.00 4.12  ? 1144 ALA A H    1 
ATOM   707  H HA   . ALA A 1 50 ? 2.592   -7.176  -11.388 1.00 4.14  ? 1144 ALA A HA   1 
ATOM   708  H HB1  . ALA A 1 50 ? 4.177   -6.442  -9.828  1.00 4.45  ? 1144 ALA A HB1  1 
ATOM   709  H HB2  . ALA A 1 50 ? 4.050   -5.412  -11.029 1.00 4.45  ? 1144 ALA A HB2  1 
ATOM   710  H HB3  . ALA A 1 50 ? 3.355   -5.098  -9.636  1.00 4.45  ? 1144 ALA A HB3  1 
ATOM   711  N N    . ALA A 1 51 ? 0.874   -6.542  -8.781  1.00 2.81  ? 1145 ALA A N    1 
ATOM   712  C CA   . ALA A 1 51 ? 0.175   -7.202  -7.688  1.00 3.80  ? 1145 ALA A CA   1 
ATOM   713  C C    . ALA A 1 51 ? -0.847  -8.194  -8.211  1.00 2.76  ? 1145 ALA A C    1 
ATOM   714  O O    . ALA A 1 51 ? -1.015  -9.277  -7.645  1.00 3.77  ? 1145 ALA A O    1 
ATOM   715  C CB   . ALA A 1 51 ? -0.506  -6.150  -6.816  1.00 3.53  ? 1145 ALA A CB   1 
ATOM   716  H H    . ALA A 1 51 ? 0.740   -5.694  -8.834  1.00 3.38  ? 1145 ALA A H    1 
ATOM   717  H HA   . ALA A 1 51 ? 0.817   -7.689  -7.147  1.00 4.57  ? 1145 ALA A HA   1 
ATOM   718  H HB1  . ALA A 1 51 ? -0.986  -6.597  -6.101  1.00 4.26  ? 1145 ALA A HB1  1 
ATOM   719  H HB2  . ALA A 1 51 ? 0.171   -5.563  -6.444  1.00 4.26  ? 1145 ALA A HB2  1 
ATOM   720  H HB3  . ALA A 1 51 ? -1.124  -5.640  -7.362  1.00 4.26  ? 1145 ALA A HB3  1 
ATOM   721  N N    . GLY A 1 52 ? -1.536  -7.832  -9.284  1.00 3.68  ? 1146 GLY A N    1 
ATOM   722  C CA   . GLY A 1 52 ? -2.501  -8.738  -9.876  1.00 4.37  ? 1146 GLY A CA   1 
ATOM   723  C C    . GLY A 1 52 ? -1.848  -9.985  -10.423 1.00 3.78  ? 1146 GLY A C    1 
ATOM   724  O O    . GLY A 1 52 ? -2.338  -11.097 -10.212 1.00 5.74  ? 1146 GLY A O    1 
ATOM   725  H H    . GLY A 1 52 ? -1.465  -7.074  -9.685  1.00 4.43  ? 1146 GLY A H    1 
ATOM   726  H HA2  . GLY A 1 52 ? -3.151  -9.001  -9.205  1.00 5.27  ? 1146 GLY A HA2  1 
ATOM   727  H HA3  . GLY A 1 52 ? -2.962  -8.289  -10.601 1.00 5.27  ? 1146 GLY A HA3  1 
ATOM   728  N N    . ARG A 1 53 ? -0.721  -9.822  -11.116 1.00 3.98  ? 1147 ARG A N    1 
ATOM   729  C CA   . ARG A 1 53 ? -0.019  -10.962 -11.690 1.00 4.36  ? 1147 ARG A CA   1 
ATOM   730  C C    . ARG A 1 53 ? 0.485   -11.899 -10.610 1.00 3.51  ? 1147 ARG A C    1 
ATOM   731  O O    . ARG A 1 53 ? 0.465   -13.124 -10.774 1.00 4.73  ? 1147 ARG A O    1 
ATOM   732  C CB   . ARG A 1 53 ? 1.160   -10.479 -12.538 1.00 4.80  ? 1147 ARG A CB   1 
ATOM   733  C CG   . ARG A 1 53 ? 0.755   -9.634  -13.713 1.00 4.82  ? 1147 ARG A CG   1 
ATOM   734  C CD   . ARG A 1 53 ? 1.893   -9.429  -14.661 1.00 6.08  ? 1147 ARG A CD   1 
ATOM   735  N NE   . ARG A 1 53 ? 3.083   -8.842  -14.074 1.00 6.82  ? 1147 ARG A NE   1 
ATOM   736  C CZ   . ARG A 1 53 ? 3.375   -7.548  -14.054 1.00 4.03  ? 1147 ARG A CZ   1 
ATOM   737  N NH1  . ARG A 1 53 ? 4.508   -7.169  -13.522 1.00 6.31  ? 1147 ARG A NH1  1 
ATOM   738  N NH2  . ARG A 1 53 ? 2.539   -6.650  -14.545 1.00 4.27  ? 1147 ARG A NH2  1 
ATOM   739  H H    . ARG A 1 53 ? -0.343  -9.065  -11.267 1.00 4.79  ? 1147 ARG A H    1 
ATOM   740  H HA   . ARG A 1 53 ? -0.637  -11.446 -12.260 1.00 5.25  ? 1147 ARG A HA   1 
ATOM   741  H HB2  . ARG A 1 53 ? 1.748   -9.947  -11.979 1.00 5.78  ? 1147 ARG A HB2  1 
ATOM   742  H HB3  . ARG A 1 53 ? 1.636   -11.252 -12.880 1.00 5.78  ? 1147 ARG A HB3  1 
ATOM   743  H HG2  . ARG A 1 53 ? 0.035   -10.073 -14.191 1.00 5.80  ? 1147 ARG A HG2  1 
ATOM   744  H HG3  . ARG A 1 53 ? 0.463   -8.765  -13.397 1.00 5.80  ? 1147 ARG A HG3  1 
ATOM   745  H HD2  . ARG A 1 53 ? 2.145   -10.291 -15.028 1.00 7.32  ? 1147 ARG A HD2  1 
ATOM   746  H HD3  . ARG A 1 53 ? 1.598   -8.839  -15.372 1.00 7.32  ? 1147 ARG A HD3  1 
ATOM   747  H HE   . ARG A 1 53 ? 3.648   -9.379  -13.708 1.00 8.20  ? 1147 ARG A HE   1 
ATOM   748  H HH11 . ARG A 1 53 ? 5.046   -7.754  -13.193 1.00 7.59  ? 1147 ARG A HH11 1 
ATOM   749  H HH12 . ARG A 1 53 ? 4.715   -6.334  -13.499 1.00 7.59  ? 1147 ARG A HH12 1 
ATOM   750  H HH21 . ARG A 1 53 ? 1.790   -6.901  -14.884 1.00 5.14  ? 1147 ARG A HH21 1 
ATOM   751  H HH22 . ARG A 1 53 ? 2.744   -5.815  -14.525 1.00 5.14  ? 1147 ARG A HH22 1 
ATOM   752  N N    . ASP A 1 54 ? 0.967   -11.344 -9.498  1.00 3.56  ? 1148 ASP A N    1 
ATOM   753  C CA   . ASP A 1 54 ? 1.467   -12.148 -8.390  1.00 3.76  ? 1148 ASP A CA   1 
ATOM   754  C C    . ASP A 1 54 ? 0.336   -12.932 -7.737  1.00 3.99  ? 1148 ASP A C    1 
ATOM   755  O O    . ASP A 1 54 ? 0.533   -14.075 -7.305  1.00 4.54  ? 1148 ASP A O    1 
ATOM   756  C CB   . ASP A 1 54 ? 2.179   -11.198 -7.428  1.00 3.64  ? 1148 ASP A CB   1 
ATOM   757  C CG   . ASP A 1 54 ? 2.542   -11.834 -6.109  1.00 4.40  ? 1148 ASP A CG   1 
ATOM   758  O OD1  . ASP A 1 54 ? 1.675   -11.884 -5.219  1.00 4.18  ? 1148 ASP A OD1  1 
ATOM   759  O OD2  . ASP A 1 54 ? 3.701   -12.269 -5.956  1.00 5.40  ? 1148 ASP A OD2  1 
ATOM   760  H H    . ASP A 1 54 ? 1.018   -10.497 -9.359  1.00 4.29  ? 1148 ASP A H    1 
ATOM   761  H HA   . ASP A 1 54 ? 2.106   -12.816 -8.683  1.00 4.53  ? 1148 ASP A HA   1 
ATOM   762  H HB2  . ASP A 1 54 ? 2.999   -10.889 -7.843  1.00 4.39  ? 1148 ASP A HB2  1 
ATOM   763  H HB3  . ASP A 1 54 ? 1.596   -10.445 -7.244  1.00 4.39  ? 1148 ASP A HB3  1 
ATOM   764  N N    . GLY A 1 55 ? -0.844  -12.347 -7.636  1.00 3.65  ? 1149 GLY A N    1 
ATOM   765  C CA   . GLY A 1 55 ? -2.019  -13.067 -7.214  1.00 4.54  ? 1149 GLY A CA   1 
ATOM   766  C C    . GLY A 1 55 ? -2.317  -13.051 -5.735  1.00 4.00  ? 1149 GLY A C    1 
ATOM   767  O O    . GLY A 1 55 ? -3.405  -13.474 -5.343  1.00 5.39  ? 1149 GLY A O    1 
ATOM   768  H H    . GLY A 1 55 ? -0.987  -11.517 -7.811  1.00 4.40  ? 1149 GLY A H    1 
ATOM   769  H HA2  . GLY A 1 55 ? -2.788  -12.688 -7.669  1.00 5.47  ? 1149 GLY A HA2  1 
ATOM   770  H HA3  . GLY A 1 55 ? -1.920  -13.994 -7.480  1.00 5.47  ? 1149 GLY A HA3  1 
ATOM   771  N N    . ARG A 1 56 ? -1.417  -12.557 -4.902  1.00 3.44  ? 1150 ARG A N    1 
ATOM   772  C CA   . ARG A 1 56 ? -1.628  -12.641 -3.461  1.00 4.19  ? 1150 ARG A CA   1 
ATOM   773  C C    . ARG A 1 56 ? -2.422  -11.464 -2.906  1.00 3.66  ? 1150 ARG A C    1 
ATOM   774  O O    . ARG A 1 56 ? -3.357  -11.663 -2.127  1.00 4.90  ? 1150 ARG A O    1 
ATOM   775  C CB   . ARG A 1 56 ? -0.284  -12.757 -2.737  1.00 3.46  ? 1150 ARG A CB   1 
ATOM   776  C CG   . ARG A 1 56 ? 0.354   -14.105 -2.920  1.00 4.64  ? 1150 ARG A CG   1 
ATOM   777  C CD   . ARG A 1 56 ? 1.704   -14.175 -2.259  1.00 5.30  ? 1150 ARG A CD   1 
ATOM   778  N NE   . ARG A 1 56 ? 2.683   -13.347 -2.962  1.00 4.91  ? 1150 ARG A NE   1 
ATOM   779  C CZ   . ARG A 1 56 ? 3.932   -13.162 -2.562  1.00 4.39  ? 1150 ARG A CZ   1 
ATOM   780  N NH1  . ARG A 1 56 ? 4.379   -13.725 -1.449  1.00 5.03  ? 1150 ARG A NH1  1 
ATOM   781  N NH2  . ARG A 1 56 ? 4.743   -12.428 -3.293  1.00 5.52  ? 1150 ARG A NH2  1 
ATOM   782  H H    . ARG A 1 56 ? -0.684  -12.172 -5.139  1.00 4.14  ? 1150 ARG A H    1 
ATOM   783  H HA   . ARG A 1 56 ? -2.141  -13.446 -3.283  1.00 5.04  ? 1150 ARG A HA   1 
ATOM   784  H HB2  . ARG A 1 56 ? 0.323   -12.087 -3.086  1.00 4.17  ? 1150 ARG A HB2  1 
ATOM   785  H HB3  . ARG A 1 56 ? -0.423  -12.616 -1.787  1.00 4.17  ? 1150 ARG A HB3  1 
ATOM   786  H HG2  . ARG A 1 56 ? -0.214  -14.785 -2.524  1.00 5.59  ? 1150 ARG A HG2  1 
ATOM   787  H HG3  . ARG A 1 56 ? 0.470   -14.279 -3.866  1.00 5.59  ? 1150 ARG A HG3  1 
ATOM   788  H HD2  . ARG A 1 56 ? 1.632   -13.855 -1.346  1.00 6.38  ? 1150 ARG A HD2  1 
ATOM   789  H HD3  . ARG A 1 56 ? 2.018   -15.093 -2.265  1.00 6.38  ? 1150 ARG A HD3  1 
ATOM   790  H HE   . ARG A 1 56 ? 2.431   -12.954 -3.684  1.00 5.91  ? 1150 ARG A HE   1 
ATOM   791  H HH11 . ARG A 1 56 ? 3.856   -14.218 -0.976  1.00 6.06  ? 1150 ARG A HH11 1 
ATOM   792  H HH12 . ARG A 1 56 ? 5.192   -13.598 -1.199  1.00 6.06  ? 1150 ARG A HH12 1 
ATOM   793  H HH21 . ARG A 1 56 ? 4.460   -12.073 -4.024  1.00 6.64  ? 1150 ARG A HH21 1 
ATOM   794  H HH22 . ARG A 1 56 ? 5.555   -12.302 -3.041  1.00 6.64  ? 1150 ARG A HH22 1 
ATOM   795  N N    . LEU A 1 57 ? -2.071  -10.234 -3.274  1.00 2.95  ? 1151 LEU A N    1 
ATOM   796  C CA   . LEU A 1 57 ? -2.720  -9.088  -2.659  1.00 3.49  ? 1151 LEU A CA   1 
ATOM   797  C C    . LEU A 1 57 ? -4.175  -8.995  -3.087  1.00 3.54  ? 1151 LEU A C    1 
ATOM   798  O O    . LEU A 1 57 ? -4.549  -9.362  -4.200  1.00 4.15  ? 1151 LEU A O    1 
ATOM   799  C CB   . LEU A 1 57 ? -1.994  -7.809  -3.031  1.00 3.65  ? 1151 LEU A CB   1 
ATOM   800  C CG   . LEU A 1 57 ? -0.592  -7.654  -2.458  1.00 3.18  ? 1151 LEU A CG   1 
ATOM   801  C CD1  . LEU A 1 57 ? 0.022   -6.370  -2.967  1.00 5.01  ? 1151 LEU A CD1  1 
ATOM   802  C CD2  . LEU A 1 57 ? -0.586  -7.665  -0.950  1.00 5.18  ? 1151 LEU A CD2  1 
ATOM   803  H H    . LEU A 1 57 ? -1.476  -10.043 -3.864  1.00 3.55  ? 1151 LEU A H    1 
ATOM   804  H HA   . LEU A 1 57 ? -2.694  -9.185  -1.694  1.00 4.21  ? 1151 LEU A HA   1 
ATOM   805  H HB2  . LEU A 1 57 ? -1.916  -7.775  -3.998  1.00 4.39  ? 1151 LEU A HB2  1 
ATOM   806  H HB3  . LEU A 1 57 ? -2.519  -7.058  -2.715  1.00 4.39  ? 1151 LEU A HB3  1 
ATOM   807  H HG   . LEU A 1 57 ? -0.059  -8.412  -2.747  1.00 3.84  ? 1151 LEU A HG   1 
ATOM   808  H HD11 . LEU A 1 57 ? 0.912   -6.275  -2.592  1.00 6.03  ? 1151 LEU A HD11 1 
ATOM   809  H HD12 . LEU A 1 57 ? 0.074   -6.407  -3.936  1.00 6.03  ? 1151 LEU A HD12 1 
ATOM   810  H HD13 . LEU A 1 57 ? -0.533  -5.623  -2.694  1.00 6.03  ? 1151 LEU A HD13 1 
ATOM   811  H HD21 . LEU A 1 57 ? 0.307   -7.449  -0.636  1.00 6.24  ? 1151 LEU A HD21 1 
ATOM   812  H HD22 . LEU A 1 57 ? -1.219  -7.005  -0.627  1.00 6.24  ? 1151 LEU A HD22 1 
ATOM   813  H HD23 . LEU A 1 57 ? -0.840  -8.548  -0.640  1.00 6.24  ? 1151 LEU A HD23 1 
ATOM   814  N N    . ARG A 1 58 ? -4.992  -8.470  -2.177  1.00 4.08  ? 1152 ARG A N    1 
ATOM   815  C CA   . ARG A 1 58 ? -6.419  -8.309  -2.378  1.00 3.95  ? 1152 ARG A CA   1 
ATOM   816  C C    . ARG A 1 58 ? -6.854  -6.957  -1.842  1.00 4.25  ? 1152 ARG A C    1 
ATOM   817  O O    . ARG A 1 58 ? -6.242  -6.390  -0.929  1.00 4.74  ? 1152 ARG A O    1 
ATOM   818  C CB   . ARG A 1 58 ? -7.218  -9.397  -1.640  1.00 5.72  ? 1152 ARG A CB   1 
ATOM   819  C CG   . ARG A 1 58 ? -7.082  -10.781 -2.217  1.00 6.66  ? 1152 ARG A CG   1 
ATOM   820  C CD   . ARG A 1 58 ? -7.853  -10.842 -3.519  1.00 7.55  ? 1152 ARG A CD   1 
ATOM   821  N NE   . ARG A 1 58 ? -7.828  -12.167 -4.125  1.00 6.76  ? 1152 ARG A NE   1 
ATOM   822  C CZ   . ARG A 1 58 ? -6.786  -12.661 -4.778  1.00 5.79  ? 1152 ARG A CZ   1 
ATOM   823  N NH1  . ARG A 1 58 ? -5.685  -11.953 -4.914  1.00 6.18  ? 1152 ARG A NH1  1 
ATOM   824  N NH2  . ARG A 1 58 ? -6.851  -13.867 -5.319  1.00 8.58  ? 1152 ARG A NH2  1 
ATOM   825  H H    . ARG A 1 58 ? -4.729  -8.190  -1.408  1.00 4.91  ? 1152 ARG A H    1 
ATOM   826  H HA   . ARG A 1 58 ? -6.610  -8.356  -3.327  1.00 4.76  ? 1152 ARG A HA   1 
ATOM   827  H HB2  . ARG A 1 58 ? -6.912  -9.434  -0.720  1.00 6.88  ? 1152 ARG A HB2  1 
ATOM   828  H HB3  . ARG A 1 58 ? -8.159  -9.160  -1.667  1.00 6.88  ? 1152 ARG A HB3  1 
ATOM   829  H HG2  . ARG A 1 58 ? -6.149  -10.976 -2.394  1.00 8.01  ? 1152 ARG A HG2  1 
ATOM   830  H HG3  . ARG A 1 58 ? -7.448  -11.434 -1.602  1.00 8.01  ? 1152 ARG A HG3  1 
ATOM   831  H HD2  . ARG A 1 58 ? -8.779  -10.608 -3.349  1.00 9.07  ? 1152 ARG A HD2  1 
ATOM   832  H HD3  . ARG A 1 58 ? -7.463  -10.217 -4.149  1.00 9.07  ? 1152 ARG A HD3  1 
ATOM   833  H HE   . ARG A 1 58 ? -8.531  -12.658 -4.053  1.00 8.13  ? 1152 ARG A HE   1 
ATOM   834  H HH11 . ARG A 1 58 ? -5.638  -11.163 -4.578  1.00 7.43  ? 1152 ARG A HH11 1 
ATOM   835  H HH12 . ARG A 1 58 ? -5.013  -12.280 -5.339  1.00 7.43  ? 1152 ARG A HH12 1 
ATOM   836  H HH21 . ARG A 1 58 ? -7.571  -14.331 -5.247  1.00 10.32 ? 1152 ARG A HH21 1 
ATOM   837  H HH22 . ARG A 1 58 ? -6.173  -14.184 -5.742  1.00 10.32 ? 1152 ARG A HH22 1 
ATOM   838  N N    . VAL A 1 59 ? -7.953  -6.473  -2.406  1.00 3.95  ? 1153 VAL A N    1 
ATOM   839  C CA   . VAL A 1 59 ? -8.674  -5.360  -1.818  1.00 5.06  ? 1153 VAL A CA   1 
ATOM   840  C C    . VAL A 1 59 ? -8.962  -5.656  -0.372  1.00 5.40  ? 1153 VAL A C    1 
ATOM   841  O O    . VAL A 1 59 ? -9.308  -6.783  -0.006  1.00 6.15  ? 1153 VAL A O    1 
ATOM   842  C CB   . VAL A 1 59 ? -9.967  -5.110  -2.615  1.00 5.32  ? 1153 VAL A CB   1 
ATOM   843  C CG1  . VAL A 1 59 ? -10.864 -4.145  -1.878  1.00 6.36  ? 1153 VAL A CG1  1 
ATOM   844  C CG2  . VAL A 1 59 ? -9.634  -4.595  -4.014  1.00 6.87  ? 1153 VAL A CG2  1 
ATOM   845  H H    . VAL A 1 59 ? -8.305  -6.771  -3.133  1.00 4.76  ? 1153 VAL A H    1 
ATOM   846  H HA   . VAL A 1 59 ? -8.127  -4.560  -1.854  1.00 6.09  ? 1153 VAL A HA   1 
ATOM   847  H HB   . VAL A 1 59 ? -10.450 -5.947  -2.712  1.00 6.40  ? 1153 VAL A HB   1 
ATOM   848  H HG11 . VAL A 1 59 ? -11.546 -3.820  -2.486  1.00 7.65  ? 1153 VAL A HG11 1 
ATOM   849  H HG12 . VAL A 1 59 ? -11.279 -4.606  -1.132  1.00 7.65  ? 1153 VAL A HG12 1 
ATOM   850  H HG13 . VAL A 1 59 ? -10.330 -3.402  -1.553  1.00 7.65  ? 1153 VAL A HG13 1 
ATOM   851  H HG21 . VAL A 1 59 ? -10.459 -4.430  -4.495  1.00 8.27  ? 1153 VAL A HG21 1 
ATOM   852  H HG22 . VAL A 1 59 ? -9.126  -3.772  -3.934  1.00 8.27  ? 1153 VAL A HG22 1 
ATOM   853  H HG23 . VAL A 1 59 ? -9.107  -5.263  -4.480  1.00 8.27  ? 1153 VAL A HG23 1 
ATOM   854  N N    . GLY A 1 60 ? -8.799  -4.639  0.459   1.00 4.72  ? 1154 GLY A N    1 
ATOM   855  C CA   . GLY A 1 60 ? -9.124  -4.720  1.863   1.00 5.86  ? 1154 GLY A CA   1 
ATOM   856  C C    . GLY A 1 60 ? -7.937  -4.938  2.764   1.00 5.00  ? 1154 GLY A C    1 
ATOM   857  O O    . GLY A 1 60 ? -8.059  -4.735  3.979   1.00 7.16  ? 1154 GLY A O    1 
ATOM   858  H H    . GLY A 1 60 ? -8.493  -3.872  0.220   1.00 5.68  ? 1154 GLY A H    1 
ATOM   859  H HA2  . GLY A 1 60 ? -9.554  -3.893  2.131   1.00 7.05  ? 1154 GLY A HA2  1 
ATOM   860  H HA3  . GLY A 1 60 ? -9.741  -5.456  1.999   1.00 7.05  ? 1154 GLY A HA3  1 
ATOM   861  N N    . LEU A 1 61 ? -6.797  -5.328  2.227   1.00 3.88  ? 1155 LEU A N    1 
ATOM   862  C CA   . LEU A 1 61 ? -5.628  -5.484  3.067   1.00 4.25  ? 1155 LEU A CA   1 
ATOM   863  C C    . LEU A 1 61 ? -5.167  -4.136  3.596   1.00 4.51  ? 1155 LEU A C    1 
ATOM   864  O O    . LEU A 1 61 ? -5.194  -3.122  2.893   1.00 4.97  ? 1155 LEU A O    1 
ATOM   865  C CB   . LEU A 1 61 ? -4.474  -6.112  2.296   1.00 4.63  ? 1155 LEU A CB   1 
ATOM   866  C CG   . LEU A 1 61 ? -4.706  -7.550  1.859   1.00 6.48  ? 1155 LEU A CG   1 
ATOM   867  C CD1  . LEU A 1 61 ? -3.501  -8.053  1.116   1.00 6.55  ? 1155 LEU A CD1  1 
ATOM   868  C CD2  . LEU A 1 61 ? -5.022  -8.466  3.019   1.00 12.37 ? 1155 LEU A CD2  1 
ATOM   869  H H    . LEU A 1 61 ? -6.675  -5.505  1.394   1.00 4.67  ? 1155 LEU A H    1 
ATOM   870  H HA   . LEU A 1 61 ? -5.865  -6.065  3.807   1.00 5.12  ? 1155 LEU A HA   1 
ATOM   871  H HB2  . LEU A 1 61 ? -4.316  -5.585  1.496   1.00 5.58  ? 1155 LEU A HB2  1 
ATOM   872  H HB3  . LEU A 1 61 ? -3.685  -6.101  2.860   1.00 5.58  ? 1155 LEU A HB3  1 
ATOM   873  H HG   . LEU A 1 61 ? -5.481  -7.564  1.275   1.00 7.79  ? 1155 LEU A HG   1 
ATOM   874  H HD11 . LEU A 1 61 ? -3.660  -8.969  0.840   1.00 7.87  ? 1155 LEU A HD11 1 
ATOM   875  H HD12 . LEU A 1 61 ? -3.354  -7.494  0.336   1.00 7.87  ? 1155 LEU A HD12 1 
ATOM   876  H HD13 . LEU A 1 61 ? -2.729  -8.013  1.701   1.00 7.87  ? 1155 LEU A HD13 1 
ATOM   877  H HD21 . LEU A 1 61 ? -4.990  -9.385  2.712   1.00 14.86 ? 1155 LEU A HD21 1 
ATOM   878  H HD22 . LEU A 1 61 ? -4.365  -8.327  3.718   1.00 14.86 ? 1155 LEU A HD22 1 
ATOM   879  H HD23 . LEU A 1 61 ? -5.909  -8.259  3.352   1.00 14.86 ? 1155 LEU A HD23 1 
ATOM   880  N N    . ARG A 1 62 ? -4.749  -4.135  4.852   1.00 4.28  ? 1156 ARG A N    1 
ATOM   881  C CA   . ARG A 1 62 ? -4.086  -2.998  5.467   1.00 4.74  ? 1156 ARG A CA   1 
ATOM   882  C C    . ARG A 1 62 ? -2.636  -2.985  5.015   1.00 4.61  ? 1156 ARG A C    1 
ATOM   883  O O    . ARG A 1 62 ? -1.960  -4.016  5.058   1.00 5.53  ? 1156 ARG A O    1 
ATOM   884  C CB   . ARG A 1 62 ? -4.175  -3.171  6.985   1.00 6.53  ? 1156 ARG A CB   1 
ATOM   885  C CG   . ARG A 1 62 ? -3.379  -2.203  7.844   1.00 8.99  ? 1156 ARG A CG   1 
ATOM   886  C CD   . ARG A 1 62 ? -4.134  -0.937  8.032   1.00 10.92 ? 1156 ARG A CD   1 
ATOM   887  N NE   . ARG A 1 62 ? -3.447  0.004   8.913   1.00 7.76  ? 1156 ARG A NE   1 
ATOM   888  C CZ   . ARG A 1 62 ? -3.698  0.191   10.205  1.00 7.28  ? 1156 ARG A CZ   1 
ATOM   889  N NH1  . ARG A 1 62 ? -4.617  -0.526  10.841  1.00 8.11  ? 1156 ARG A NH1  1 
ATOM   890  N NH2  . ARG A 1 62 ? -3.022  1.122   10.858  1.00 7.22  ? 1156 ARG A NH2  1 
ATOM   891  H H    . ARG A 1 62 ? -4.839  -4.802  5.387   1.00 5.16  ? 1156 ARG A H    1 
ATOM   892  H HA   . ARG A 1 62 ? -4.493  -2.153  5.216   1.00 5.70  ? 1156 ARG A HA   1 
ATOM   893  H HB2  . ARG A 1 62 ? -5.106  -3.076  7.243   1.00 7.86  ? 1156 ARG A HB2  1 
ATOM   894  H HB3  . ARG A 1 62 ? -3.861  -4.064  7.202   1.00 7.86  ? 1156 ARG A HB3  1 
ATOM   895  H HG2  . ARG A 1 62 ? -3.216  -2.599  8.715   1.00 10.80 ? 1156 ARG A HG2  1 
ATOM   896  H HG3  . ARG A 1 62 ? -2.537  -1.999  7.410   1.00 10.80 ? 1156 ARG A HG3  1 
ATOM   897  H HD2  . ARG A 1 62 ? -4.254  -0.510  7.171   1.00 13.13 ? 1156 ARG A HD2  1 
ATOM   898  H HD3  . ARG A 1 62 ? -4.998  -1.140  8.426   1.00 13.13 ? 1156 ARG A HD3  1 
ATOM   899  H HE   . ARG A 1 62 ? -2.823  0.481   8.562   1.00 9.33  ? 1156 ARG A HE   1 
ATOM   900  H HH11 . ARG A 1 62 ? -5.065  -1.124  10.418  1.00 9.75  ? 1156 ARG A HH11 1 
ATOM   901  H HH12 . ARG A 1 62 ? -4.765  -0.390  11.677  1.00 9.75  ? 1156 ARG A HH12 1 
ATOM   902  H HH21 . ARG A 1 62 ? -2.432  1.593   10.447  1.00 8.68  ? 1156 ARG A HH21 1 
ATOM   903  H HH22 . ARG A 1 62 ? -3.173  1.255   11.695  1.00 8.68  ? 1156 ARG A HH22 1 
ATOM   904  N N    . LEU A 1 63 ? -2.163  -1.838  4.551   1.00 3.93  ? 1157 LEU A N    1 
ATOM   905  C CA   . LEU A 1 63 ? -0.810  -1.681  4.045   1.00 4.21  ? 1157 LEU A CA   1 
ATOM   906  C C    . LEU A 1 63 ? -0.048  -0.808  5.029   1.00 3.64  ? 1157 LEU A C    1 
ATOM   907  O O    . LEU A 1 63 ? -0.368  0.377   5.187   1.00 4.14  ? 1157 LEU A O    1 
ATOM   908  C CB   . LEU A 1 63 ? -0.883  -1.024  2.679   1.00 5.56  ? 1157 LEU A CB   1 
ATOM   909  C CG   . LEU A 1 63 ? 0.450   -0.794  2.008   1.00 4.43  ? 1157 LEU A CG   1 
ATOM   910  C CD1  . LEU A 1 63 ? 1.205   -2.082  1.760   1.00 5.50  ? 1157 LEU A CD1  1 
ATOM   911  C CD2  . LEU A 1 63 ? 0.222   -0.070  0.692   1.00 6.65  ? 1157 LEU A CD2  1 
ATOM   912  H H    . LEU A 1 63 ? -2.626  -1.114  4.519   1.00 4.73  ? 1157 LEU A H    1 
ATOM   913  H HA   . LEU A 1 63 ? -0.353  -2.534  3.978   1.00 5.07  ? 1157 LEU A HA   1 
ATOM   914  H HB2  . LEU A 1 63 ? -1.409  -1.591  2.094   1.00 6.69  ? 1157 LEU A HB2  1 
ATOM   915  H HB3  . LEU A 1 63 ? -1.311  -0.160  2.777   1.00 6.69  ? 1157 LEU A HB3  1 
ATOM   916  H HG   . LEU A 1 63 ? 1.000   -0.257  2.599   1.00 5.34  ? 1157 LEU A HG   1 
ATOM   917  H HD11 . LEU A 1 63 ? 2.011   -1.884  1.258   1.00 6.62  ? 1157 LEU A HD11 1 
ATOM   918  H HD12 . LEU A 1 63 ? 1.436   -2.482  2.613   1.00 6.62  ? 1157 LEU A HD12 1 
ATOM   919  H HD13 . LEU A 1 63 ? 0.640   -2.688  1.254   1.00 6.62  ? 1157 LEU A HD13 1 
ATOM   920  H HD21 . LEU A 1 63 ? 1.081   0.112   0.279   1.00 8.00  ? 1157 LEU A HD21 1 
ATOM   921  H HD22 . LEU A 1 63 ? -0.312  -0.634  0.110   1.00 8.00  ? 1157 LEU A HD22 1 
ATOM   922  H HD23 . LEU A 1 63 ? -0.244  0.762   0.866   1.00 8.00  ? 1157 LEU A HD23 1 
ATOM   923  N N    . LEU A 1 64 ? 0.936   -1.394  5.710   1.00 3.15  ? 1158 LEU A N    1 
ATOM   924  C CA   . LEU A 1 64 ? 1.682   -0.709  6.754   1.00 3.62  ? 1158 LEU A CA   1 
ATOM   925  C C    . LEU A 1 64 ? 2.996   -0.115  6.276   1.00 3.55  ? 1158 LEU A C    1 
ATOM   926  O O    . LEU A 1 64 ? 3.403   0.944   6.771   1.00 4.16  ? 1158 LEU A O    1 
ATOM   927  C CB   . LEU A 1 64 ? 1.985   -1.655  7.912   1.00 4.47  ? 1158 LEU A CB   1 
ATOM   928  C CG   . LEU A 1 64 ? 0.772   -2.134  8.705   1.00 5.27  ? 1158 LEU A CG   1 
ATOM   929  C CD1  . LEU A 1 64 ? 1.151   -3.223  9.676   1.00 11.96 ? 1158 LEU A CD1  1 
ATOM   930  C CD2  . LEU A 1 64 ? 0.129   -0.987  9.468   1.00 8.64  ? 1158 LEU A CD2  1 
ATOM   931  H H    . LEU A 1 64 ? 1.192   -2.204  5.579   1.00 3.79  ? 1158 LEU A H    1 
ATOM   932  H HA   . LEU A 1 64 ? 1.126   0.012   7.089   1.00 4.36  ? 1158 LEU A HA   1 
ATOM   933  H HB2  . LEU A 1 64 ? 2.426   -2.441  7.555   1.00 5.38  ? 1158 LEU A HB2  1 
ATOM   934  H HB3  . LEU A 1 64 ? 2.573   -1.197  8.533   1.00 5.38  ? 1158 LEU A HB3  1 
ATOM   935  H HG   . LEU A 1 64 ? 0.128   -2.490  8.073   1.00 6.34  ? 1158 LEU A HG   1 
ATOM   936  H HD11 . LEU A 1 64 ? 1.986   -2.983  10.109  1.00 14.37 ? 1158 LEU A HD11 1 
ATOM   937  H HD12 . LEU A 1 64 ? 0.450   -3.316  10.338  1.00 14.37 ? 1158 LEU A HD12 1 
ATOM   938  H HD13 . LEU A 1 64 ? 1.260   -4.055  9.189   1.00 14.37 ? 1158 LEU A HD13 1 
ATOM   939  H HD21 . LEU A 1 64 ? -0.602  -1.335  10.003  1.00 10.39 ? 1158 LEU A HD21 1 
ATOM   940  H HD22 . LEU A 1 64 ? -0.205  -0.335  8.833   1.00 10.39 ? 1158 LEU A HD22 1 
ATOM   941  H HD23 . LEU A 1 64 ? 0.793   -0.579  10.044  1.00 10.39 ? 1158 LEU A HD23 1 
ATOM   942  N N    . GLU A 1 65 ? 3.674   -0.772  5.347   1.00 3.17  ? 1159 GLU A N    1 
ATOM   943  C CA   . GLU A 1 65 ? 4.966   -0.327  4.881   1.00 4.19  ? 1159 GLU A CA   1 
ATOM   944  C C    . GLU A 1 65 ? 5.098   -0.699  3.420   1.00 3.32  ? 1159 GLU A C    1 
ATOM   945  O O    . GLU A 1 65 ? 4.535   -1.701  2.967   1.00 3.37  ? 1159 GLU A O    1 
ATOM   946  C CB   . GLU A 1 65 ? 6.142   -0.992  5.604   1.00 3.76  ? 1159 GLU A CB   1 
ATOM   947  C CG   . GLU A 1 65 ? 6.166   -0.735  7.081   1.00 4.73  ? 1159 GLU A CG   1 
ATOM   948  C CD   . GLU A 1 65 ? 7.391   -1.290  7.786   1.00 5.20  ? 1159 GLU A CD   1 
ATOM   949  O OE1  . GLU A 1 65 ? 7.565   -0.955  8.973   1.00 6.99  ? 1159 GLU A OE1  1 
ATOM   950  O OE2  . GLU A 1 65 ? 8.176   -2.035  7.182   1.00 5.84  ? 1159 GLU A OE2  1 
ATOM   951  H H    . GLU A 1 65 ? 3.396   -1.492  4.967   1.00 3.82  ? 1159 GLU A H    1 
ATOM   952  H HA   . GLU A 1 65 ? 5.009   0.633   5.018   1.00 5.04  ? 1159 GLU A HA   1 
ATOM   953  H HB2  . GLU A 1 65 ? 6.088   -1.951  5.472   1.00 4.53  ? 1159 GLU A HB2  1 
ATOM   954  H HB3  . GLU A 1 65 ? 6.970   -0.651  5.232   1.00 4.53  ? 1159 GLU A HB3  1 
ATOM   955  H HG2  . GLU A 1 65 ? 6.148   0.223   7.231   1.00 5.70  ? 1159 GLU A HG2  1 
ATOM   956  H HG3  . GLU A 1 65 ? 5.384   -1.148  7.481   1.00 5.70  ? 1159 GLU A HG3  1 
ATOM   957  N N    . VAL A 1 66 ? 5.879   0.092   2.710   1.00 2.90  ? 1160 VAL A N    1 
ATOM   958  C CA   . VAL A 1 66 ? 6.302   -0.211  1.350   1.00 3.91  ? 1160 VAL A CA   1 
ATOM   959  C C    . VAL A 1 66 ? 7.808   -0.060  1.345   1.00 3.72  ? 1160 VAL A C    1 
ATOM   960  O O    . VAL A 1 66 ? 8.328   0.961   1.795   1.00 4.98  ? 1160 VAL A O    1 
ATOM   961  C CB   . VAL A 1 66 ? 5.663   0.757   0.341   1.00 4.04  ? 1160 VAL A CB   1 
ATOM   962  C CG1  . VAL A 1 66 ? 6.168   0.503   -1.069  1.00 5.43  ? 1160 VAL A CG1  1 
ATOM   963  C CG2  . VAL A 1 66 ? 4.157   0.622   0.356   1.00 6.29  ? 1160 VAL A CG2  1 
ATOM   964  H H    . VAL A 1 66 ? 6.189   0.838   3.003   1.00 3.49  ? 1160 VAL A H    1 
ATOM   965  H HA   . VAL A 1 66 ? 6.057   -1.115  1.096   1.00 4.71  ? 1160 VAL A HA   1 
ATOM   966  H HB   . VAL A 1 66 ? 5.911   1.659   0.600   1.00 4.86  ? 1160 VAL A HB   1 
ATOM   967  H HG11 . VAL A 1 66 ? 5.614   0.994   -1.696  1.00 6.53  ? 1160 VAL A HG11 1 
ATOM   968  H HG12 . VAL A 1 66 ? 7.087   0.804   -1.134  1.00 6.53  ? 1160 VAL A HG12 1 
ATOM   969  H HG13 . VAL A 1 66 ? 6.117   -0.448  -1.256  1.00 6.53  ? 1160 VAL A HG13 1 
ATOM   970  H HG21 . VAL A 1 66 ? 3.779   1.223   -0.304  1.00 7.57  ? 1160 VAL A HG21 1 
ATOM   971  H HG22 . VAL A 1 66 ? 3.920   -0.295  0.143   1.00 7.57  ? 1160 VAL A HG22 1 
ATOM   972  H HG23 . VAL A 1 66 ? 3.828   0.852   1.240   1.00 7.57  ? 1160 VAL A HG23 1 
ATOM   973  N N    . ASN A 1 67 ? 8.506   -1.070  0.856   1.00 4.18  ? 1161 ASN A N    1 
ATOM   974  C CA   . ASN A 1 67 ? 9.966   -1.068  0.818   1.00 4.65  ? 1161 ASN A CA   1 
ATOM   975  C C    . ASN A 1 67 ? 10.556  -0.654  2.165   1.00 5.42  ? 1161 ASN A C    1 
ATOM   976  O O    . ASN A 1 67 ? 11.476  0.172   2.255   1.00 5.53  ? 1161 ASN A O    1 
ATOM   977  C CB   . ASN A 1 67 ? 10.506  -0.231  -0.339  1.00 5.11  ? 1161 ASN A CB   1 
ATOM   978  C CG   . ASN A 1 67 ? 10.303  -0.914  -1.680  1.00 5.03  ? 1161 ASN A CG   1 
ATOM   979  O OD1  . ASN A 1 67 ? 10.001  -2.105  -1.744  1.00 5.49  ? 1161 ASN A OD1  1 
ATOM   980  N ND2  . ASN A 1 67 ? 10.494  -0.178  -2.757  1.00 5.77  ? 1161 ASN A ND2  1 
ATOM   981  H H    . ASN A 1 67 ? 8.153   -1.784  0.531   1.00 5.03  ? 1161 ASN A H    1 
ATOM   982  H HA   . ASN A 1 67 ? 10.261  -1.978  0.656   1.00 5.60  ? 1161 ASN A HA   1 
ATOM   983  H HB2  . ASN A 1 67 ? 10.043  0.620   -0.360  1.00 6.15  ? 1161 ASN A HB2  1 
ATOM   984  H HB3  . ASN A 1 67 ? 11.458  -0.089  -0.213  1.00 6.15  ? 1161 ASN A HB3  1 
ATOM   985  H HD21 . ASN A 1 67 ? 10.390  -0.523  -3.538  1.00 6.94  ? 1161 ASN A HD21 1 
ATOM   986  H HD22 . ASN A 1 67 ? 10.722  0.648   -2.678  1.00 6.94  ? 1161 ASN A HD22 1 
ATOM   987  N N    . GLN A 1 68 ? 9.994   -1.247  3.218   1.00 5.14  ? 1162 GLN A N    1 
ATOM   988  C CA   . GLN A 1 68 ? 10.464  -1.132  4.590   1.00 6.33  ? 1162 GLN A CA   1 
ATOM   989  C C    . GLN A 1 68 ? 10.168  0.201   5.227   1.00 5.92  ? 1162 GLN A C    1 
ATOM   990  O O    . GLN A 1 68 ? 10.657  0.458   6.323   1.00 7.20  ? 1162 GLN A O    1 
ATOM   991  C CB   . GLN A 1 68 ? 11.968  -1.393  4.736   1.00 8.26  ? 1162 GLN A CB   1 
ATOM   992  C CG   . GLN A 1 68 ? 12.473  -2.572  3.943   1.00 12.18 ? 1162 GLN A CG   1 
ATOM   993  C CD   . GLN A 1 68 ? 11.906  -3.871  4.428   1.00 15.84 ? 1162 GLN A CD   1 
ATOM   994  O OE1  . GLN A 1 68 ? 11.727  -4.068  5.627   1.00 15.69 ? 1162 GLN A OE1  1 
ATOM   995  N NE2  . GLN A 1 68 ? 11.618  -4.779  3.498   1.00 21.34 ? 1162 GLN A NE2  1 
ATOM   996  H H    . GLN A 1 68 ? 9.298   -1.748  3.149   1.00 6.19  ? 1162 GLN A H    1 
ATOM   997  H HA   . GLN A 1 68 ? 9.983   -1.815  5.083   1.00 7.61  ? 1162 GLN A HA   1 
ATOM   998  H HB2  . GLN A 1 68 ? 12.449  -0.608  4.432   1.00 9.92  ? 1162 GLN A HB2  1 
ATOM   999  H HB3  . GLN A 1 68 ? 12.164  -1.563  5.670   1.00 9.92  ? 1162 GLN A HB3  1 
ATOM   1000 H HG2  . GLN A 1 68 ? 12.220  -2.462  3.013   1.00 14.63 ? 1162 GLN A HG2  1 
ATOM   1001 H HG3  . GLN A 1 68 ? 13.439  -2.617  4.022   1.00 14.63 ? 1162 GLN A HG3  1 
ATOM   1002 H HE21 . GLN A 1 68 ? 11.760  -4.605  2.668   1.00 25.62 ? 1162 GLN A HE21 1 
ATOM   1003 H HE22 . GLN A 1 68 ? 11.291  -5.540  3.728   1.00 25.62 ? 1162 GLN A HE22 1 
ATOM   1004 N N    . GLN A 1 69 ? 9.387   1.058   4.583   1.00 6.33  ? 1163 GLN A N    1 
ATOM   1005 C CA   . GLN A 1 69 ? 9.115   2.400   5.074   1.00 6.50  ? 1163 GLN A CA   1 
ATOM   1006 C C    . GLN A 1 69 ? 7.662   2.521   5.490   1.00 4.19  ? 1163 GLN A C    1 
ATOM   1007 O O    . GLN A 1 69 ? 6.757   2.166   4.737   1.00 5.12  ? 1163 GLN A O    1 
ATOM   1008 C CB   . GLN A 1 69 ? 9.466   3.414   4.000   1.00 6.96  ? 1163 GLN A CB   1 
ATOM   1009 C CG   . GLN A 1 69 ? 10.961  3.401   3.723   1.00 11.40 ? 1163 GLN A CG   1 
ATOM   1010 C CD   . GLN A 1 69 ? 11.319  3.930   2.362   1.00 15.33 ? 1163 GLN A CD   1 
ATOM   1011 O OE1  . GLN A 1 69 ? 11.258  5.135   2.120   1.00 17.38 ? 1163 GLN A OE1  1 
ATOM   1012 N NE2  . GLN A 1 69 ? 11.683  3.028   1.450   1.00 16.60 ? 1163 GLN A NE2  1 
ATOM   1013 H H    . GLN A 1 69 ? 8.995   0.877   3.839   1.00 7.61  ? 1163 GLN A H    1 
ATOM   1014 H HA   . GLN A 1 69 ? 9.645   2.584   5.865   1.00 7.81  ? 1163 GLN A HA   1 
ATOM   1015 H HB2  . GLN A 1 69 ? 8.998   3.193   3.179   1.00 8.37  ? 1163 GLN A HB2  1 
ATOM   1016 H HB3  . GLN A 1 69 ? 9.214   4.302   4.297   1.00 8.37  ? 1163 GLN A HB3  1 
ATOM   1017 H HG2  . GLN A 1 69 ? 11.407  3.954   4.384   1.00 13.70 ? 1163 GLN A HG2  1 
ATOM   1018 H HG3  . GLN A 1 69 ? 11.283  2.489   3.782   1.00 13.70 ? 1163 GLN A HG3  1 
ATOM   1019 H HE21 . GLN A 1 69 ? 11.703  2.193   1.656   1.00 19.94 ? 1163 GLN A HE21 1 
ATOM   1020 H HE22 . GLN A 1 69 ? 11.897  3.280   0.657   1.00 19.94 ? 1163 GLN A HE22 1 
ATOM   1021 N N    . SER A 1 70 ? 7.453   3.003   6.705   1.00 5.69  ? 1164 SER A N    1 
ATOM   1022 C CA   . SER A 1 70 ? 6.118   3.171   7.232   1.00 5.03  ? 1164 SER A CA   1 
ATOM   1023 C C    . SER A 1 70 ? 5.321   4.169   6.401   1.00 5.14  ? 1164 SER A C    1 
ATOM   1024 O O    . SER A 1 70 ? 5.812   5.235   6.012   1.00 6.52  ? 1164 SER A O    1 
ATOM   1025 C CB   . SER A 1 70 ? 6.198   3.682   8.670   1.00 5.66  ? 1164 SER A CB   1 
ATOM   1026 O OG   . SER A 1 70 ? 4.911   3.959   9.179   1.00 6.78  ? 1164 SER A OG   1 
ATOM   1027 H H    . SER A 1 70 ? 8.075   3.243   7.247   1.00 6.84  ? 1164 SER A H    1 
ATOM   1028 H HA   . SER A 1 70 ? 5.660   2.316   7.213   1.00 6.06  ? 1164 SER A HA   1 
ATOM   1029 H HB2  . SER A 1 70 ? 6.616   3.002   9.222   1.00 6.81  ? 1164 SER A HB2  1 
ATOM   1030 H HB3  . SER A 1 70 ? 6.727   4.495   8.687   1.00 6.81  ? 1164 SER A HB3  1 
ATOM   1031 H HG   . SER A 1 70 ? 4.471   3.247   9.250   1.00 8.15  ? 1164 SER A HG   1 
ATOM   1032 N N    . LEU A 1 71 ? 4.069   3.836   6.149   1.00 5.18  ? 1165 LEU A N    1 
ATOM   1033 C CA   . LEU A 1 71 ? 3.157   4.766   5.512   1.00 5.28  ? 1165 LEU A CA   1 
ATOM   1034 C C    . LEU A 1 71 ? 2.475   5.696   6.488   1.00 5.20  ? 1165 LEU A C    1 
ATOM   1035 O O    . LEU A 1 71 ? 1.747   6.593   6.057   1.00 5.31  ? 1165 LEU A O    1 
ATOM   1036 C CB   . LEU A 1 71 ? 2.087   4.013   4.732   1.00 5.14  ? 1165 LEU A CB   1 
ATOM   1037 C CG   . LEU A 1 71 ? 2.604   3.113   3.621   1.00 5.14  ? 1165 LEU A CG   1 
ATOM   1038 C CD1  . LEU A 1 71 ? 1.438   2.607   2.819   1.00 6.28  ? 1165 LEU A CD1  1 
ATOM   1039 C CD2  . LEU A 1 71 ? 3.613   3.809   2.715   1.00 6.89  ? 1165 LEU A CD2  1 
ATOM   1040 H H    . LEU A 1 71 ? 3.722   3.073   6.341   1.00 6.24  ? 1165 LEU A H    1 
ATOM   1041 H HA   . LEU A 1 71 ? 3.672   5.301   4.887   1.00 6.35  ? 1165 LEU A HA   1 
ATOM   1042 H HB2  . LEU A 1 71 ? 1.594   3.454   5.354   1.00 6.19  ? 1165 LEU A HB2  1 
ATOM   1043 H HB3  . LEU A 1 71 ? 1.490   4.662   4.327   1.00 6.19  ? 1165 LEU A HB3  1 
ATOM   1044 H HG   . LEU A 1 71 ? 3.078   2.369   4.024   1.00 6.19  ? 1165 LEU A HG   1 
ATOM   1045 H HD11 . LEU A 1 71 ? 1.763   1.999   2.137   1.00 7.55  ? 1165 LEU A HD11 1 
ATOM   1046 H HD12 . LEU A 1 71 ? 0.826   2.143   3.411   1.00 7.55  ? 1165 LEU A HD12 1 
ATOM   1047 H HD13 . LEU A 1 71 ? 0.989   3.361   2.403   1.00 7.55  ? 1165 LEU A HD13 1 
ATOM   1048 H HD21 . LEU A 1 71 ? 3.787   3.246   1.945   1.00 8.28  ? 1165 LEU A HD21 1 
ATOM   1049 H HD22 . LEU A 1 71 ? 3.245   4.659   2.427   1.00 8.28  ? 1165 LEU A HD22 1 
ATOM   1050 H HD23 . LEU A 1 71 ? 4.434   3.955   3.211   1.00 8.28  ? 1165 LEU A HD23 1 
ATOM   1051 N N    . LEU A 1 72 ? 2.699   5.533   7.783   1.00 5.47  ? 1166 LEU A N    1 
ATOM   1052 C CA   . LEU A 1 72 ? 1.950   6.315   8.754   1.00 7.24  ? 1166 LEU A CA   1 
ATOM   1053 C C    . LEU A 1 72 ? 2.247   7.798   8.578   1.00 7.19  ? 1166 LEU A C    1 
ATOM   1054 O O    . LEU A 1 72 ? 3.402   8.219   8.559   1.00 7.58  ? 1166 LEU A O    1 
ATOM   1055 C CB   . LEU A 1 72 ? 2.296   5.862   10.169  1.00 7.48  ? 1166 LEU A CB   1 
ATOM   1056 C CG   . LEU A 1 72 ? 1.527   6.586   11.278  1.00 9.91  ? 1166 LEU A CG   1 
ATOM   1057 C CD1  . LEU A 1 72 ? 0.046   6.312   11.199  1.00 12.22 ? 1166 LEU A CD1  1 
ATOM   1058 C CD2  . LEU A 1 72 ? 2.068   6.185   12.640  1.00 12.68 ? 1166 LEU A CD2  1 
ATOM   1059 H H    . LEU A 1 72 ? 3.270   4.986   8.121   1.00 6.58  ? 1166 LEU A H    1 
ATOM   1060 H HA   . LEU A 1 72 ? 0.999   6.178   8.621   1.00 8.71  ? 1166 LEU A HA   1 
ATOM   1061 H HB2  . LEU A 1 72 ? 2.098   4.915   10.245  1.00 9.00  ? 1166 LEU A HB2  1 
ATOM   1062 H HB3  . LEU A 1 72 ? 3.241   6.017   10.319  1.00 9.00  ? 1166 LEU A HB3  1 
ATOM   1063 H HG   . LEU A 1 72 ? 1.649   7.540   11.161  1.00 11.91 ? 1166 LEU A HG   1 
ATOM   1064 H HD11 . LEU A 1 72 ? -0.388  6.698   11.976  1.00 14.68 ? 1166 LEU A HD11 1 
ATOM   1065 H HD12 . LEU A 1 72 ? -0.306  6.714   10.389  1.00 14.68 ? 1166 LEU A HD12 1 
ATOM   1066 H HD13 . LEU A 1 72 ? -0.098  5.353   11.181  1.00 14.68 ? 1166 LEU A HD13 1 
ATOM   1067 H HD21 . LEU A 1 72 ? 1.579   6.664   13.327  1.00 15.24 ? 1166 LEU A HD21 1 
ATOM   1068 H HD22 . LEU A 1 72 ? 1.952   5.229   12.758  1.00 15.24 ? 1166 LEU A HD22 1 
ATOM   1069 H HD23 . LEU A 1 72 ? 3.010   6.411   12.685  1.00 15.24 ? 1166 LEU A HD23 1 
ATOM   1070 N N    . GLY A 1 73 ? 1.176   8.585   8.443   1.00 7.10  ? 1167 GLY A N    1 
ATOM   1071 C CA   . GLY A 1 73 ? 1.281   10.009  8.267   1.00 8.18  ? 1167 GLY A CA   1 
ATOM   1072 C C    . GLY A 1 73 ? 1.688   10.473  6.889   1.00 7.97  ? 1167 GLY A C    1 
ATOM   1073 O O    . GLY A 1 73 ? 1.698   11.689  6.645   1.00 8.06  ? 1167 GLY A O    1 
ATOM   1074 H H    . GLY A 1 73 ? 0.366   8.297   8.453   1.00 8.53  ? 1167 GLY A H    1 
ATOM   1075 H HA2  . GLY A 1 73 ? 0.419   10.407  8.466   1.00 9.83  ? 1167 GLY A HA2  1 
ATOM   1076 H HA3  . GLY A 1 73 ? 1.938   10.348  8.895   1.00 9.83  ? 1167 GLY A HA3  1 
ATOM   1077 N N    . LEU A 1 74 ? 2.045   9.573   5.974   1.00 7.01  ? 1168 LEU A N    1 
ATOM   1078 C CA   . LEU A 1 74 ? 2.396   10.023  4.641   1.00 6.74  ? 1168 LEU A CA   1 
ATOM   1079 C C    . LEU A 1 74 ? 1.152   10.503  3.915   1.00 5.69  ? 1168 LEU A C    1 
ATOM   1080 O O    . LEU A 1 74 ? 0.051   10.007  4.143   1.00 7.61  ? 1168 LEU A O    1 
ATOM   1081 C CB   . LEU A 1 74 ? 3.025   8.905   3.818   1.00 6.64  ? 1168 LEU A CB   1 
ATOM   1082 C CG   . LEU A 1 74 ? 4.389   8.425   4.305   1.00 7.47  ? 1168 LEU A CG   1 
ATOM   1083 C CD1  . LEU A 1 74 ? 5.009   7.440   3.326   1.00 9.78  ? 1168 LEU A CD1  1 
ATOM   1084 C CD2  . LEU A 1 74 ? 5.348   9.586   4.532   1.00 11.04 ? 1168 LEU A CD2  1 
ATOM   1085 H H    . LEU A 1 74 ? 2.090   8.723   6.101   1.00 8.43  ? 1168 LEU A H    1 
ATOM   1086 H HA   . LEU A 1 74 ? 3.040   10.745  4.719   1.00 8.10  ? 1168 LEU A HA   1 
ATOM   1087 H HB2  . LEU A 1 74 ? 2.427   8.141   3.833   1.00 7.99  ? 1168 LEU A HB2  1 
ATOM   1088 H HB3  . LEU A 1 74 ? 3.137   9.221   2.908   1.00 7.99  ? 1168 LEU A HB3  1 
ATOM   1089 H HG   . LEU A 1 74 ? 4.250   7.976   5.154   1.00 8.98  ? 1168 LEU A HG   1 
ATOM   1090 H HD11 . LEU A 1 74 ? 5.829   7.090   3.707   1.00 11.75 ? 1168 LEU A HD11 1 
ATOM   1091 H HD12 . LEU A 1 74 ? 4.383   6.716   3.167   1.00 11.75 ? 1168 LEU A HD12 1 
ATOM   1092 H HD13 . LEU A 1 74 ? 5.200   7.900   2.494   1.00 11.75 ? 1168 LEU A HD13 1 
ATOM   1093 H HD21 . LEU A 1 74 ? 6.244   9.235   4.657   1.00 13.26 ? 1168 LEU A HD21 1 
ATOM   1094 H HD22 . LEU A 1 74 ? 5.327   10.169  3.757   1.00 13.26 ? 1168 LEU A HD22 1 
ATOM   1095 H HD23 . LEU A 1 74 ? 5.071   10.074  5.322   1.00 13.26 ? 1168 LEU A HD23 1 
ATOM   1096 N N    . THR A 1 75 ? 1.329   11.468  3.029   1.00 5.95  ? 1169 THR A N    1 
ATOM   1097 C CA   . THR A 1 75 ? 0.224   11.826  2.165   1.00 6.70  ? 1169 THR A CA   1 
ATOM   1098 C C    . THR A 1 75 ? -0.047  10.686  1.190   1.00 5.44  ? 1169 THR A C    1 
ATOM   1099 O O    . THR A 1 75 ? 0.810   9.836   0.912   1.00 5.84  ? 1169 THR A O    1 
ATOM   1100 C CB   . THR A 1 75 ? 0.509   13.091  1.359   1.00 6.94  ? 1169 THR A CB   1 
ATOM   1101 O OG1  . THR A 1 75 ? 1.618   12.856  0.490   1.00 7.33  ? 1169 THR A OG1  1 
ATOM   1102 C CG2  . THR A 1 75 ? 0.791   14.270  2.256   1.00 9.80  ? 1169 THR A CG2  1 
ATOM   1103 H H    . THR A 1 75 ? 2.054   11.917  2.913   1.00 7.16  ? 1169 THR A H    1 
ATOM   1104 H HA   . THR A 1 75 ? -0.554  11.997  2.717   1.00 8.06  ? 1169 THR A HA   1 
ATOM   1105 H HB   . THR A 1 75 ? -0.272  13.318  0.831   1.00 8.34  ? 1169 THR A HB   1 
ATOM   1106 H HG1  . THR A 1 75 ? 2.314   12.724  0.941   1.00 8.81  ? 1169 THR A HG1  1 
ATOM   1107 H HG21 . THR A 1 75 ? 0.945   15.065  1.721   1.00 11.77 ? 1169 THR A HG21 1 
ATOM   1108 H HG22 . THR A 1 75 ? 0.036   14.428  2.843   1.00 11.77 ? 1169 THR A HG22 1 
ATOM   1109 H HG23 . THR A 1 75 ? 1.578   14.097  2.795   1.00 11.77 ? 1169 THR A HG23 1 
ATOM   1110 N N    . HIS A 1 76 ? -1.249  10.702  0.642   1.00 6.14  ? 1170 HIS A N    1 
ATOM   1111 C CA   . HIS A 1 76 ? -1.619  9.730   -0.365  1.00 6.66  ? 1170 HIS A CA   1 
ATOM   1112 C C    . HIS A 1 76 ? -0.611  9.714   -1.498  1.00 6.16  ? 1170 HIS A C    1 
ATOM   1113 O O    . HIS A 1 76 ? -0.187  8.645   -1.953  1.00 6.41  ? 1170 HIS A O    1 
ATOM   1114 C CB   . HIS A 1 76 ? -3.002  10.095  -0.883  1.00 6.56  ? 1170 HIS A CB   1 
ATOM   1115 C CG   . HIS A 1 76 ? -3.488  9.190   -1.948  1.00 7.12  ? 1170 HIS A CG   1 
ATOM   1116 N ND1  . HIS A 1 76 ? -4.058  7.971   -1.675  1.00 8.63  ? 1170 HIS A ND1  1 
ATOM   1117 C CD2  . HIS A 1 76 ? -3.429  9.292   -3.291  1.00 7.20  ? 1170 HIS A CD2  1 
ATOM   1118 C CE1  . HIS A 1 76 ? -4.371  7.374   -2.811  1.00 9.55  ? 1170 HIS A CE1  1 
ATOM   1119 N NE2  . HIS A 1 76 ? -3.987  8.148   -3.806  1.00 7.27  ? 1170 HIS A NE2  1 
ATOM   1120 H H    . HIS A 1 76 ? -1.869  11.265  0.835   1.00 7.39  ? 1170 HIS A H    1 
ATOM   1121 H HA   . HIS A 1 76 ? -1.644  8.840   0.019   1.00 8.01  ? 1170 HIS A HA   1 
ATOM   1122 H HB2  . HIS A 1 76 ? -3.633  10.054  -0.148  1.00 7.90  ? 1170 HIS A HB2  1 
ATOM   1123 H HB3  . HIS A 1 76 ? -2.974  10.994  -1.247  1.00 7.90  ? 1170 HIS A HB3  1 
ATOM   1124 H HD2  . HIS A 1 76 ? -3.075  10.003  -3.778  1.00 8.66  ? 1170 HIS A HD2  1 
ATOM   1125 H HE1  . HIS A 1 76 ? -4.790  6.549   -2.896  1.00 11.47 ? 1170 HIS A HE1  1 
ATOM   1126 H HE2  . HIS A 1 76 ? -4.073  7.968   -4.642  1.00 8.74  ? 1170 HIS A HE2  1 
ATOM   1127 N N    . GLY A 1 77 ? -0.209  10.891  -1.969  1.00 6.35  ? 1171 GLY A N    1 
ATOM   1128 C CA   . GLY A 1 77 ? 0.699   10.958  -3.096  1.00 6.85  ? 1171 GLY A CA   1 
ATOM   1129 C C    . GLY A 1 77 ? 2.060   10.384  -2.778  1.00 7.36  ? 1171 GLY A C    1 
ATOM   1130 O O    . GLY A 1 77 ? 2.706   9.790   -3.640  1.00 6.63  ? 1171 GLY A O    1 
ATOM   1131 H H    . GLY A 1 77 ? -0.447  11.657  -1.657  1.00 7.64  ? 1171 GLY A H    1 
ATOM   1132 H HA2  . GLY A 1 77 ? 0.324   10.460  -3.839  1.00 8.24  ? 1171 GLY A HA2  1 
ATOM   1133 H HA3  . GLY A 1 77 ? 0.813   11.885  -3.361  1.00 8.24  ? 1171 GLY A HA3  1 
ATOM   1134 N N    . GLU A 1 78 ? 2.527   10.569  -1.547  1.00 5.55  ? 1172 GLU A N    1 
ATOM   1135 C CA   . GLU A 1 78 ? 3.811   10.006  -1.165  1.00 5.87  ? 1172 GLU A CA   1 
ATOM   1136 C C    . GLU A 1 78 ? 3.738   8.488   -1.067  1.00 5.47  ? 1172 GLU A C    1 
ATOM   1137 O O    . GLU A 1 78 ? 4.696   7.779   -1.408  1.00 5.74  ? 1172 GLU A O    1 
ATOM   1138 C CB   . GLU A 1 78 ? 4.246   10.566  0.173   1.00 6.13  ? 1172 GLU A CB   1 
ATOM   1139 C CG   . GLU A 1 78 ? 4.716   11.990  0.125   1.00 7.23  ? 1172 GLU A CG   1 
ATOM   1140 C CD   . GLU A 1 78 ? 4.871   12.576  1.512   1.00 8.95  ? 1172 GLU A CD   1 
ATOM   1141 O OE1  . GLU A 1 78 ? 3.835   12.799  2.183   1.00 8.82  ? 1172 GLU A OE1  1 
ATOM   1142 O OE2  . GLU A 1 78 ? 6.026   12.765  1.946   1.00 9.31  ? 1172 GLU A OE2  1 
ATOM   1143 H H    . GLU A 1 78 ? 2.127   11.009  -0.924  1.00 6.68  ? 1172 GLU A H    1 
ATOM   1144 H HA   . GLU A 1 78 ? 4.464   10.249  -1.840  1.00 7.06  ? 1172 GLU A HA   1 
ATOM   1145 H HB2  . GLU A 1 78 ? 3.495   10.526  0.784   1.00 7.38  ? 1172 GLU A HB2  1 
ATOM   1146 H HB3  . GLU A 1 78 ? 4.978   10.027  0.511   1.00 7.38  ? 1172 GLU A HB3  1 
ATOM   1147 H HG2  . GLU A 1 78 ? 5.578   12.028  -0.318  1.00 8.70  ? 1172 GLU A HG2  1 
ATOM   1148 H HG3  . GLU A 1 78 ? 4.069   12.524  -0.360  1.00 8.70  ? 1172 GLU A HG3  1 
ATOM   1149 N N    . ALA A 1 79 ? 2.617   7.967   -0.590  1.00 5.13  ? 1173 ALA A N    1 
ATOM   1150 C CA   . ALA A 1 79 ? 2.450   6.519   -0.549  1.00 5.28  ? 1173 ALA A CA   1 
ATOM   1151 C C    . ALA A 1 79 ? 2.379   5.948   -1.949  1.00 5.29  ? 1173 ALA A C    1 
ATOM   1152 O O    . ALA A 1 79 ? 2.998   4.925   -2.243  1.00 5.36  ? 1173 ALA A O    1 
ATOM   1153 C CB   . ALA A 1 79 ? 1.197   6.175   0.246   1.00 5.71  ? 1173 ALA A CB   1 
ATOM   1154 H H    . ALA A 1 79 ? 1.949   8.416   -0.288  1.00 6.18  ? 1173 ALA A H    1 
ATOM   1155 H HA   . ALA A 1 79 ? 3.209   6.116   -0.100  1.00 6.36  ? 1173 ALA A HA   1 
ATOM   1156 H HB1  . ALA A 1 79 ? 1.087   5.212   0.259   1.00 6.87  ? 1173 ALA A HB1  1 
ATOM   1157 H HB2  . ALA A 1 79 ? 1.297   6.508   1.152   1.00 6.87  ? 1173 ALA A HB2  1 
ATOM   1158 H HB3  . ALA A 1 79 ? 0.431   6.591   -0.177  1.00 6.87  ? 1173 ALA A HB3  1 
ATOM   1159 N N    . VAL A 1 80 ? 1.657   6.607   -2.842  1.00 4.99  ? 1174 VAL A N    1 
ATOM   1160 C CA   . VAL A 1 80 ? 1.625   6.170   -4.232  1.00 6.54  ? 1174 VAL A CA   1 
ATOM   1161 C C    . VAL A 1 80 ? 3.018   6.193   -4.837  1.00 7.16  ? 1174 VAL A C    1 
ATOM   1162 O O    . VAL A 1 80 ? 3.399   5.286   -5.588  1.00 7.84  ? 1174 VAL A O    1 
ATOM   1163 C CB   . VAL A 1 80 ? 0.631   7.027   -5.026  1.00 7.55  ? 1174 VAL A CB   1 
ATOM   1164 C CG1  . VAL A 1 80 ? 0.788   6.770   -6.511  1.00 10.16 ? 1174 VAL A CG1  1 
ATOM   1165 C CG2  . VAL A 1 80 ? -0.779  6.703   -4.591  1.00 9.08  ? 1174 VAL A CG2  1 
ATOM   1166 H H    . VAL A 1 80 ? 1.178   7.302   -2.675  1.00 6.01  ? 1174 VAL A H    1 
ATOM   1167 H HA   . VAL A 1 80 ? 1.318   5.250   -4.264  1.00 7.87  ? 1174 VAL A HA   1 
ATOM   1168 H HB   . VAL A 1 80 ? 0.805   7.966   -4.857  1.00 9.08  ? 1174 VAL A HB   1 
ATOM   1169 H HG11 . VAL A 1 80 ? -0.009  7.074   -6.971  1.00 12.21 ? 1174 VAL A HG11 1 
ATOM   1170 H HG12 . VAL A 1 80 ? 1.563   7.255   -6.834  1.00 12.21 ? 1174 VAL A HG12 1 
ATOM   1171 H HG13 . VAL A 1 80 ? 0.910   5.818   -6.655  1.00 12.21 ? 1174 VAL A HG13 1 
ATOM   1172 H HG21 . VAL A 1 80 ? -1.399  7.244   -5.103  1.00 10.91 ? 1174 VAL A HG21 1 
ATOM   1173 H HG22 . VAL A 1 80 ? -0.950  5.762   -4.750  1.00 10.91 ? 1174 VAL A HG22 1 
ATOM   1174 H HG23 . VAL A 1 80 ? -0.870  6.900   -3.646  1.00 10.91 ? 1174 VAL A HG23 1 
ATOM   1175 N N    . GLN A 1 81 ? 3.806   7.221   -4.538  1.00 6.19  ? 1175 GLN A N    1 
ATOM   1176 C CA   . GLN A 1 81 ? 5.166   7.264   -5.047  1.00 6.59  ? 1175 GLN A CA   1 
ATOM   1177 C C    . GLN A 1 81 ? 5.994   6.091   -4.543  1.00 5.52  ? 1175 GLN A C    1 
ATOM   1178 O O    . GLN A 1 81 ? 6.780   5.519   -5.303  1.00 6.18  ? 1175 GLN A O    1 
ATOM   1179 C CB   . GLN A 1 81 ? 5.821   8.591   -4.682  1.00 7.99  ? 1175 GLN A CB   1 
ATOM   1180 C CG   . GLN A 1 81 ? 7.281   8.666   -5.110  1.00 12.39 ? 1175 GLN A CG   1 
ATOM   1181 C CD   . GLN A 1 81 ? 7.470   8.428   -6.599  1.00 18.43 ? 1175 GLN A CD   1 
ATOM   1182 O OE1  . GLN A 1 81 ? 6.894   9.135   -7.425  1.00 18.65 ? 1175 GLN A OE1  1 
ATOM   1183 N NE2  . GLN A 1 81 ? 8.273   7.418   -6.948  1.00 18.60 ? 1175 GLN A NE2  1 
ATOM   1184 H H    . GLN A 1 81 ? 3.582   7.894   -4.052  1.00 7.45  ? 1175 GLN A H    1 
ATOM   1185 H HA   . GLN A 1 81 ? 5.134   7.204   -6.014  1.00 7.93  ? 1175 GLN A HA   1 
ATOM   1186 H HB2  . GLN A 1 81 ? 5.342   9.311   -5.122  1.00 9.61  ? 1175 GLN A HB2  1 
ATOM   1187 H HB3  . GLN A 1 81 ? 5.784   8.708   -3.720  1.00 9.61  ? 1175 GLN A HB3  1 
ATOM   1188 H HG2  . GLN A 1 81 ? 7.626   9.549   -4.901  1.00 14.89 ? 1175 GLN A HG2  1 
ATOM   1189 H HG3  . GLN A 1 81 ? 7.786   7.990   -4.631  1.00 14.89 ? 1175 GLN A HG3  1 
ATOM   1190 H HE21 . GLN A 1 81 ? 8.654   6.941   -6.341  1.00 22.33 ? 1175 GLN A HE21 1 
ATOM   1191 H HE22 . GLN A 1 81 ? 8.410   7.245   -7.779  1.00 22.33 ? 1175 GLN A HE22 1 
ATOM   1192 N N    . LEU A 1 82 ? 5.849   5.715   -3.276  1.00 5.13  ? 1176 LEU A N    1 
ATOM   1193 C CA   . LEU A 1 82 ? 6.548   4.531   -2.791  1.00 4.64  ? 1176 LEU A CA   1 
ATOM   1194 C C    . LEU A 1 82 ? 6.133   3.305   -3.584  1.00 4.00  ? 1176 LEU A C    1 
ATOM   1195 O O    . LEU A 1 82 ? 6.963   2.453   -3.893  1.00 4.50  ? 1176 LEU A O    1 
ATOM   1196 C CB   . LEU A 1 82 ? 6.312   4.327   -1.300  1.00 5.40  ? 1176 LEU A CB   1 
ATOM   1197 C CG   . LEU A 1 82 ? 7.180   5.195   -0.395  1.00 5.88  ? 1176 LEU A CG   1 
ATOM   1198 C CD1  . LEU A 1 82 ? 6.638   5.171   1.012   1.00 8.13  ? 1176 LEU A CD1  1 
ATOM   1199 C CD2  . LEU A 1 82 ? 8.626   4.724   -0.412  1.00 12.18 ? 1176 LEU A CD2  1 
ATOM   1200 H H    . LEU A 1 82 ? 5.364   6.115   -2.690  1.00 6.18  ? 1176 LEU A H    1 
ATOM   1201 H HA   . LEU A 1 82 ? 7.503   4.663   -2.905  1.00 5.59  ? 1176 LEU A HA   1 
ATOM   1202 H HB2  . LEU A 1 82 ? 5.384   4.535   -1.104  1.00 6.50  ? 1176 LEU A HB2  1 
ATOM   1203 H HB3  . LEU A 1 82 ? 6.497   3.399   -1.082  1.00 6.50  ? 1176 LEU A HB3  1 
ATOM   1204 H HG   . LEU A 1 82 ? 7.163   6.108   -0.722  1.00 7.07  ? 1176 LEU A HG   1 
ATOM   1205 H HD11 . LEU A 1 82 ? 7.214   5.705   1.582   1.00 9.78  ? 1176 LEU A HD11 1 
ATOM   1206 H HD12 . LEU A 1 82 ? 5.741   5.539   1.011   1.00 9.78  ? 1176 LEU A HD12 1 
ATOM   1207 H HD13 . LEU A 1 82 ? 6.619   4.254   1.328   1.00 9.78  ? 1176 LEU A HD13 1 
ATOM   1208 H HD21 . LEU A 1 82 ? 9.127   5.218   0.256   1.00 14.63 ? 1176 LEU A HD21 1 
ATOM   1209 H HD22 . LEU A 1 82 ? 8.651   3.776   -0.209  1.00 14.63 ? 1176 LEU A HD22 1 
ATOM   1210 H HD23 . LEU A 1 82 ? 9.001   4.885   -1.292  1.00 14.63 ? 1176 LEU A HD23 1 
ATOM   1211 N N    . LEU A 1 83 ? 4.850   3.200   -3.918  1.00 4.08  ? 1177 LEU A N    1 
ATOM   1212 C CA   . LEU A 1 83 ? 4.356   2.059   -4.684  1.00 3.57  ? 1177 LEU A CA   1 
ATOM   1213 C C    . LEU A 1 83 ? 4.845   2.072   -6.121  1.00 4.34  ? 1177 LEU A C    1 
ATOM   1214 O O    . LEU A 1 83 ? 4.679   1.062   -6.813  1.00 5.17  ? 1177 LEU A O    1 
ATOM   1215 C CB   . LEU A 1 83 ? 2.835   2.016   -4.621  1.00 5.21  ? 1177 LEU A CB   1 
ATOM   1216 C CG   . LEU A 1 83 ? 2.264   1.658   -3.250  1.00 5.65  ? 1177 LEU A CG   1 
ATOM   1217 C CD1  . LEU A 1 83 ? 0.797   2.022   -3.153  1.00 6.25  ? 1177 LEU A CD1  1 
ATOM   1218 C CD2  . LEU A 1 83 ? 2.471   0.181   -2.969  1.00 6.09  ? 1177 LEU A CD2  1 
ATOM   1219 H H    . LEU A 1 83 ? 4.244   3.775   -3.715  1.00 4.91  ? 1177 LEU A H    1 
ATOM   1220 H HA   . LEU A 1 83 ? 4.677   1.236   -4.283  1.00 4.30  ? 1177 LEU A HA   1 
ATOM   1221 H HB2  . LEU A 1 83 ? 2.492   2.891   -4.861  1.00 6.27  ? 1177 LEU A HB2  1 
ATOM   1222 H HB3  . LEU A 1 83 ? 2.519   1.351   -5.252  1.00 6.27  ? 1177 LEU A HB3  1 
ATOM   1223 H HG   . LEU A 1 83 ? 2.734   2.170   -2.571  1.00 6.79  ? 1177 LEU A HG   1 
ATOM   1224 H HD11 . LEU A 1 83 ? 0.467   1.775   -2.275  1.00 7.52  ? 1177 LEU A HD11 1 
ATOM   1225 H HD12 . LEU A 1 83 ? 0.698   2.978   -3.286  1.00 7.52  ? 1177 LEU A HD12 1 
ATOM   1226 H HD13 . LEU A 1 83 ? 0.306   1.541   -3.837  1.00 7.52  ? 1177 LEU A HD13 1 
ATOM   1227 H HD21 . LEU A 1 83 ? 2.056   -0.042  -2.121  1.00 7.33  ? 1177 LEU A HD21 1 
ATOM   1228 H HD22 . LEU A 1 83 ? 2.064   -0.337  -3.681  1.00 7.33  ? 1177 LEU A HD22 1 
ATOM   1229 H HD23 . LEU A 1 83 ? 3.423   -0.004  -2.929  1.00 7.33  ? 1177 LEU A HD23 1 
ATOM   1230 N N    . ARG A 1 84 ? 5.456   3.170   -6.568  1.00 4.49  ? 1178 ARG A N    1 
ATOM   1231 C CA   . ARG A 1 84 ? 6.032   3.301   -7.899  1.00 5.38  ? 1178 ARG A CA   1 
ATOM   1232 C C    . ARG A 1 84 ? 7.553   3.291   -7.868  1.00 5.92  ? 1178 ARG A C    1 
ATOM   1233 O O    . ARG A 1 84 ? 8.191   3.605   -8.872  1.00 6.67  ? 1178 ARG A O    1 
ATOM   1234 C CB   . ARG A 1 84 ? 5.509   4.560   -8.586  1.00 7.27  ? 1178 ARG A CB   1 
ATOM   1235 C CG   . ARG A 1 84 ? 4.010   4.472   -8.811  1.00 11.23 ? 1178 ARG A CG   1 
ATOM   1236 C CD   . ARG A 1 84 ? 3.380   5.817   -9.112  1.00 9.79  ? 1178 ARG A CD   1 
ATOM   1237 N NE   . ARG A 1 84 ? 3.873   6.420   -10.347 1.00 18.45 ? 1178 ARG A NE   1 
ATOM   1238 C CZ   . ARG A 1 84 ? 3.288   6.300   -11.540 1.00 18.62 ? 1178 ARG A CZ   1 
ATOM   1239 N NH1  . ARG A 1 84 ? 3.819   6.910   -12.593 1.00 19.36 ? 1178 ARG A NH1  1 
ATOM   1240 N NH2  . ARG A 1 84 ? 2.187   5.574   -11.687 1.00 18.53 ? 1178 ARG A NH2  1 
ATOM   1241 H H    . ARG A 1 84 ? 5.550   3.882   -6.094  1.00 5.40  ? 1178 ARG A H    1 
ATOM   1242 H HA   . ARG A 1 84 ? 5.748   2.547   -8.438  1.00 6.47  ? 1178 ARG A HA   1 
ATOM   1243 H HB2  . ARG A 1 84 ? 5.692   5.332   -8.027  1.00 8.74  ? 1178 ARG A HB2  1 
ATOM   1244 H HB3  . ARG A 1 84 ? 5.945   4.663   -9.446  1.00 8.74  ? 1178 ARG A HB3  1 
ATOM   1245 H HG2  . ARG A 1 84 ? 3.837   3.886   -9.564  1.00 13.49 ? 1178 ARG A HG2  1 
ATOM   1246 H HG3  . ARG A 1 84 ? 3.589   4.117   -8.012  1.00 13.49 ? 1178 ARG A HG3  1 
ATOM   1247 H HD2  . ARG A 1 84 ? 2.420   5.704   -9.198  1.00 11.76 ? 1178 ARG A HD2  1 
ATOM   1248 H HD3  . ARG A 1 84 ? 3.577   6.427   -8.383  1.00 11.76 ? 1178 ARG A HD3  1 
ATOM   1249 H HE   . ARG A 1 84 ? 4.593   6.888   -10.303 1.00 22.15 ? 1178 ARG A HE   1 
ATOM   1250 H HH11 . ARG A 1 84 ? 4.534   7.378   -12.503 1.00 23.25 ? 1178 ARG A HH11 1 
ATOM   1251 H HH12 . ARG A 1 84 ? 3.447   6.837   -13.366 1.00 23.25 ? 1178 ARG A HH12 1 
ATOM   1252 H HH21 . ARG A 1 84 ? 1.842   5.173   -11.008 1.00 22.26 ? 1178 ARG A HH21 1 
ATOM   1253 H HH22 . ARG A 1 84 ? 1.819   5.503   -12.461 1.00 22.26 ? 1178 ARG A HH22 1 
ATOM   1254 N N    . SER A 1 85 ? 8.144   2.884   -6.765  1.00 4.33  ? 1179 SER A N    1 
ATOM   1255 C CA   . SER A 1 85 ? 9.586   2.844   -6.639  1.00 5.36  ? 1179 SER A CA   1 
ATOM   1256 C C    . SER A 1 85 ? 10.172  1.957   -7.724  1.00 5.65  ? 1179 SER A C    1 
ATOM   1257 O O    . SER A 1 85 ? 9.618   0.915   -8.076  1.00 5.72  ? 1179 SER A O    1 
ATOM   1258 C CB   . SER A 1 85 ? 9.988   2.261   -5.283  1.00 5.95  ? 1179 SER A CB   1 
ATOM   1259 O OG   . SER A 1 85 ? 9.547   3.062   -4.203  1.00 6.37  ? 1179 SER A OG   1 
ATOM   1260 H H    . SER A 1 85 ? 7.729   2.621   -6.059  1.00 5.22  ? 1179 SER A H    1 
ATOM   1261 H HA   . SER A 1 85 ? 9.934   3.745   -6.716  1.00 6.44  ? 1179 SER A HA   1 
ATOM   1262 H HB2  . SER A 1 85 ? 9.595   1.378   -5.196  1.00 7.15  ? 1179 SER A HB2  1 
ATOM   1263 H HB3  . SER A 1 85 ? 10.956  2.196   -5.248  1.00 7.15  ? 1179 SER A HB3  1 
ATOM   1264 H HG   . SER A 1 85 ? 8.716   3.170   -4.246  1.00 7.67  ? 1179 SER A HG   1 
ATOM   1265 N N    . VAL A 1 86 ? 11.334  2.347   -8.223  1.00 5.28  ? 1180 VAL A N    1 
ATOM   1266 C CA   . VAL A 1 86 ? 11.987  1.523   -9.213  1.00 5.89  ? 1180 VAL A CA   1 
ATOM   1267 C C    . VAL A 1 86 ? 12.480  0.235   -8.562  1.00 5.82  ? 1180 VAL A C    1 
ATOM   1268 O O    . VAL A 1 86 ? 12.614  0.114   -7.336  1.00 5.82  ? 1180 VAL A O    1 
ATOM   1269 C CB   . VAL A 1 86 ? 13.120  2.252   -9.957  1.00 11.54 ? 1180 VAL A CB   1 
ATOM   1270 C CG1  . VAL A 1 86 ? 12.599  3.524   -10.609 1.00 12.00 ? 1180 VAL A CG1  1 
ATOM   1271 C CG2  . VAL A 1 86 ? 14.248  2.548   -9.024  1.00 11.39 ? 1180 VAL A CG2  1 
ATOM   1272 H H    . VAL A 1 86 ? 11.753  3.067   -8.011  1.00 6.35  ? 1180 VAL A H    1 
ATOM   1273 H HA   . VAL A 1 86 ? 11.329  1.298   -9.889  1.00 7.08  ? 1180 VAL A HA   1 
ATOM   1274 H HB   . VAL A 1 86 ? 13.458  1.677   -10.661 1.00 13.87 ? 1180 VAL A HB   1 
ATOM   1275 H HG11 . VAL A 1 86 ? 13.314  3.934   -11.119 1.00 14.42 ? 1180 VAL A HG11 1 
ATOM   1276 H HG12 . VAL A 1 86 ? 11.861  3.298   -11.198 1.00 14.42 ? 1180 VAL A HG12 1 
ATOM   1277 H HG13 . VAL A 1 86 ? 12.295  4.133   -9.917  1.00 14.42 ? 1180 VAL A HG13 1 
ATOM   1278 H HG21 . VAL A 1 86 ? 14.873  3.146   -9.465  1.00 13.69 ? 1180 VAL A HG21 1 
ATOM   1279 H HG22 . VAL A 1 86 ? 13.895  2.968   -8.225  1.00 13.69 ? 1180 VAL A HG22 1 
ATOM   1280 H HG23 . VAL A 1 86 ? 14.693  1.717   -8.792  1.00 13.69 ? 1180 VAL A HG23 1 
ATOM   1281 N N    . GLY A 1 87 ? 12.775  -0.738  -9.405  1.00 5.37  ? 1181 GLY A N    1 
ATOM   1282 C CA   . GLY A 1 87 ? 13.300  -1.998  -8.959  1.00 5.46  ? 1181 GLY A CA   1 
ATOM   1283 C C    . GLY A 1 87 ? 12.538  -3.152  -9.558  1.00 3.78  ? 1181 GLY A C    1 
ATOM   1284 O O    . GLY A 1 87 ? 11.386  -2.999  -9.989  1.00 4.92  ? 1181 GLY A O    1 
ATOM   1285 H H    . GLY A 1 87 ? 12.676  -0.685  -10.258 1.00 6.46  ? 1181 GLY A H    1 
ATOM   1286 H HA2  . GLY A 1 87 ? 14.231  -2.073  -9.220  1.00 6.57  ? 1181 GLY A HA2  1 
ATOM   1287 H HA3  . GLY A 1 87 ? 13.237  -2.054  -7.993  1.00 6.57  ? 1181 GLY A HA3  1 
ATOM   1288 N N    . ASP A 1 88 ? 13.165  -4.312  -9.617  1.00 3.90  ? 1182 ASP A N    1 
ATOM   1289 C CA   . ASP A 1 88 ? 12.487  -5.470  -10.183 1.00 4.78  ? 1182 ASP A CA   1 
ATOM   1290 C C    . ASP A 1 88 ? 11.689  -6.241  -9.144  1.00 3.78  ? 1182 ASP A C    1 
ATOM   1291 O O    . ASP A 1 88 ? 11.078  -7.263  -9.471  1.00 4.26  ? 1182 ASP A O    1 
ATOM   1292 C CB   . ASP A 1 88 ? 13.445  -6.349  -10.993 1.00 6.92  ? 1182 ASP A CB   1 
ATOM   1293 C CG   . ASP A 1 88 ? 14.599  -6.856  -10.211 1.00 8.89  ? 1182 ASP A CG   1 
ATOM   1294 O OD1  . ASP A 1 88 ? 14.493  -7.014  -8.987  1.00 9.85  ? 1182 ASP A OD1  1 
ATOM   1295 O OD2  . ASP A 1 88 ? 15.647  -7.123  -10.842 1.00 9.05  ? 1182 ASP A OD2  1 
ATOM   1296 H H    . ASP A 1 88 ? 13.967  -4.454  -9.342  1.00 4.70  ? 1182 ASP A H    1 
ATOM   1297 H HA   . ASP A 1 88 ? 11.843  -5.172  -10.844 1.00 5.76  ? 1182 ASP A HA   1 
ATOM   1298 H HB2  . ASP A 1 88 ? 12.956  -7.115  -11.330 1.00 8.32  ? 1182 ASP A HB2  1 
ATOM   1299 H HB3  . ASP A 1 88 ? 13.796  -5.828  -11.733 1.00 8.32  ? 1182 ASP A HB3  1 
ATOM   1300 N N    . THR A 1 89 ? 11.665  -5.778  -7.909  1.00 4.42  ? 1183 THR A N    1 
ATOM   1301 C CA   . THR A 1 89 ? 10.701  -6.266  -6.940  1.00 4.89  ? 1183 THR A CA   1 
ATOM   1302 C C    . THR A 1 89 ? 10.274  -5.066  -6.107  1.00 4.50  ? 1183 THR A C    1 
ATOM   1303 O O    . THR A 1 89 ? 10.904  -4.005  -6.129  1.00 5.46  ? 1183 THR A O    1 
ATOM   1304 C CB   . THR A 1 89 ? 11.289  -7.326  -6.003  1.00 6.49  ? 1183 THR A CB   1 
ATOM   1305 O OG1  . THR A 1 89 ? 12.342  -6.733  -5.238  1.00 8.41  ? 1183 THR A OG1  1 
ATOM   1306 C CG2  . THR A 1 89 ? 11.825  -8.531  -6.760  1.00 7.54  ? 1183 THR A CG2  1 
ATOM   1307 H H    . THR A 1 89 ? 12.201  -5.177  -7.606  1.00 5.32  ? 1183 THR A H    1 
ATOM   1308 H HA   . THR A 1 89 ? 9.949   -6.662  -7.407  1.00 5.89  ? 1183 THR A HA   1 
ATOM   1309 H HB   . THR A 1 89 ? 10.587  -7.651  -5.419  1.00 7.81  ? 1183 THR A HB   1 
ATOM   1310 H HG1  . THR A 1 89 ? 12.020  -6.227  -4.649  1.00 10.11 ? 1183 THR A HG1  1 
ATOM   1311 H HG21 . THR A 1 89 ? 12.164  -9.191  -6.135  1.00 9.07  ? 1183 THR A HG21 1 
ATOM   1312 H HG22 . THR A 1 89 ? 11.117  -8.932  -7.290  1.00 9.07  ? 1183 THR A HG22 1 
ATOM   1313 H HG23 . THR A 1 89 ? 12.544  -8.259  -7.351  1.00 9.07  ? 1183 THR A HG23 1 
ATOM   1314 N N    . LEU A 1 90 ? 9.198   -5.238  -5.358  1.00 3.92  ? 1184 LEU A N    1 
ATOM   1315 C CA   . LEU A 1 90 ? 8.745   -4.246  -4.401  1.00 3.28  ? 1184 LEU A CA   1 
ATOM   1316 C C    . LEU A 1 90 ? 8.192   -5.025  -3.225  1.00 3.84  ? 1184 LEU A C    1 
ATOM   1317 O O    . LEU A 1 90 ? 7.518   -6.041  -3.409  1.00 4.71  ? 1184 LEU A O    1 
ATOM   1318 C CB   . LEU A 1 90 ? 7.716   -3.330  -5.049  1.00 6.22  ? 1184 LEU A CB   1 
ATOM   1319 C CG   . LEU A 1 90 ? 7.236   -2.192  -4.149  1.00 5.29  ? 1184 LEU A CG   1 
ATOM   1320 C CD1  . LEU A 1 90 ? 7.046   -0.924  -4.959  1.00 9.76  ? 1184 LEU A CD1  1 
ATOM   1321 C CD2  . LEU A 1 90 ? 5.942   -2.584  -3.448  1.00 6.58  ? 1184 LEU A CD2  1 
ATOM   1322 H H    . LEU A 1 90 ? 8.701   -5.940  -5.387  1.00 4.72  ? 1184 LEU A H    1 
ATOM   1323 H HA   . LEU A 1 90 ? 9.451   -3.668  -4.071  1.00 3.96  ? 1184 LEU A HA   1 
ATOM   1324 H HB2  . LEU A 1 90 ? 8.111   -2.932  -5.840  1.00 7.48  ? 1184 LEU A HB2  1 
ATOM   1325 H HB3  . LEU A 1 90 ? 6.941   -3.859  -5.294  1.00 7.48  ? 1184 LEU A HB3  1 
ATOM   1326 H HG   . LEU A 1 90 ? 7.903   -2.017  -3.467  1.00 6.37  ? 1184 LEU A HG   1 
ATOM   1327 H HD11 . LEU A 1 90 ? 6.716   -0.222  -4.375  1.00 11.73 ? 1184 LEU A HD11 1 
ATOM   1328 H HD12 . LEU A 1 90 ? 7.899   -0.663  -5.340  1.00 11.73 ? 1184 LEU A HD12 1 
ATOM   1329 H HD13 . LEU A 1 90 ? 6.406   -1.094  -5.667  1.00 11.73 ? 1184 LEU A HD13 1 
ATOM   1330 H HD21 . LEU A 1 90 ? 5.598   -1.814  -2.968  1.00 7.91  ? 1184 LEU A HD21 1 
ATOM   1331 H HD22 . LEU A 1 90 ? 5.298   -2.873  -4.113  1.00 7.91  ? 1184 LEU A HD22 1 
ATOM   1332 H HD23 . LEU A 1 90 ? 6.124   -3.306  -2.827  1.00 7.91  ? 1184 LEU A HD23 1 
ATOM   1333 N N    . THR A 1 91 ? 8.460   -4.563  -2.020  1.00 3.25  ? 1185 THR A N    1 
ATOM   1334 C CA   . THR A 1 91 ? 8.030   -5.275  -0.823  1.00 4.77  ? 1185 THR A CA   1 
ATOM   1335 C C    . THR A 1 91 ? 6.932   -4.492  -0.124  1.00 4.13  ? 1185 THR A C    1 
ATOM   1336 O O    . THR A 1 91 ? 6.979   -3.262  -0.047  1.00 5.18  ? 1185 THR A O    1 
ATOM   1337 C CB   . THR A 1 91 ? 9.225   -5.502  0.103   1.00 7.19  ? 1185 THR A CB   1 
ATOM   1338 O OG1  . THR A 1 91 ? 10.183  -6.346  -0.558  1.00 10.57 ? 1185 THR A OG1  1 
ATOM   1339 C CG2  . THR A 1 91 ? 8.818   -6.123  1.420   1.00 10.56 ? 1185 THR A CG2  1 
ATOM   1340 H H    . THR A 1 91 ? 8.892   -3.835  -1.866  1.00 3.92  ? 1185 THR A H    1 
ATOM   1341 H HA   . THR A 1 91 ? 7.657   -6.141  -1.052  1.00 5.74  ? 1185 THR A HA   1 
ATOM   1342 H HB   . THR A 1 91 ? 9.626   -4.644  0.312   1.00 8.65  ? 1185 THR A HB   1 
ATOM   1343 H HG1  . THR A 1 91 ? 9.836   -7.091  -0.733  1.00 12.70 ? 1185 THR A HG1  1 
ATOM   1344 H HG21 . THR A 1 91 ? 9.603   -6.441  1.893   1.00 12.69 ? 1185 THR A HG21 1 
ATOM   1345 H HG22 . THR A 1 91 ? 8.363   -5.466  1.970   1.00 12.69 ? 1185 THR A HG22 1 
ATOM   1346 H HG23 . THR A 1 91 ? 8.222   -6.871  1.263   1.00 12.69 ? 1185 THR A HG23 1 
ATOM   1347 N N    . VAL A 1 92 ? 5.942   -5.208  0.371   1.00 4.22  ? 1186 VAL A N    1 
ATOM   1348 C CA   . VAL A 1 92 ? 4.887   -4.593  1.156   1.00 3.47  ? 1186 VAL A CA   1 
ATOM   1349 C C    . VAL A 1 92 ? 4.747   -5.347  2.461   1.00 3.13  ? 1186 VAL A C    1 
ATOM   1350 O O    . VAL A 1 92 ? 4.960   -6.565  2.529   1.00 4.16  ? 1186 VAL A O    1 
ATOM   1351 C CB   . VAL A 1 92 ? 3.530   -4.546  0.423   1.00 4.95  ? 1186 VAL A CB   1 
ATOM   1352 C CG1  . VAL A 1 92 ? 3.625   -3.622  -0.792  1.00 5.91  ? 1186 VAL A CG1  1 
ATOM   1353 C CG2  . VAL A 1 92 ? 3.065   -5.935  0.020   1.00 5.34  ? 1186 VAL A CG2  1 
ATOM   1354 H H    . VAL A 1 92 ? 5.859   -6.058  0.266   1.00 5.08  ? 1186 VAL A H    1 
ATOM   1355 H HA   . VAL A 1 92 ? 5.149   -3.679  1.345   1.00 4.18  ? 1186 VAL A HA   1 
ATOM   1356 H HB   . VAL A 1 92 ? 2.860   -4.191  1.028   1.00 5.96  ? 1186 VAL A HB   1 
ATOM   1357 H HG11 . VAL A 1 92 ? 2.768   -3.610  -1.247  1.00 7.11  ? 1186 VAL A HG11 1 
ATOM   1358 H HG12 . VAL A 1 92 ? 3.852   -2.728  -0.491  1.00 7.11  ? 1186 VAL A HG12 1 
ATOM   1359 H HG13 . VAL A 1 92 ? 4.313   -3.954  -1.389  1.00 7.11  ? 1186 VAL A HG13 1 
ATOM   1360 H HG21 . VAL A 1 92 ? 2.253   -5.858  -0.505  1.00 6.42  ? 1186 VAL A HG21 1 
ATOM   1361 H HG22 . VAL A 1 92 ? 3.760   -6.360  -0.508  1.00 6.42  ? 1186 VAL A HG22 1 
ATOM   1362 H HG23 . VAL A 1 92 ? 2.894   -6.456  0.820   1.00 6.42  ? 1186 VAL A HG23 1 
ATOM   1363 N N    . LEU A 1 93 ? 4.334   -4.633  3.483   1.00 2.86  ? 1187 LEU A N    1 
ATOM   1364 C CA   . LEU A 1 93 ? 3.982   -5.210  4.777   1.00 2.74  ? 1187 LEU A CA   1 
ATOM   1365 C C    . LEU A 1 93 ? 2.493   -5.004  4.954   1.00 3.26  ? 1187 LEU A C    1 
ATOM   1366 O O    . LEU A 1 93 ? 2.028   -3.858  4.971   1.00 3.76  ? 1187 LEU A O    1 
ATOM   1367 C CB   . LEU A 1 93 ? 4.743   -4.511  5.900   1.00 3.66  ? 1187 LEU A CB   1 
ATOM   1368 C CG   . LEU A 1 93 ? 4.642   -5.148  7.282   1.00 4.06  ? 1187 LEU A CG   1 
ATOM   1369 C CD1  . LEU A 1 93 ? 5.353   -6.500  7.306   1.00 6.17  ? 1187 LEU A CD1  1 
ATOM   1370 C CD2  . LEU A 1 93 ? 5.211   -4.241  8.349   1.00 4.97  ? 1187 LEU A CD2  1 
ATOM   1371 H H    . LEU A 1 93 ? 4.243   -3.778  3.458   1.00 3.45  ? 1187 LEU A H    1 
ATOM   1372 H HA   . LEU A 1 93 ? 4.194   -6.156  4.805   1.00 3.31  ? 1187 LEU A HA   1 
ATOM   1373 H HB2  . LEU A 1 93 ? 5.683   -4.493  5.661   1.00 4.41  ? 1187 LEU A HB2  1 
ATOM   1374 H HB3  . LEU A 1 93 ? 4.403   -3.606  5.976   1.00 4.41  ? 1187 LEU A HB3  1 
ATOM   1375 H HG   . LEU A 1 93 ? 3.703   -5.287  7.483   1.00 4.89  ? 1187 LEU A HG   1 
ATOM   1376 H HD11 . LEU A 1 93 ? 5.357   -6.840  8.214   1.00 7.43  ? 1187 LEU A HD11 1 
ATOM   1377 H HD12 . LEU A 1 93 ? 4.880   -7.115  6.724   1.00 7.43  ? 1187 LEU A HD12 1 
ATOM   1378 H HD13 . LEU A 1 93 ? 6.264   -6.383  6.993   1.00 7.43  ? 1187 LEU A HD13 1 
ATOM   1379 H HD21 . LEU A 1 93 ? 5.126   -4.678  9.212   1.00 5.98  ? 1187 LEU A HD21 1 
ATOM   1380 H HD22 . LEU A 1 93 ? 6.147   -4.073  8.154   1.00 5.98  ? 1187 LEU A HD22 1 
ATOM   1381 H HD23 . LEU A 1 93 ? 4.717   -3.406  8.351   1.00 5.98  ? 1187 LEU A HD23 1 
ATOM   1382 N N    . VAL A 1 94 ? 1.745   -6.095  5.038   1.00 2.65  ? 1188 VAL A N    1 
ATOM   1383 C CA   . VAL A 1 94 ? 0.302   -6.033  5.011   1.00 3.91  ? 1188 VAL A CA   1 
ATOM   1384 C C    . VAL A 1 94 ? -0.277  -6.895  6.116   1.00 5.95  ? 1188 VAL A C    1 
ATOM   1385 O O    . VAL A 1 94 ? 0.397   -7.734  6.707   1.00 6.52  ? 1188 VAL A O    1 
ATOM   1386 C CB   . VAL A 1 94 ? -0.287  -6.499  3.665   1.00 4.77  ? 1188 VAL A CB   1 
ATOM   1387 C CG1  . VAL A 1 94 ? 0.159   -5.618  2.555   1.00 6.52  ? 1188 VAL A CG1  1 
ATOM   1388 C CG2  . VAL A 1 94 ? 0.083   -7.937  3.354   1.00 7.02  ? 1188 VAL A CG2  1 
ATOM   1389 H H    . VAL A 1 94 ? 2.061   -6.891  5.111   1.00 3.20  ? 1188 VAL A H    1 
ATOM   1390 H HA   . VAL A 1 94 ? 0.054   -5.110  5.177   1.00 4.71  ? 1188 VAL A HA   1 
ATOM   1391 H HB   . VAL A 1 94 ? -1.253  -6.447  3.741   1.00 5.75  ? 1188 VAL A HB   1 
ATOM   1392 H HG11 . VAL A 1 94 ? -0.230  -5.934  1.725   1.00 7.85  ? 1188 VAL A HG11 1 
ATOM   1393 H HG12 . VAL A 1 94 ? -0.136  -4.710  2.734   1.00 7.85  ? 1188 VAL A HG12 1 
ATOM   1394 H HG13 . VAL A 1 94 ? 1.127   -5.645  2.498   1.00 7.85  ? 1188 VAL A HG13 1 
ATOM   1395 H HG21 . VAL A 1 94 ? -0.201  -8.149  2.451   1.00 8.44  ? 1188 VAL A HG21 1 
ATOM   1396 H HG22 . VAL A 1 94 ? 1.044   -8.040  3.431   1.00 8.44  ? 1188 VAL A HG22 1 
ATOM   1397 H HG23 . VAL A 1 94 ? -0.364  -8.522  3.986   1.00 8.44  ? 1188 VAL A HG23 1 
ATOM   1398 N N    . CYS A 1 95 ? -1.564  -6.696  6.358   1.00 6.33  ? 1189 CYS A N    1 
ATOM   1399 C CA   . CYS A 1 95 ? -2.334  -7.640  7.150   1.00 7.18  ? 1189 CYS A CA   1 
ATOM   1400 C C    . CYS A 1 95 ? -3.824  -7.568  6.813   1.00 9.69  ? 1189 CYS A C    1 
ATOM   1401 O O    . CYS A 1 95 ? -4.301  -6.684  6.099   1.00 9.50  ? 1189 CYS A O    1 
ATOM   1402 C CB   . CYS A 1 95 ? -2.103  -7.379  8.634   1.00 9.31  ? 1189 CYS A CB   1 
ATOM   1403 S SG   . CYS A 1 95 ? -2.823  -5.847  9.142   1.00 14.78 ? 1189 CYS A SG   1 
ATOM   1404 O OXT  . CYS A 1 95 ? -4.594  -8.435  7.256   1.00 14.16 ? 1189 CYS A OXT  1 
ATOM   1405 H H    . CYS A 1 95 ? -2.015  -6.021  6.073   1.00 7.61  ? 1189 CYS A H    1 
ATOM   1406 H HA   . CYS A 1 95 ? -2.040  -8.543  6.952   1.00 8.63  ? 1189 CYS A HA   1 
ATOM   1407 H HB2  . CYS A 1 95 ? -2.507  -8.094  9.151   1.00 11.19 ? 1189 CYS A HB2  1 
ATOM   1408 H HB3  . CYS A 1 95 ? -1.149  -7.343  8.808   1.00 11.19 ? 1189 CYS A HB3  1 
ATOM   1409 H HG   . CYS A 1 95 ? -2.195  -5.407  10.065  1.00 17.75 ? 1189 CYS A HG   1 
HETATM 1410 O O    . HOH B 2 .  ? -9.828  -6.748  7.748   1.00 18.61 ? 101  HOH A O    1 
HETATM 1411 O O    . HOH B 2 .  ? 10.221  -5.804  6.502   1.00 14.82 ? 102  HOH A O    1 
HETATM 1412 O O    . HOH B 2 .  ? -7.386  -9.856  12.701  1.00 30.33 ? 103  HOH A O    1 
HETATM 1413 O O    . HOH B 2 .  ? 4.433   9.240   -8.065  1.00 28.13 ? 104  HOH A O    1 
HETATM 1414 O O    . HOH B 2 .  ? 9.463   -9.669  7.590   1.00 10.41 ? 105  HOH A O    1 
HETATM 1415 O O    . HOH B 2 .  ? 1.902   -2.747  -12.159 1.00 5.97  ? 106  HOH A O    1 
HETATM 1416 O O    . HOH B 2 .  ? 2.869   13.736  7.689   1.00 13.81 ? 107  HOH A O    1 
HETATM 1417 O O    . HOH B 2 .  ? 4.069   -12.040 11.274  1.00 15.83 ? 108  HOH A O    1 
HETATM 1418 O O    . HOH B 2 .  ? -9.863  3.091   -4.976  1.00 24.92 ? 109  HOH A O    1 
HETATM 1419 O O    . HOH B 2 .  ? -4.389  -11.169 0.234   1.00 18.43 ? 110  HOH A O    1 
HETATM 1420 O O    . HOH B 2 .  ? -5.287  -4.297  -15.658 1.00 11.24 ? 111  HOH A O    1 
HETATM 1421 O O    . HOH B 2 .  ? -11.893 14.898  18.474  1.00 14.22 ? 112  HOH A O    1 
HETATM 1422 O O    . HOH B 2 .  ? -4.263  -10.995 -12.699 1.00 24.95 ? 113  HOH A O    1 
HETATM 1423 O O    . HOH B 2 .  ? -12.775 13.514  25.088  1.00 20.59 ? 114  HOH A O    1 
HETATM 1424 O O    . HOH B 2 .  ? -9.263  14.507  12.248  1.00 9.60  ? 115  HOH A O    1 
HETATM 1425 O O    . HOH B 2 .  ? -13.845 10.193  9.532   1.00 18.02 ? 116  HOH A O    1 
HETATM 1426 O O    . HOH B 2 .  ? -13.458 5.613   12.238  1.00 22.33 ? 117  HOH A O    1 
HETATM 1427 O O    . HOH B 2 .  ? -1.734  -5.146  -9.990  1.00 4.06  ? 118  HOH A O    1 
HETATM 1428 O O    . HOH B 2 .  ? 11.221  -8.440  0.724   1.00 24.54 ? 119  HOH A O    1 
HETATM 1429 O O    . HOH B 2 .  ? 4.199   -9.715  -10.127 1.00 4.07  ? 120  HOH A O    1 
HETATM 1430 O O    . HOH B 2 .  ? 5.865   7.264   8.196   1.00 17.72 ? 121  HOH A O    1 
HETATM 1431 O O    . HOH B 2 .  ? 6.182   0.798   10.433  1.00 7.76  ? 122  HOH A O    1 
HETATM 1432 O O    . HOH B 2 .  ? 11.861  6.588   -0.051  1.00 25.49 ? 123  HOH A O    1 
HETATM 1433 O O    . HOH B 2 .  ? -8.192  -7.516  -9.151  1.00 10.94 ? 124  HOH A O    1 
HETATM 1434 O O    . HOH B 2 .  ? 7.886   -12.796 -5.621  1.00 14.03 ? 125  HOH A O    1 
HETATM 1435 O O    . HOH B 2 .  ? -6.878  2.333   10.299  1.00 17.08 ? 126  HOH A O    1 
HETATM 1436 O O    . HOH B 2 .  ? -1.532  9.548   6.268   1.00 16.20 ? 127  HOH A O    1 
HETATM 1437 O O    . HOH B 2 .  ? 18.325  -7.313  -10.664 1.00 9.73  ? 128  HOH A O    1 
HETATM 1438 O O    . HOH B 2 .  ? 5.906   -11.903 -7.472  1.00 6.91  ? 129  HOH A O    1 
HETATM 1439 O O    . HOH B 2 .  ? -9.503  9.982   13.442  1.00 9.45  ? 130  HOH A O    1 
HETATM 1440 O O    . HOH B 2 .  ? 1.369   13.975  -1.963  1.00 14.65 ? 131  HOH A O    1 
HETATM 1441 O O    . HOH B 2 .  ? 7.805   13.872  0.232   1.00 13.13 ? 132  HOH A O    1 
HETATM 1442 O O    . HOH B 2 .  ? -2.130  -1.374  -13.647 1.00 10.96 ? 133  HOH A O    1 
HETATM 1443 O O    . HOH B 2 .  ? -4.075  13.112  16.996  1.00 15.86 ? 134  HOH A O    1 
HETATM 1444 O O    . HOH B 2 .  ? -12.011 16.580  13.960  1.00 10.21 ? 135  HOH A O    1 
HETATM 1445 O O    . HOH B 2 .  ? -1.876  9.528   10.118  1.00 19.88 ? 136  HOH A O    1 
HETATM 1446 O O    . HOH B 2 .  ? -8.476  7.444   6.695   1.00 10.32 ? 137  HOH A O    1 
HETATM 1447 O O    . HOH B 2 .  ? -12.665 -1.064  -3.286  1.00 11.50 ? 138  HOH A O    1 
HETATM 1448 O O    . HOH B 2 .  ? 7.177   8.875   -1.145  1.00 11.97 ? 139  HOH A O    1 
HETATM 1449 O O    . HOH B 2 .  ? -0.755  7.667   5.290   1.00 13.66 ? 140  HOH A O    1 
HETATM 1450 O O    . HOH B 2 .  ? -1.970  3.900   -6.760  1.00 18.88 ? 141  HOH A O    1 
HETATM 1451 O O    . HOH B 2 .  ? 4.343   -14.881 -5.495  1.00 21.23 ? 142  HOH A O    1 
HETATM 1452 O O    . HOH B 2 .  ? 7.445   -13.232 1.721   1.00 19.18 ? 143  HOH A O    1 
HETATM 1453 O O    . HOH B 2 .  ? 1.386   -14.351 -13.036 1.00 13.71 ? 144  HOH A O    1 
HETATM 1454 O O    . HOH B 2 .  ? -13.038 9.531   12.302  1.00 14.82 ? 145  HOH A O    1 
HETATM 1455 O O    . HOH B 2 .  ? 14.878  -6.449  -6.339  1.00 18.29 ? 146  HOH A O    1 
HETATM 1456 O O    . HOH B 2 .  ? 4.873   10.368  7.722   1.00 21.03 ? 147  HOH A O    1 
HETATM 1457 O O    . HOH B 2 .  ? 8.259   6.431   5.742   1.00 17.20 ? 148  HOH A O    1 
HETATM 1458 O O    . HOH B 2 .  ? 0.028   -9.694  -5.090  1.00 4.12  ? 149  HOH A O    1 
HETATM 1459 O O    . HOH B 2 .  ? -13.407 18.750  13.016  1.00 9.47  ? 150  HOH A O    1 
HETATM 1460 O O    . HOH B 2 .  ? 3.504   7.968   -15.112 1.00 12.93 ? 151  HOH A O    1 
HETATM 1461 O O    . HOH B 2 .  ? 8.135   -4.193  5.477   1.00 8.63  ? 152  HOH A O    1 
HETATM 1462 O O    . HOH B 2 .  ? -3.445  -10.244 -6.569  1.00 4.91  ? 153  HOH A O    1 
HETATM 1463 O O    . HOH B 2 .  ? -11.409 7.607   15.244  1.00 14.36 ? 154  HOH A O    1 
HETATM 1464 O O    . HOH B 2 .  ? -8.476  4.678   6.693   1.00 10.64 ? 155  HOH A O    1 
HETATM 1465 O O    . HOH B 2 .  ? 10.895  -1.341  -5.396  1.00 6.85  ? 156  HOH A O    1 
HETATM 1466 O O    . HOH B 2 .  ? -5.287  13.713  11.005  1.00 13.05 ? 157  HOH A O    1 
HETATM 1467 O O    . HOH B 2 .  ? -1.695  1.543   7.319   1.00 5.92  ? 158  HOH A O    1 
HETATM 1468 O O    . HOH B 2 .  ? -4.219  6.888   0.869   1.00 17.13 ? 159  HOH A O    1 
HETATM 1469 O O    . HOH B 2 .  ? -7.243  -6.281  6.136   1.00 13.30 ? 160  HOH A O    1 
HETATM 1470 O O    . HOH B 2 .  ? -10.135 4.831   4.083   1.00 18.38 ? 161  HOH A O    1 
HETATM 1471 O O    . HOH B 2 .  ? -2.810  -13.799 -10.724 1.00 10.23 ? 162  HOH A O    1 
HETATM 1472 O O    . HOH B 2 .  ? 12.900  2.077   6.697   1.00 13.42 ? 163  HOH A O    1 
HETATM 1473 O O    . HOH B 2 .  ? 2.452   -15.292 -5.682  1.00 17.35 ? 164  HOH A O    1 
HETATM 1474 O O    . HOH B 2 .  ? 9.858   0.640   9.084   1.00 7.95  ? 165  HOH A O    1 
HETATM 1475 O O    . HOH B 2 .  ? 3.535   1.551   9.534   1.00 7.72  ? 166  HOH A O    1 
HETATM 1476 O O    . HOH B 2 .  ? -2.720  7.532   12.740  1.00 18.67 ? 167  HOH A O    1 
HETATM 1477 O O    . HOH B 2 .  ? 11.959  -9.776  -10.326 1.00 10.27 ? 168  HOH A O    1 
HETATM 1478 O O    . HOH B 2 .  ? -15.154 15.399  13.401  1.00 14.71 ? 169  HOH A O    1 
HETATM 1479 O O    . HOH B 2 .  ? -8.744  1.410   17.876  1.00 16.42 ? 170  HOH A O    1 
HETATM 1480 O O    . HOH B 2 .  ? 5.319   -9.794  -12.659 1.00 9.55  ? 171  HOH A O    1 
HETATM 1481 O O    . HOH B 2 .  ? 8.223   10.997  1.797   1.00 25.71 ? 172  HOH A O    1 
HETATM 1482 O O    . HOH B 2 .  ? 10.066  5.791   -4.734  1.00 20.32 ? 173  HOH A O    1 
HETATM 1483 O O    . HOH B 2 .  ? 17.172  -6.691  -8.135  1.00 24.49 ? 174  HOH A O    1 
HETATM 1484 O O    . HOH B 2 .  ? -13.549 8.141   16.789  1.00 19.09 ? 175  HOH A O    1 
HETATM 1485 O O    . HOH B 2 .  ? -7.935  12.148  12.782  1.00 13.09 ? 176  HOH A O    1 
HETATM 1486 O O    . HOH B 2 .  ? 7.828   -3.092  3.097   1.00 7.63  ? 177  HOH A O    1 
HETATM 1487 O O    . HOH B 2 .  ? 15.301  -9.543  -7.957  1.00 14.14 ? 178  HOH A O    1 
HETATM 1488 O O    . HOH B 2 .  ? -8.733  6.044   -2.391  1.00 26.85 ? 179  HOH A O    1 
HETATM 1489 O O    . HOH B 2 .  ? 4.622   -13.286 8.634   1.00 20.27 ? 180  HOH A O    1 
HETATM 1490 O O    . HOH B 2 .  ? 7.050   -12.869 -0.901  1.00 6.03  ? 181  HOH A O    1 
HETATM 1491 O O    . HOH B 2 .  ? -1.530  7.723   8.021   1.00 13.79 ? 182  HOH A O    1 
HETATM 1492 O O    . HOH B 2 .  ? 6.844   3.421   -11.521 1.00 13.83 ? 183  HOH A O    1 
HETATM 1493 O O    . HOH B 2 .  ? 0.278   -10.789 13.160  1.00 12.62 ? 184  HOH A O    1 
HETATM 1494 O O    . HOH B 2 .  ? -2.297  11.303  13.274  1.00 19.85 ? 185  HOH A O    1 
HETATM 1495 O O    . HOH B 2 .  ? -2.694  10.888  4.478   1.00 19.88 ? 186  HOH A O    1 
HETATM 1496 O O    . HOH B 2 .  ? -14.957 11.487  13.831  1.00 14.27 ? 187  HOH A O    1 
HETATM 1497 O O    . HOH B 2 .  ? 3.119   0.867   -13.656 1.00 10.17 ? 188  HOH A O    1 
HETATM 1498 O O    . HOH B 2 .  ? -2.977  12.904  1.433   1.00 15.13 ? 189  HOH A O    1 
HETATM 1499 O O    . HOH B 2 .  ? -4.193  4.909   -5.147  1.00 10.21 ? 190  HOH A O    1 
HETATM 1500 O O    . HOH B 2 .  ? -9.668  -4.377  -7.667  1.00 11.47 ? 191  HOH A O    1 
HETATM 1501 O O    . HOH B 2 .  ? -1.061  12.312  5.912   1.00 20.09 ? 192  HOH A O    1 
HETATM 1502 O O    . HOH B 2 .  ? -8.601  7.844   0.785   1.00 17.99 ? 193  HOH A O    1 
HETATM 1503 O O    . HOH B 2 .  ? -9.632  1.708   13.175  1.00 26.58 ? 194  HOH A O    1 
HETATM 1504 O O    . HOH B 2 .  ? -9.133  -7.928  -4.677  1.00 9.41  ? 195  HOH A O    1 
HETATM 1505 O O    . HOH B 2 .  ? -11.652 -2.439  -6.602  1.00 21.59 ? 196  HOH A O    1 
HETATM 1506 O O    . HOH B 2 .  ? -3.031  1.371   13.792  1.00 10.36 ? 197  HOH A O    1 
HETATM 1507 O O    . HOH B 2 .  ? -13.120 10.335  21.170  1.00 21.98 ? 198  HOH A O    1 
HETATM 1508 O O    . HOH B 2 .  ? 5.956   -12.542 6.324   1.00 11.61 ? 199  HOH A O    1 
HETATM 1509 O O    . HOH B 2 .  ? 12.080  5.057   -7.288  1.00 16.36 ? 200  HOH A O    1 
HETATM 1510 O O    . HOH B 2 .  ? -1.311  13.630  -1.684  1.00 14.13 ? 201  HOH A O    1 
HETATM 1511 O O    . HOH B 2 .  ? -7.102  6.152   -4.711  1.00 23.34 ? 202  HOH A O    1 
HETATM 1512 O O    . HOH B 2 .  ? 2.926   -15.097 0.769   1.00 9.38  ? 203  HOH A O    1 
HETATM 1513 O O    . HOH B 2 .  ? -1.431  -11.879 1.460   1.00 17.83 ? 204  HOH A O    1 
HETATM 1514 O O    . HOH B 2 .  ? 1.788   10.574  -6.384  1.00 20.58 ? 205  HOH A O    1 
HETATM 1515 O O    . HOH B 2 .  ? 9.294   -15.961 -7.566  1.00 32.23 ? 206  HOH A O    1 
HETATM 1516 O O    . HOH B 2 .  ? -16.270 12.059  24.087  1.00 15.97 ? 207  HOH A O    1 
HETATM 1517 O O    . HOH B 2 .  ? 9.034   6.811   3.442   1.00 22.11 ? 208  HOH A O    1 
HETATM 1518 O O    . HOH B 2 .  ? 7.405   -11.592 -12.739 1.00 15.08 ? 209  HOH A O    1 
HETATM 1519 O O    . HOH B 2 .  ? -9.588  -3.839  -10.466 1.00 24.01 ? 210  HOH A O    1 
HETATM 1520 O O    . HOH B 2 .  ? -4.704  12.402  20.714  1.00 15.05 ? 211  HOH A O    1 
HETATM 1521 O O    . HOH B 2 .  ? -4.437  -13.744 8.240   1.00 21.14 ? 212  HOH A O    1 
HETATM 1522 O O    . HOH B 2 .  ? 4.479   11.098  9.470   1.00 18.99 ? 213  HOH A O    1 
HETATM 1523 O O    . HOH B 2 .  ? -8.709  2.455   9.784   1.00 24.64 ? 214  HOH A O    1 
HETATM 1524 O O    . HOH B 2 .  ? 13.155  -8.047  4.554   1.00 23.02 ? 215  HOH A O    1 
HETATM 1525 O O    . HOH B 2 .  ? 1.584   8.832   -10.171 1.00 31.29 ? 216  HOH A O    1 
HETATM 1526 O O    . HOH B 2 .  ? 13.104  2.346   -13.798 1.00 25.47 ? 217  HOH A O    1 
HETATM 1527 O O    . HOH B 2 .  ? -6.777  10.108  -1.944  1.00 20.11 ? 218  HOH A O    1 
HETATM 1528 O O    . HOH B 2 .  ? -7.517  -1.449  -10.804 1.00 22.87 ? 219  HOH A O    1 
HETATM 1529 O O    . HOH B 2 .  ? 4.516   -12.435 -9.969  1.00 14.86 ? 220  HOH A O    1 
HETATM 1530 O O    . HOH B 2 .  ? -10.222 -9.603  13.592  1.00 30.86 ? 221  HOH A O    1 
HETATM 1531 O O    . HOH B 2 .  ? -11.424 10.273  23.343  1.00 21.95 ? 222  HOH A O    1 
HETATM 1532 O O    . HOH B 2 .  ? -12.915 11.522  7.534   1.00 18.43 ? 223  HOH A O    1 
HETATM 1533 O O    . HOH B 2 .  ? -12.924 3.167   10.597  1.00 18.97 ? 224  HOH A O    1 
HETATM 1534 O O    . HOH B 2 .  ? -7.554  -9.000  -6.725  1.00 11.58 ? 225  HOH A O    1 
HETATM 1535 O O    . HOH B 2 .  ? -6.354  14.247  21.577  1.00 15.25 ? 226  HOH A O    1 
HETATM 1536 O O    . HOH B 2 .  ? -15.033 9.132   21.703  1.00 27.85 ? 227  HOH A O    1 
HETATM 1537 O O    . HOH B 2 .  ? 8.928   5.253   10.631  1.00 16.15 ? 228  HOH A O    1 
HETATM 1538 O O    . HOH B 2 .  ? -5.594  12.390  -2.078  1.00 19.67 ? 229  HOH A O    1 
HETATM 1539 O O    . HOH B 2 .  ? 11.975  -10.655 0.242   1.00 28.47 ? 230  HOH A O    1 
HETATM 1540 O O    . HOH B 2 .  ? -3.025  13.412  14.594  1.00 12.85 ? 231  HOH A O    1 
# 
loop_
_pdbx_poly_seq_scheme.asym_id 
_pdbx_poly_seq_scheme.entity_id 
_pdbx_poly_seq_scheme.seq_id 
_pdbx_poly_seq_scheme.mon_id 
_pdbx_poly_seq_scheme.ndb_seq_num 
_pdbx_poly_seq_scheme.pdb_seq_num 
_pdbx_poly_seq_scheme.auth_seq_num 
_pdbx_poly_seq_scheme.pdb_mon_id 
_pdbx_poly_seq_scheme.auth_mon_id 
_pdbx_poly_seq_scheme.pdb_strand_id 
_pdbx_poly_seq_scheme.pdb_ins_code 
_pdbx_poly_seq_scheme.hetero 
A 1 1  SER 1  -2   ?  ?   ?   A . n 
A 1 2  HIS 2  -1   -1 HIS HIS A . n 
A 1 3  MET 3  0    0  MET MET A . n 
A 1 4  LEU 4  1098 1  LEU LEU A . n 
A 1 5  ARG 5  1099 2  ARG ARG A . n 
A 1 6  GLU 6  1100 3  GLU GLU A . n 
A 1 7  LEU 7  1101 4  LEU LEU A . n 
A 1 8  CYS 8  1102 5  CYS CYS A . n 
A 1 9  ILE 9  1103 6  ILE ILE A . n 
A 1 10 GLN 10 1104 7  GLN GLN A . n 
A 1 11 LYS 11 1105 8  LYS LYS A . n 
A 1 12 ALA 12 1106 9  ALA ALA A . n 
A 1 13 PRO 13 1107 10 PRO PRO A . n 
A 1 14 GLY 14 1108 11 GLY GLY A . n 
A 1 15 GLU 15 1109 12 GLU GLU A . n 
A 1 16 GLY 16 1110 13 GLY GLY A . n 
A 1 17 LEU 17 1111 14 LEU LEU A . n 
A 1 18 GLY 18 1112 15 GLY GLY A . n 
A 1 19 ILE 19 1113 16 ILE ILE A . n 
A 1 20 SER 20 1114 17 SER SER A . n 
A 1 21 ILE 21 1115 18 ILE ILE A . n 
A 1 22 ARG 22 1116 19 ARG ARG A . n 
A 1 23 GLY 23 1117 20 GLY GLY A . n 
A 1 24 GLY 24 1118 21 GLY GLY A . n 
A 1 25 ALA 25 1119 22 ALA ALA A . n 
A 1 26 ARG 26 1120 23 ARG ARG A . n 
A 1 27 GLY 27 1121 24 GLY GLY A . n 
A 1 28 HIS 28 1122 25 HIS HIS A . n 
A 1 29 ALA 29 1123 26 ALA ALA A . n 
A 1 30 GLY 30 1124 27 GLY GLY A . n 
A 1 31 ASN 31 1125 28 ASN ASN A . n 
A 1 32 PRO 32 1126 29 PRO PRO A . n 
A 1 33 ARG 33 1127 30 ARG ARG A . n 
A 1 34 ASP 34 1128 31 ASP ASP A . n 
A 1 35 PRO 35 1129 32 PRO PRO A . n 
A 1 36 THR 36 1130 33 THR THR A . n 
A 1 37 ASP 37 1131 34 ASP ASP A . n 
A 1 38 GLU 38 1132 35 GLU GLU A . n 
A 1 39 GLY 39 1133 36 GLY GLY A . n 
A 1 40 ILE 40 1134 37 ILE ILE A . n 
A 1 41 PHE 41 1135 38 PHE PHE A . n 
A 1 42 ILE 42 1136 39 ILE ILE A . n 
A 1 43 SER 43 1137 40 SER SER A . n 
A 1 44 LYS 44 1138 41 LYS LYS A . n 
A 1 45 VAL 45 1139 42 VAL VAL A . n 
A 1 46 SER 46 1140 43 SER SER A . n 
A 1 47 PRO 47 1141 44 PRO PRO A . n 
A 1 48 THR 48 1142 45 THR THR A . n 
A 1 49 GLY 49 1143 46 GLY GLY A . n 
A 1 50 ALA 50 1144 47 ALA ALA A . n 
A 1 51 ALA 51 1145 48 ALA ALA A . n 
A 1 52 GLY 52 1146 49 GLY GLY A . n 
A 1 53 ARG 53 1147 50 ARG ARG A . n 
A 1 54 ASP 54 1148 51 ASP ASP A . n 
A 1 55 GLY 55 1149 52 GLY GLY A . n 
A 1 56 ARG 56 1150 53 ARG ARG A . n 
A 1 57 LEU 57 1151 54 LEU LEU A . n 
A 1 58 ARG 58 1152 55 ARG ARG A . n 
A 1 59 VAL 59 1153 56 VAL VAL A . n 
A 1 60 GLY 60 1154 57 GLY GLY A . n 
A 1 61 LEU 61 1155 58 LEU LEU A . n 
A 1 62 ARG 62 1156 59 ARG ARG A . n 
A 1 63 LEU 63 1157 60 LEU LEU A . n 
A 1 64 LEU 64 1158 61 LEU LEU A . n 
A 1 65 GLU 65 1159 62 GLU GLU A . n 
A 1 66 VAL 66 1160 63 VAL VAL A . n 
A 1 67 ASN 67 1161 64 ASN ASN A . n 
A 1 68 GLN 68 1162 65 GLN GLN A . n 
A 1 69 GLN 69 1163 66 GLN GLN A . n 
A 1 70 SER 70 1164 67 SER SER A . n 
A 1 71 LEU 71 1165 68 LEU LEU A . n 
A 1 72 LEU 72 1166 69 LEU LEU A . n 
A 1 73 GLY 73 1167 70 GLY GLY A . n 
A 1 74 LEU 74 1168 71 LEU LEU A . n 
A 1 75 THR 75 1169 72 THR THR A . n 
A 1 76 HIS 76 1170 73 HIS HIS A . n 
A 1 77 GLY 77 1171 74 GLY GLY A . n 
A 1 78 GLU 78 1172 75 GLU GLU A . n 
A 1 79 ALA 79 1173 76 ALA ALA A . n 
A 1 80 VAL 80 1174 77 VAL VAL A . n 
A 1 81 GLN 81 1175 78 GLN GLN A . n 
A 1 82 LEU 82 1176 79 LEU LEU A . n 
A 1 83 LEU 83 1177 80 LEU LEU A . n 
A 1 84 ARG 84 1178 81 ARG ARG A . n 
A 1 85 SER 85 1179 82 SER SER A . n 
A 1 86 VAL 86 1180 83 VAL VAL A . n 
A 1 87 GLY 87 1181 84 GLY GLY A . n 
A 1 88 ASP 88 1182 85 ASP ASP A . n 
A 1 89 THR 89 1183 86 THR THR A . n 
A 1 90 LEU 90 1184 87 LEU LEU A . n 
A 1 91 THR 91 1185 88 THR THR A . n 
A 1 92 VAL 92 1186 89 VAL VAL A . n 
A 1 93 LEU 93 1187 90 LEU LEU A . n 
A 1 94 VAL 94 1188 91 VAL VAL A . n 
A 1 95 CYS 95 1189 92 CYS CYS A . n 
# 
loop_
_pdbx_nonpoly_scheme.asym_id 
_pdbx_nonpoly_scheme.entity_id 
_pdbx_nonpoly_scheme.mon_id 
_pdbx_nonpoly_scheme.ndb_seq_num 
_pdbx_nonpoly_scheme.pdb_seq_num 
_pdbx_nonpoly_scheme.auth_seq_num 
_pdbx_nonpoly_scheme.pdb_mon_id 
_pdbx_nonpoly_scheme.auth_mon_id 
_pdbx_nonpoly_scheme.pdb_strand_id 
_pdbx_nonpoly_scheme.pdb_ins_code 
B 2 HOH 1   101 120 HOH HOH A . 
B 2 HOH 2   102 30  HOH HOH A . 
B 2 HOH 3   103 130 HOH HOH A . 
B 2 HOH 4   104 112 HOH HOH A . 
B 2 HOH 5   105 15  HOH HOH A . 
B 2 HOH 6   106 8   HOH HOH A . 
B 2 HOH 7   107 91  HOH HOH A . 
B 2 HOH 8   108 53  HOH HOH A . 
B 2 HOH 9   109 127 HOH HOH A . 
B 2 HOH 10  110 105 HOH HOH A . 
B 2 HOH 11  111 34  HOH HOH A . 
B 2 HOH 12  112 63  HOH HOH A . 
B 2 HOH 13  113 131 HOH HOH A . 
B 2 HOH 14  114 140 HOH HOH A . 
B 2 HOH 15  115 14  HOH HOH A . 
B 2 HOH 16  116 50  HOH HOH A . 
B 2 HOH 17  117 94  HOH HOH A . 
B 2 HOH 18  118 1   HOH HOH A . 
B 2 HOH 19  119 119 HOH HOH A . 
B 2 HOH 20  120 3   HOH HOH A . 
B 2 HOH 21  121 77  HOH HOH A . 
B 2 HOH 22  122 9   HOH HOH A . 
B 2 HOH 23  123 103 HOH HOH A . 
B 2 HOH 24  124 83  HOH HOH A . 
B 2 HOH 25  125 39  HOH HOH A . 
B 2 HOH 26  126 70  HOH HOH A . 
B 2 HOH 27  127 104 HOH HOH A . 
B 2 HOH 28  128 87  HOH HOH A . 
B 2 HOH 29  129 24  HOH HOH A . 
B 2 HOH 30  130 26  HOH HOH A . 
B 2 HOH 31  131 72  HOH HOH A . 
B 2 HOH 32  132 46  HOH HOH A . 
B 2 HOH 33  133 31  HOH HOH A . 
B 2 HOH 34  134 61  HOH HOH A . 
B 2 HOH 35  135 32  HOH HOH A . 
B 2 HOH 36  136 92  HOH HOH A . 
B 2 HOH 37  137 47  HOH HOH A . 
B 2 HOH 38  138 85  HOH HOH A . 
B 2 HOH 39  139 7   HOH HOH A . 
B 2 HOH 40  140 57  HOH HOH A . 
B 2 HOH 41  141 106 HOH HOH A . 
B 2 HOH 42  142 113 HOH HOH A . 
B 2 HOH 43  143 129 HOH HOH A . 
B 2 HOH 44  144 68  HOH HOH A . 
B 2 HOH 45  145 66  HOH HOH A . 
B 2 HOH 46  146 62  HOH HOH A . 
B 2 HOH 47  147 121 HOH HOH A . 
B 2 HOH 48  148 78  HOH HOH A . 
B 2 HOH 49  149 2   HOH HOH A . 
B 2 HOH 50  150 38  HOH HOH A . 
B 2 HOH 51  151 88  HOH HOH A . 
B 2 HOH 52  152 28  HOH HOH A . 
B 2 HOH 53  153 4   HOH HOH A . 
B 2 HOH 54  154 55  HOH HOH A . 
B 2 HOH 55  155 45  HOH HOH A . 
B 2 HOH 56  156 12  HOH HOH A . 
B 2 HOH 57  157 59  HOH HOH A . 
B 2 HOH 58  158 6   HOH HOH A . 
B 2 HOH 59  159 74  HOH HOH A . 
B 2 HOH 60  160 35  HOH HOH A . 
B 2 HOH 61  161 99  HOH HOH A . 
B 2 HOH 62  162 17  HOH HOH A . 
B 2 HOH 63  163 33  HOH HOH A . 
B 2 HOH 64  164 64  HOH HOH A . 
B 2 HOH 65  165 82  HOH HOH A . 
B 2 HOH 66  166 18  HOH HOH A . 
B 2 HOH 67  167 100 HOH HOH A . 
B 2 HOH 68  168 36  HOH HOH A . 
B 2 HOH 69  169 56  HOH HOH A . 
B 2 HOH 70  170 71  HOH HOH A . 
B 2 HOH 71  171 11  HOH HOH A . 
B 2 HOH 72  172 125 HOH HOH A . 
B 2 HOH 73  173 98  HOH HOH A . 
B 2 HOH 74  174 115 HOH HOH A . 
B 2 HOH 75  175 65  HOH HOH A . 
B 2 HOH 76  176 60  HOH HOH A . 
B 2 HOH 77  177 13  HOH HOH A . 
B 2 HOH 78  178 41  HOH HOH A . 
B 2 HOH 79  179 117 HOH HOH A . 
B 2 HOH 80  180 93  HOH HOH A . 
B 2 HOH 81  181 5   HOH HOH A . 
B 2 HOH 82  182 43  HOH HOH A . 
B 2 HOH 83  183 44  HOH HOH A . 
B 2 HOH 84  184 58  HOH HOH A . 
B 2 HOH 85  185 107 HOH HOH A . 
B 2 HOH 86  186 80  HOH HOH A . 
B 2 HOH 87  187 102 HOH HOH A . 
B 2 HOH 88  188 23  HOH HOH A . 
B 2 HOH 89  189 27  HOH HOH A . 
B 2 HOH 90  190 10  HOH HOH A . 
B 2 HOH 91  191 20  HOH HOH A . 
B 2 HOH 92  192 128 HOH HOH A . 
B 2 HOH 93  193 97  HOH HOH A . 
B 2 HOH 94  194 122 HOH HOH A . 
B 2 HOH 95  195 21  HOH HOH A . 
B 2 HOH 96  196 48  HOH HOH A . 
B 2 HOH 97  197 29  HOH HOH A . 
B 2 HOH 98  198 139 HOH HOH A . 
B 2 HOH 99  199 22  HOH HOH A . 
B 2 HOH 100 200 42  HOH HOH A . 
B 2 HOH 101 201 90  HOH HOH A . 
B 2 HOH 102 202 114 HOH HOH A . 
B 2 HOH 103 203 25  HOH HOH A . 
B 2 HOH 104 204 89  HOH HOH A . 
B 2 HOH 105 205 95  HOH HOH A . 
B 2 HOH 106 206 132 HOH HOH A . 
B 2 HOH 107 207 54  HOH HOH A . 
B 2 HOH 108 208 111 HOH HOH A . 
B 2 HOH 109 209 49  HOH HOH A . 
B 2 HOH 110 210 110 HOH HOH A . 
B 2 HOH 111 211 133 HOH HOH A . 
B 2 HOH 112 212 101 HOH HOH A . 
B 2 HOH 113 213 67  HOH HOH A . 
B 2 HOH 114 214 124 HOH HOH A . 
B 2 HOH 115 215 108 HOH HOH A . 
B 2 HOH 116 216 126 HOH HOH A . 
B 2 HOH 117 217 109 HOH HOH A . 
B 2 HOH 118 218 134 HOH HOH A . 
B 2 HOH 119 219 116 HOH HOH A . 
B 2 HOH 120 220 73  HOH HOH A . 
B 2 HOH 121 221 118 HOH HOH A . 
B 2 HOH 122 222 123 HOH HOH A . 
B 2 HOH 123 223 51  HOH HOH A . 
B 2 HOH 124 224 96  HOH HOH A . 
B 2 HOH 125 225 84  HOH HOH A . 
B 2 HOH 126 226 137 HOH HOH A . 
B 2 HOH 127 227 136 HOH HOH A . 
B 2 HOH 128 228 52  HOH HOH A . 
B 2 HOH 129 229 138 HOH HOH A . 
B 2 HOH 130 230 135 HOH HOH A . 
B 2 HOH 131 231 86  HOH HOH A . 
# 
_pdbx_struct_assembly.id                   1 
_pdbx_struct_assembly.details              author_and_software_defined_assembly 
_pdbx_struct_assembly.method_details       PISA 
_pdbx_struct_assembly.oligomeric_details   monomeric 
_pdbx_struct_assembly.oligomeric_count     1 
# 
_pdbx_struct_assembly_gen.assembly_id       1 
_pdbx_struct_assembly_gen.oper_expression   1 
_pdbx_struct_assembly_gen.asym_id_list      A,B 
# 
loop_
_pdbx_struct_assembly_prop.biol_id 
_pdbx_struct_assembly_prop.type 
_pdbx_struct_assembly_prop.value 
_pdbx_struct_assembly_prop.details 
1 'ABSA (A^2)' 0    ? 
1 MORE         0    ? 
1 'SSA (A^2)'  5850 ? 
# 
_pdbx_struct_oper_list.id                   1 
_pdbx_struct_oper_list.type                 'identity operation' 
_pdbx_struct_oper_list.name                 1_555 
_pdbx_struct_oper_list.symmetry_operation   x,y,z 
_pdbx_struct_oper_list.matrix[1][1]         1.0000000000 
_pdbx_struct_oper_list.matrix[1][2]         0.0000000000 
_pdbx_struct_oper_list.matrix[1][3]         0.0000000000 
_pdbx_struct_oper_list.vector[1]            0.0000000000 
_pdbx_struct_oper_list.matrix[2][1]         0.0000000000 
_pdbx_struct_oper_list.matrix[2][2]         1.0000000000 
_pdbx_struct_oper_list.matrix[2][3]         0.0000000000 
_pdbx_struct_oper_list.vector[2]            0.0000000000 
_pdbx_struct_oper_list.matrix[3][1]         0.0000000000 
_pdbx_struct_oper_list.matrix[3][2]         0.0000000000 
_pdbx_struct_oper_list.matrix[3][3]         1.0000000000 
_pdbx_struct_oper_list.vector[3]            0.0000000000 
# 
loop_
_pdbx_audit_revision_history.ordinal 
_pdbx_audit_revision_history.data_content_type 
_pdbx_audit_revision_history.major_revision 
_pdbx_audit_revision_history.minor_revision 
_pdbx_audit_revision_history.revision_date 
1 'Structure model' 1 0 2019-10-02 
2 'Structure model' 1 1 2019-10-09 
3 'Structure model' 1 2 2019-10-16 
4 'Structure model' 1 3 2020-01-01 
5 'Structure model' 1 4 2023-10-11 
# 
_pdbx_audit_revision_details.ordinal             1 
_pdbx_audit_revision_details.revision_ordinal    1 
_pdbx_audit_revision_details.data_content_type   'Structure model' 
_pdbx_audit_revision_details.provider            repository 
_pdbx_audit_revision_details.type                'Initial release' 
_pdbx_audit_revision_details.description         ? 
_pdbx_audit_revision_details.details             ? 
# 
loop_
_pdbx_audit_revision_group.ordinal 
_pdbx_audit_revision_group.revision_ordinal 
_pdbx_audit_revision_group.data_content_type 
_pdbx_audit_revision_group.group 
1 2 'Structure model' 'Data collection'            
2 2 'Structure model' 'Database references'        
3 3 'Structure model' 'Data collection'            
4 3 'Structure model' 'Database references'        
5 4 'Structure model' 'Author supporting evidence' 
6 5 'Structure model' 'Data collection'            
7 5 'Structure model' 'Database references'        
8 5 'Structure model' 'Refinement description'     
# 
loop_
_pdbx_audit_revision_category.ordinal 
_pdbx_audit_revision_category.revision_ordinal 
_pdbx_audit_revision_category.data_content_type 
_pdbx_audit_revision_category.category 
1 2 'Structure model' citation                      
2 2 'Structure model' citation_author               
3 3 'Structure model' citation                      
4 3 'Structure model' citation_author               
5 4 'Structure model' pdbx_audit_support            
6 5 'Structure model' chem_comp_atom                
7 5 'Structure model' chem_comp_bond                
8 5 'Structure model' database_2                    
9 5 'Structure model' pdbx_initial_refinement_model 
# 
loop_
_pdbx_audit_revision_item.ordinal 
_pdbx_audit_revision_item.revision_ordinal 
_pdbx_audit_revision_item.data_content_type 
_pdbx_audit_revision_item.item 
1  2 'Structure model' '_citation.country'                        
2  2 'Structure model' '_citation.journal_abbrev'                 
3  2 'Structure model' '_citation.journal_id_CSD'                 
4  2 'Structure model' '_citation.journal_id_ISSN'                
5  2 'Structure model' '_citation.title'                          
6  2 'Structure model' '_citation.year'                           
7  2 'Structure model' '_citation_author.name'                    
8  3 'Structure model' '_citation.journal_volume'                 
9  3 'Structure model' '_citation.page_first'                     
10 3 'Structure model' '_citation.page_last'                      
11 3 'Structure model' '_citation.pdbx_database_id_DOI'           
12 3 'Structure model' '_citation.pdbx_database_id_PubMed'        
13 3 'Structure model' '_citation.title'                          
14 3 'Structure model' '_citation_author.identifier_ORCID'        
15 3 'Structure model' '_citation_author.name'                    
16 4 'Structure model' '_pdbx_audit_support.funding_organization' 
17 5 'Structure model' '_database_2.pdbx_DOI'                     
18 5 'Structure model' '_database_2.pdbx_database_accession'      
# 
_phasing.method   MR 
# 
loop_
_software.citation_id 
_software.classification 
_software.compiler_name 
_software.compiler_version 
_software.contact_author 
_software.contact_author_email 
_software.date 
_software.description 
_software.dependencies 
_software.hardware 
_software.language 
_software.location 
_software.mods 
_software.name 
_software.os 
_software.os_version 
_software.type 
_software.version 
_software.pdbx_ordinal 
? 'data scaling'    ? ? ? ? ? ? ? ? ? ? ? Aimless     ? ? ? 0.7.1     1 
? phasing           ? ? ? ? ? ? ? ? ? ? ? PHASER      ? ? ? 1.13      2 
? refinement        ? ? ? ? ? ? ? ? ? ? ? PHENIX      ? ? ? 1.13_2998 3 
? 'data extraction' ? ? ? ? ? ? ? ? ? ? ? PDB_EXTRACT ? ? ? 3.24      4 
? 'data reduction'  ? ? ? ? ? ? ? ? ? ? ? XDS         ? ? ? .         5 
# 
loop_
_pdbx_validate_close_contact.id 
_pdbx_validate_close_contact.PDB_model_num 
_pdbx_validate_close_contact.auth_atom_id_1 
_pdbx_validate_close_contact.auth_asym_id_1 
_pdbx_validate_close_contact.auth_comp_id_1 
_pdbx_validate_close_contact.auth_seq_id_1 
_pdbx_validate_close_contact.PDB_ins_code_1 
_pdbx_validate_close_contact.label_alt_id_1 
_pdbx_validate_close_contact.auth_atom_id_2 
_pdbx_validate_close_contact.auth_asym_id_2 
_pdbx_validate_close_contact.auth_comp_id_2 
_pdbx_validate_close_contact.auth_seq_id_2 
_pdbx_validate_close_contact.PDB_ins_code_2 
_pdbx_validate_close_contact.label_alt_id_2 
_pdbx_validate_close_contact.dist 
1 1 O   A HOH 126 ? ? O A HOH 214 ? ? 1.91 
2 1 O   A HOH 147 ? ? O A HOH 213 ? ? 1.93 
3 1 O   A HOH 142 ? ? O A HOH 164 ? ? 1.94 
4 1 NE2 A HIS -1  ? ? O A HOH 101 ? ? 2.16 
# 
loop_
_pdbx_validate_symm_contact.id 
_pdbx_validate_symm_contact.PDB_model_num 
_pdbx_validate_symm_contact.auth_atom_id_1 
_pdbx_validate_symm_contact.auth_asym_id_1 
_pdbx_validate_symm_contact.auth_comp_id_1 
_pdbx_validate_symm_contact.auth_seq_id_1 
_pdbx_validate_symm_contact.PDB_ins_code_1 
_pdbx_validate_symm_contact.label_alt_id_1 
_pdbx_validate_symm_contact.site_symmetry_1 
_pdbx_validate_symm_contact.auth_atom_id_2 
_pdbx_validate_symm_contact.auth_asym_id_2 
_pdbx_validate_symm_contact.auth_comp_id_2 
_pdbx_validate_symm_contact.auth_seq_id_2 
_pdbx_validate_symm_contact.PDB_ins_code_2 
_pdbx_validate_symm_contact.label_alt_id_2 
_pdbx_validate_symm_contact.site_symmetry_2 
_pdbx_validate_symm_contact.dist 
1 1 O A HOH 103 ? ? 1_555 O A HOH 113 ? ? 1_655 1.88 
2 1 O A HOH 132 ? ? 1_555 O A HOH 214 ? ? 2_645 2.11 
# 
_pdbx_unobs_or_zero_occ_residues.id               1 
_pdbx_unobs_or_zero_occ_residues.PDB_model_num    1 
_pdbx_unobs_or_zero_occ_residues.polymer_flag     Y 
_pdbx_unobs_or_zero_occ_residues.occupancy_flag   1 
_pdbx_unobs_or_zero_occ_residues.auth_asym_id     A 
_pdbx_unobs_or_zero_occ_residues.auth_comp_id     SER 
_pdbx_unobs_or_zero_occ_residues.auth_seq_id      -2 
_pdbx_unobs_or_zero_occ_residues.PDB_ins_code     ? 
_pdbx_unobs_or_zero_occ_residues.label_asym_id    A 
_pdbx_unobs_or_zero_occ_residues.label_comp_id    SER 
_pdbx_unobs_or_zero_occ_residues.label_seq_id     1 
# 
loop_
_chem_comp_atom.comp_id 
_chem_comp_atom.atom_id 
_chem_comp_atom.type_symbol 
_chem_comp_atom.pdbx_aromatic_flag 
_chem_comp_atom.pdbx_stereo_config 
_chem_comp_atom.pdbx_ordinal 
ALA N    N N N 1   
ALA CA   C N S 2   
ALA C    C N N 3   
ALA O    O N N 4   
ALA CB   C N N 5   
ALA OXT  O N N 6   
ALA H    H N N 7   
ALA H2   H N N 8   
ALA HA   H N N 9   
ALA HB1  H N N 10  
ALA HB2  H N N 11  
ALA HB3  H N N 12  
ALA HXT  H N N 13  
ARG N    N N N 14  
ARG CA   C N S 15  
ARG C    C N N 16  
ARG O    O N N 17  
ARG CB   C N N 18  
ARG CG   C N N 19  
ARG CD   C N N 20  
ARG NE   N N N 21  
ARG CZ   C N N 22  
ARG NH1  N N N 23  
ARG NH2  N N N 24  
ARG OXT  O N N 25  
ARG H    H N N 26  
ARG H2   H N N 27  
ARG HA   H N N 28  
ARG HB2  H N N 29  
ARG HB3  H N N 30  
ARG HG2  H N N 31  
ARG HG3  H N N 32  
ARG HD2  H N N 33  
ARG HD3  H N N 34  
ARG HE   H N N 35  
ARG HH11 H N N 36  
ARG HH12 H N N 37  
ARG HH21 H N N 38  
ARG HH22 H N N 39  
ARG HXT  H N N 40  
ASN N    N N N 41  
ASN CA   C N S 42  
ASN C    C N N 43  
ASN O    O N N 44  
ASN CB   C N N 45  
ASN CG   C N N 46  
ASN OD1  O N N 47  
ASN ND2  N N N 48  
ASN OXT  O N N 49  
ASN H    H N N 50  
ASN H2   H N N 51  
ASN HA   H N N 52  
ASN HB2  H N N 53  
ASN HB3  H N N 54  
ASN HD21 H N N 55  
ASN HD22 H N N 56  
ASN HXT  H N N 57  
ASP N    N N N 58  
ASP CA   C N S 59  
ASP C    C N N 60  
ASP O    O N N 61  
ASP CB   C N N 62  
ASP CG   C N N 63  
ASP OD1  O N N 64  
ASP OD2  O N N 65  
ASP OXT  O N N 66  
ASP H    H N N 67  
ASP H2   H N N 68  
ASP HA   H N N 69  
ASP HB2  H N N 70  
ASP HB3  H N N 71  
ASP HD2  H N N 72  
ASP HXT  H N N 73  
CYS N    N N N 74  
CYS CA   C N R 75  
CYS C    C N N 76  
CYS O    O N N 77  
CYS CB   C N N 78  
CYS SG   S N N 79  
CYS OXT  O N N 80  
CYS H    H N N 81  
CYS H2   H N N 82  
CYS HA   H N N 83  
CYS HB2  H N N 84  
CYS HB3  H N N 85  
CYS HG   H N N 86  
CYS HXT  H N N 87  
GLN N    N N N 88  
GLN CA   C N S 89  
GLN C    C N N 90  
GLN O    O N N 91  
GLN CB   C N N 92  
GLN CG   C N N 93  
GLN CD   C N N 94  
GLN OE1  O N N 95  
GLN NE2  N N N 96  
GLN OXT  O N N 97  
GLN H    H N N 98  
GLN H2   H N N 99  
GLN HA   H N N 100 
GLN HB2  H N N 101 
GLN HB3  H N N 102 
GLN HG2  H N N 103 
GLN HG3  H N N 104 
GLN HE21 H N N 105 
GLN HE22 H N N 106 
GLN HXT  H N N 107 
GLU N    N N N 108 
GLU CA   C N S 109 
GLU C    C N N 110 
GLU O    O N N 111 
GLU CB   C N N 112 
GLU CG   C N N 113 
GLU CD   C N N 114 
GLU OE1  O N N 115 
GLU OE2  O N N 116 
GLU OXT  O N N 117 
GLU H    H N N 118 
GLU H2   H N N 119 
GLU HA   H N N 120 
GLU HB2  H N N 121 
GLU HB3  H N N 122 
GLU HG2  H N N 123 
GLU HG3  H N N 124 
GLU HE2  H N N 125 
GLU HXT  H N N 126 
GLY N    N N N 127 
GLY CA   C N N 128 
GLY C    C N N 129 
GLY O    O N N 130 
GLY OXT  O N N 131 
GLY H    H N N 132 
GLY H2   H N N 133 
GLY HA2  H N N 134 
GLY HA3  H N N 135 
GLY HXT  H N N 136 
HIS N    N N N 137 
HIS CA   C N S 138 
HIS C    C N N 139 
HIS O    O N N 140 
HIS CB   C N N 141 
HIS CG   C Y N 142 
HIS ND1  N Y N 143 
HIS CD2  C Y N 144 
HIS CE1  C Y N 145 
HIS NE2  N Y N 146 
HIS OXT  O N N 147 
HIS H    H N N 148 
HIS H2   H N N 149 
HIS HA   H N N 150 
HIS HB2  H N N 151 
HIS HB3  H N N 152 
HIS HD1  H N N 153 
HIS HD2  H N N 154 
HIS HE1  H N N 155 
HIS HE2  H N N 156 
HIS HXT  H N N 157 
HOH O    O N N 158 
HOH H1   H N N 159 
HOH H2   H N N 160 
ILE N    N N N 161 
ILE CA   C N S 162 
ILE C    C N N 163 
ILE O    O N N 164 
ILE CB   C N S 165 
ILE CG1  C N N 166 
ILE CG2  C N N 167 
ILE CD1  C N N 168 
ILE OXT  O N N 169 
ILE H    H N N 170 
ILE H2   H N N 171 
ILE HA   H N N 172 
ILE HB   H N N 173 
ILE HG12 H N N 174 
ILE HG13 H N N 175 
ILE HG21 H N N 176 
ILE HG22 H N N 177 
ILE HG23 H N N 178 
ILE HD11 H N N 179 
ILE HD12 H N N 180 
ILE HD13 H N N 181 
ILE HXT  H N N 182 
LEU N    N N N 183 
LEU CA   C N S 184 
LEU C    C N N 185 
LEU O    O N N 186 
LEU CB   C N N 187 
LEU CG   C N N 188 
LEU CD1  C N N 189 
LEU CD2  C N N 190 
LEU OXT  O N N 191 
LEU H    H N N 192 
LEU H2   H N N 193 
LEU HA   H N N 194 
LEU HB2  H N N 195 
LEU HB3  H N N 196 
LEU HG   H N N 197 
LEU HD11 H N N 198 
LEU HD12 H N N 199 
LEU HD13 H N N 200 
LEU HD21 H N N 201 
LEU HD22 H N N 202 
LEU HD23 H N N 203 
LEU HXT  H N N 204 
LYS N    N N N 205 
LYS CA   C N S 206 
LYS C    C N N 207 
LYS O    O N N 208 
LYS CB   C N N 209 
LYS CG   C N N 210 
LYS CD   C N N 211 
LYS CE   C N N 212 
LYS NZ   N N N 213 
LYS OXT  O N N 214 
LYS H    H N N 215 
LYS H2   H N N 216 
LYS HA   H N N 217 
LYS HB2  H N N 218 
LYS HB3  H N N 219 
LYS HG2  H N N 220 
LYS HG3  H N N 221 
LYS HD2  H N N 222 
LYS HD3  H N N 223 
LYS HE2  H N N 224 
LYS HE3  H N N 225 
LYS HZ1  H N N 226 
LYS HZ2  H N N 227 
LYS HZ3  H N N 228 
LYS HXT  H N N 229 
MET N    N N N 230 
MET CA   C N S 231 
MET C    C N N 232 
MET O    O N N 233 
MET CB   C N N 234 
MET CG   C N N 235 
MET SD   S N N 236 
MET CE   C N N 237 
MET OXT  O N N 238 
MET H    H N N 239 
MET H2   H N N 240 
MET HA   H N N 241 
MET HB2  H N N 242 
MET HB3  H N N 243 
MET HG2  H N N 244 
MET HG3  H N N 245 
MET HE1  H N N 246 
MET HE2  H N N 247 
MET HE3  H N N 248 
MET HXT  H N N 249 
PHE N    N N N 250 
PHE CA   C N S 251 
PHE C    C N N 252 
PHE O    O N N 253 
PHE CB   C N N 254 
PHE CG   C Y N 255 
PHE CD1  C Y N 256 
PHE CD2  C Y N 257 
PHE CE1  C Y N 258 
PHE CE2  C Y N 259 
PHE CZ   C Y N 260 
PHE OXT  O N N 261 
PHE H    H N N 262 
PHE H2   H N N 263 
PHE HA   H N N 264 
PHE HB2  H N N 265 
PHE HB3  H N N 266 
PHE HD1  H N N 267 
PHE HD2  H N N 268 
PHE HE1  H N N 269 
PHE HE2  H N N 270 
PHE HZ   H N N 271 
PHE HXT  H N N 272 
PRO N    N N N 273 
PRO CA   C N S 274 
PRO C    C N N 275 
PRO O    O N N 276 
PRO CB   C N N 277 
PRO CG   C N N 278 
PRO CD   C N N 279 
PRO OXT  O N N 280 
PRO H    H N N 281 
PRO HA   H N N 282 
PRO HB2  H N N 283 
PRO HB3  H N N 284 
PRO HG2  H N N 285 
PRO HG3  H N N 286 
PRO HD2  H N N 287 
PRO HD3  H N N 288 
PRO HXT  H N N 289 
SER N    N N N 290 
SER CA   C N S 291 
SER C    C N N 292 
SER O    O N N 293 
SER CB   C N N 294 
SER OG   O N N 295 
SER OXT  O N N 296 
SER H    H N N 297 
SER H2   H N N 298 
SER HA   H N N 299 
SER HB2  H N N 300 
SER HB3  H N N 301 
SER HG   H N N 302 
SER HXT  H N N 303 
THR N    N N N 304 
THR CA   C N S 305 
THR C    C N N 306 
THR O    O N N 307 
THR CB   C N R 308 
THR OG1  O N N 309 
THR CG2  C N N 310 
THR OXT  O N N 311 
THR H    H N N 312 
THR H2   H N N 313 
THR HA   H N N 314 
THR HB   H N N 315 
THR HG1  H N N 316 
THR HG21 H N N 317 
THR HG22 H N N 318 
THR HG23 H N N 319 
THR HXT  H N N 320 
VAL N    N N N 321 
VAL CA   C N S 322 
VAL C    C N N 323 
VAL O    O N N 324 
VAL CB   C N N 325 
VAL CG1  C N N 326 
VAL CG2  C N N 327 
VAL OXT  O N N 328 
VAL H    H N N 329 
VAL H2   H N N 330 
VAL HA   H N N 331 
VAL HB   H N N 332 
VAL HG11 H N N 333 
VAL HG12 H N N 334 
VAL HG13 H N N 335 
VAL HG21 H N N 336 
VAL HG22 H N N 337 
VAL HG23 H N N 338 
VAL HXT  H N N 339 
# 
loop_
_chem_comp_bond.comp_id 
_chem_comp_bond.atom_id_1 
_chem_comp_bond.atom_id_2 
_chem_comp_bond.value_order 
_chem_comp_bond.pdbx_aromatic_flag 
_chem_comp_bond.pdbx_stereo_config 
_chem_comp_bond.pdbx_ordinal 
ALA N   CA   sing N N 1   
ALA N   H    sing N N 2   
ALA N   H2   sing N N 3   
ALA CA  C    sing N N 4   
ALA CA  CB   sing N N 5   
ALA CA  HA   sing N N 6   
ALA C   O    doub N N 7   
ALA C   OXT  sing N N 8   
ALA CB  HB1  sing N N 9   
ALA CB  HB2  sing N N 10  
ALA CB  HB3  sing N N 11  
ALA OXT HXT  sing N N 12  
ARG N   CA   sing N N 13  
ARG N   H    sing N N 14  
ARG N   H2   sing N N 15  
ARG CA  C    sing N N 16  
ARG CA  CB   sing N N 17  
ARG CA  HA   sing N N 18  
ARG C   O    doub N N 19  
ARG C   OXT  sing N N 20  
ARG CB  CG   sing N N 21  
ARG CB  HB2  sing N N 22  
ARG CB  HB3  sing N N 23  
ARG CG  CD   sing N N 24  
ARG CG  HG2  sing N N 25  
ARG CG  HG3  sing N N 26  
ARG CD  NE   sing N N 27  
ARG CD  HD2  sing N N 28  
ARG CD  HD3  sing N N 29  
ARG NE  CZ   sing N N 30  
ARG NE  HE   sing N N 31  
ARG CZ  NH1  sing N N 32  
ARG CZ  NH2  doub N N 33  
ARG NH1 HH11 sing N N 34  
ARG NH1 HH12 sing N N 35  
ARG NH2 HH21 sing N N 36  
ARG NH2 HH22 sing N N 37  
ARG OXT HXT  sing N N 38  
ASN N   CA   sing N N 39  
ASN N   H    sing N N 40  
ASN N   H2   sing N N 41  
ASN CA  C    sing N N 42  
ASN CA  CB   sing N N 43  
ASN CA  HA   sing N N 44  
ASN C   O    doub N N 45  
ASN C   OXT  sing N N 46  
ASN CB  CG   sing N N 47  
ASN CB  HB2  sing N N 48  
ASN CB  HB3  sing N N 49  
ASN CG  OD1  doub N N 50  
ASN CG  ND2  sing N N 51  
ASN ND2 HD21 sing N N 52  
ASN ND2 HD22 sing N N 53  
ASN OXT HXT  sing N N 54  
ASP N   CA   sing N N 55  
ASP N   H    sing N N 56  
ASP N   H2   sing N N 57  
ASP CA  C    sing N N 58  
ASP CA  CB   sing N N 59  
ASP CA  HA   sing N N 60  
ASP C   O    doub N N 61  
ASP C   OXT  sing N N 62  
ASP CB  CG   sing N N 63  
ASP CB  HB2  sing N N 64  
ASP CB  HB3  sing N N 65  
ASP CG  OD1  doub N N 66  
ASP CG  OD2  sing N N 67  
ASP OD2 HD2  sing N N 68  
ASP OXT HXT  sing N N 69  
CYS N   CA   sing N N 70  
CYS N   H    sing N N 71  
CYS N   H2   sing N N 72  
CYS CA  C    sing N N 73  
CYS CA  CB   sing N N 74  
CYS CA  HA   sing N N 75  
CYS C   O    doub N N 76  
CYS C   OXT  sing N N 77  
CYS CB  SG   sing N N 78  
CYS CB  HB2  sing N N 79  
CYS CB  HB3  sing N N 80  
CYS SG  HG   sing N N 81  
CYS OXT HXT  sing N N 82  
GLN N   CA   sing N N 83  
GLN N   H    sing N N 84  
GLN N   H2   sing N N 85  
GLN CA  C    sing N N 86  
GLN CA  CB   sing N N 87  
GLN CA  HA   sing N N 88  
GLN C   O    doub N N 89  
GLN C   OXT  sing N N 90  
GLN CB  CG   sing N N 91  
GLN CB  HB2  sing N N 92  
GLN CB  HB3  sing N N 93  
GLN CG  CD   sing N N 94  
GLN CG  HG2  sing N N 95  
GLN CG  HG3  sing N N 96  
GLN CD  OE1  doub N N 97  
GLN CD  NE2  sing N N 98  
GLN NE2 HE21 sing N N 99  
GLN NE2 HE22 sing N N 100 
GLN OXT HXT  sing N N 101 
GLU N   CA   sing N N 102 
GLU N   H    sing N N 103 
GLU N   H2   sing N N 104 
GLU CA  C    sing N N 105 
GLU CA  CB   sing N N 106 
GLU CA  HA   sing N N 107 
GLU C   O    doub N N 108 
GLU C   OXT  sing N N 109 
GLU CB  CG   sing N N 110 
GLU CB  HB2  sing N N 111 
GLU CB  HB3  sing N N 112 
GLU CG  CD   sing N N 113 
GLU CG  HG2  sing N N 114 
GLU CG  HG3  sing N N 115 
GLU CD  OE1  doub N N 116 
GLU CD  OE2  sing N N 117 
GLU OE2 HE2  sing N N 118 
GLU OXT HXT  sing N N 119 
GLY N   CA   sing N N 120 
GLY N   H    sing N N 121 
GLY N   H2   sing N N 122 
GLY CA  C    sing N N 123 
GLY CA  HA2  sing N N 124 
GLY CA  HA3  sing N N 125 
GLY C   O    doub N N 126 
GLY C   OXT  sing N N 127 
GLY OXT HXT  sing N N 128 
HIS N   CA   sing N N 129 
HIS N   H    sing N N 130 
HIS N   H2   sing N N 131 
HIS CA  C    sing N N 132 
HIS CA  CB   sing N N 133 
HIS CA  HA   sing N N 134 
HIS C   O    doub N N 135 
HIS C   OXT  sing N N 136 
HIS CB  CG   sing N N 137 
HIS CB  HB2  sing N N 138 
HIS CB  HB3  sing N N 139 
HIS CG  ND1  sing Y N 140 
HIS CG  CD2  doub Y N 141 
HIS ND1 CE1  doub Y N 142 
HIS ND1 HD1  sing N N 143 
HIS CD2 NE2  sing Y N 144 
HIS CD2 HD2  sing N N 145 
HIS CE1 NE2  sing Y N 146 
HIS CE1 HE1  sing N N 147 
HIS NE2 HE2  sing N N 148 
HIS OXT HXT  sing N N 149 
HOH O   H1   sing N N 150 
HOH O   H2   sing N N 151 
ILE N   CA   sing N N 152 
ILE N   H    sing N N 153 
ILE N   H2   sing N N 154 
ILE CA  C    sing N N 155 
ILE CA  CB   sing N N 156 
ILE CA  HA   sing N N 157 
ILE C   O    doub N N 158 
ILE C   OXT  sing N N 159 
ILE CB  CG1  sing N N 160 
ILE CB  CG2  sing N N 161 
ILE CB  HB   sing N N 162 
ILE CG1 CD1  sing N N 163 
ILE CG1 HG12 sing N N 164 
ILE CG1 HG13 sing N N 165 
ILE CG2 HG21 sing N N 166 
ILE CG2 HG22 sing N N 167 
ILE CG2 HG23 sing N N 168 
ILE CD1 HD11 sing N N 169 
ILE CD1 HD12 sing N N 170 
ILE CD1 HD13 sing N N 171 
ILE OXT HXT  sing N N 172 
LEU N   CA   sing N N 173 
LEU N   H    sing N N 174 
LEU N   H2   sing N N 175 
LEU CA  C    sing N N 176 
LEU CA  CB   sing N N 177 
LEU CA  HA   sing N N 178 
LEU C   O    doub N N 179 
LEU C   OXT  sing N N 180 
LEU CB  CG   sing N N 181 
LEU CB  HB2  sing N N 182 
LEU CB  HB3  sing N N 183 
LEU CG  CD1  sing N N 184 
LEU CG  CD2  sing N N 185 
LEU CG  HG   sing N N 186 
LEU CD1 HD11 sing N N 187 
LEU CD1 HD12 sing N N 188 
LEU CD1 HD13 sing N N 189 
LEU CD2 HD21 sing N N 190 
LEU CD2 HD22 sing N N 191 
LEU CD2 HD23 sing N N 192 
LEU OXT HXT  sing N N 193 
LYS N   CA   sing N N 194 
LYS N   H    sing N N 195 
LYS N   H2   sing N N 196 
LYS CA  C    sing N N 197 
LYS CA  CB   sing N N 198 
LYS CA  HA   sing N N 199 
LYS C   O    doub N N 200 
LYS C   OXT  sing N N 201 
LYS CB  CG   sing N N 202 
LYS CB  HB2  sing N N 203 
LYS CB  HB3  sing N N 204 
LYS CG  CD   sing N N 205 
LYS CG  HG2  sing N N 206 
LYS CG  HG3  sing N N 207 
LYS CD  CE   sing N N 208 
LYS CD  HD2  sing N N 209 
LYS CD  HD3  sing N N 210 
LYS CE  NZ   sing N N 211 
LYS CE  HE2  sing N N 212 
LYS CE  HE3  sing N N 213 
LYS NZ  HZ1  sing N N 214 
LYS NZ  HZ2  sing N N 215 
LYS NZ  HZ3  sing N N 216 
LYS OXT HXT  sing N N 217 
MET N   CA   sing N N 218 
MET N   H    sing N N 219 
MET N   H2   sing N N 220 
MET CA  C    sing N N 221 
MET CA  CB   sing N N 222 
MET CA  HA   sing N N 223 
MET C   O    doub N N 224 
MET C   OXT  sing N N 225 
MET CB  CG   sing N N 226 
MET CB  HB2  sing N N 227 
MET CB  HB3  sing N N 228 
MET CG  SD   sing N N 229 
MET CG  HG2  sing N N 230 
MET CG  HG3  sing N N 231 
MET SD  CE   sing N N 232 
MET CE  HE1  sing N N 233 
MET CE  HE2  sing N N 234 
MET CE  HE3  sing N N 235 
MET OXT HXT  sing N N 236 
PHE N   CA   sing N N 237 
PHE N   H    sing N N 238 
PHE N   H2   sing N N 239 
PHE CA  C    sing N N 240 
PHE CA  CB   sing N N 241 
PHE CA  HA   sing N N 242 
PHE C   O    doub N N 243 
PHE C   OXT  sing N N 244 
PHE CB  CG   sing N N 245 
PHE CB  HB2  sing N N 246 
PHE CB  HB3  sing N N 247 
PHE CG  CD1  doub Y N 248 
PHE CG  CD2  sing Y N 249 
PHE CD1 CE1  sing Y N 250 
PHE CD1 HD1  sing N N 251 
PHE CD2 CE2  doub Y N 252 
PHE CD2 HD2  sing N N 253 
PHE CE1 CZ   doub Y N 254 
PHE CE1 HE1  sing N N 255 
PHE CE2 CZ   sing Y N 256 
PHE CE2 HE2  sing N N 257 
PHE CZ  HZ   sing N N 258 
PHE OXT HXT  sing N N 259 
PRO N   CA   sing N N 260 
PRO N   CD   sing N N 261 
PRO N   H    sing N N 262 
PRO CA  C    sing N N 263 
PRO CA  CB   sing N N 264 
PRO CA  HA   sing N N 265 
PRO C   O    doub N N 266 
PRO C   OXT  sing N N 267 
PRO CB  CG   sing N N 268 
PRO CB  HB2  sing N N 269 
PRO CB  HB3  sing N N 270 
PRO CG  CD   sing N N 271 
PRO CG  HG2  sing N N 272 
PRO CG  HG3  sing N N 273 
PRO CD  HD2  sing N N 274 
PRO CD  HD3  sing N N 275 
PRO OXT HXT  sing N N 276 
SER N   CA   sing N N 277 
SER N   H    sing N N 278 
SER N   H2   sing N N 279 
SER CA  C    sing N N 280 
SER CA  CB   sing N N 281 
SER CA  HA   sing N N 282 
SER C   O    doub N N 283 
SER C   OXT  sing N N 284 
SER CB  OG   sing N N 285 
SER CB  HB2  sing N N 286 
SER CB  HB3  sing N N 287 
SER OG  HG   sing N N 288 
SER OXT HXT  sing N N 289 
THR N   CA   sing N N 290 
THR N   H    sing N N 291 
THR N   H2   sing N N 292 
THR CA  C    sing N N 293 
THR CA  CB   sing N N 294 
THR CA  HA   sing N N 295 
THR C   O    doub N N 296 
THR C   OXT  sing N N 297 
THR CB  OG1  sing N N 298 
THR CB  CG2  sing N N 299 
THR CB  HB   sing N N 300 
THR OG1 HG1  sing N N 301 
THR CG2 HG21 sing N N 302 
THR CG2 HG22 sing N N 303 
THR CG2 HG23 sing N N 304 
THR OXT HXT  sing N N 305 
VAL N   CA   sing N N 306 
VAL N   H    sing N N 307 
VAL N   H2   sing N N 308 
VAL CA  C    sing N N 309 
VAL CA  CB   sing N N 310 
VAL CA  HA   sing N N 311 
VAL C   O    doub N N 312 
VAL C   OXT  sing N N 313 
VAL CB  CG1  sing N N 314 
VAL CB  CG2  sing N N 315 
VAL CB  HB   sing N N 316 
VAL CG1 HG11 sing N N 317 
VAL CG1 HG12 sing N N 318 
VAL CG1 HG13 sing N N 319 
VAL CG2 HG21 sing N N 320 
VAL CG2 HG22 sing N N 321 
VAL CG2 HG23 sing N N 322 
VAL OXT HXT  sing N N 323 
# 
loop_
_pdbx_audit_support.funding_organization 
_pdbx_audit_support.country 
_pdbx_audit_support.grant_number 
_pdbx_audit_support.ordinal 
'National Institutes of Health/National Institute of General Medical Sciences (NIH/NIGMS)' 'United States' T32GM007750 1 
'National Institutes of Health/National Institute of General Medical Sciences (NIH/NIGMS)' 'United States' R01GM100893 2 
# 
_pdbx_entity_nonpoly.entity_id   2 
_pdbx_entity_nonpoly.name        water 
_pdbx_entity_nonpoly.comp_id     HOH 
# 
_pdbx_initial_refinement_model.id               1 
_pdbx_initial_refinement_model.entity_id_list   ? 
_pdbx_initial_refinement_model.type             'experimental model' 
_pdbx_initial_refinement_model.source_name      PDB 
_pdbx_initial_refinement_model.accession_code   4WYT 
_pdbx_initial_refinement_model.details          ? 
# 
_pdbx_struct_assembly_auth_evidence.id                     1 
_pdbx_struct_assembly_auth_evidence.assembly_id            1 
_pdbx_struct_assembly_auth_evidence.experimental_support   'gel filtration' 
_pdbx_struct_assembly_auth_evidence.details                ? 
# 
